data_5NMS
#
_entry.id   5NMS
#
loop_
_entity.id
_entity.type
_entity.pdbx_description
1 polymer '25.3 kDa heat shock protein, chloroplastic'
2 polymer '25.3 kDa heat shock protein, chloroplastic'
#
loop_
_entity_poly.entity_id
_entity_poly.type
_entity_poly.pdbx_seq_one_letter_code
_entity_poly.pdbx_strand_id
1 'polypeptide(L)'
;LLDPLSPMRTMRQMLDTMDRMFEDTMPVSGRNRGGSGVSEIRAPWDIKEEEHEIKMRFDMPGLSKEDVKISVEDNVLVIK
GEQKKEDSDDSWSGRSVSSYGTRLQLPDNCEKDKIKAELKNGVLFITIPKTKVERKVIDVQIQ
;
A,C,D,G,I,J
2 'polypeptide(L)'
;RAPWDIKEEEHEIKMRFDMPGLSKEDVKISVEDNVLVIKGEQKKEDSDDSWSGRSVSSYGTRLQLPDNCEKDKIKAELKN
GVLFITIPKTKVERKVIDVQIQ
;
B,E,F,H,K,L
#
# COMPACT_ATOMS: atom_id res chain seq x y z
N LEU A 1 15.97 -27.17 8.65
CA LEU A 1 15.63 -28.29 9.54
C LEU A 1 14.67 -27.67 10.54
N LEU A 2 13.43 -28.17 10.58
CA LEU A 2 12.60 -27.73 11.67
C LEU A 2 13.30 -28.14 12.95
N ASP A 3 13.38 -27.21 13.88
CA ASP A 3 13.88 -27.46 15.22
C ASP A 3 12.88 -26.77 16.16
N PRO A 4 12.19 -27.53 17.04
CA PRO A 4 11.19 -26.94 17.91
C PRO A 4 11.87 -26.08 18.97
N LEU A 5 13.14 -26.32 19.31
CA LEU A 5 13.90 -25.49 20.24
C LEU A 5 14.21 -24.12 19.66
N SER A 6 14.26 -24.02 18.33
CA SER A 6 14.83 -22.85 17.68
C SER A 6 14.09 -21.58 18.11
N PRO A 7 14.86 -20.55 18.46
CA PRO A 7 14.35 -19.24 18.78
C PRO A 7 13.38 -18.66 17.70
N MET A 8 13.47 -19.01 16.40
CA MET A 8 12.63 -18.32 15.39
C MET A 8 11.11 -18.49 15.52
N ARG A 9 10.66 -19.63 16.05
CA ARG A 9 9.21 -19.86 16.17
C ARG A 9 8.67 -19.23 17.41
N THR A 10 7.38 -18.94 17.37
CA THR A 10 6.71 -18.49 18.57
C THR A 10 6.28 -19.73 19.30
N MET A 11 6.75 -19.74 20.50
CA MET A 11 6.08 -20.37 21.58
C MET A 11 6.12 -19.30 22.65
N ARG A 12 5.70 -19.65 23.83
CA ARG A 12 6.24 -18.94 24.97
C ARG A 12 7.71 -19.38 24.99
N GLN A 13 8.61 -18.47 24.68
CA GLN A 13 10.04 -18.66 24.80
C GLN A 13 10.72 -17.30 24.92
N MET A 14 12.05 -17.28 24.76
CA MET A 14 12.92 -16.16 25.14
C MET A 14 12.89 -15.22 23.98
N LEU A 15 13.04 -15.86 22.81
CA LEU A 15 13.11 -15.17 21.59
C LEU A 15 11.89 -14.28 21.51
N ASP A 16 10.71 -14.89 21.69
CA ASP A 16 9.42 -14.28 21.45
C ASP A 16 9.35 -13.71 20.03
N THR A 17 8.69 -14.39 19.08
CA THR A 17 8.79 -13.96 17.66
C THR A 17 8.42 -12.52 17.47
N MET A 18 7.42 -12.04 18.21
CA MET A 18 6.86 -10.71 18.07
C MET A 18 7.87 -9.59 18.24
N ASP A 19 9.00 -9.91 18.89
CA ASP A 19 10.11 -9.00 19.09
C ASP A 19 10.77 -8.59 17.76
N ARG A 20 12.05 -8.21 17.87
CA ARG A 20 12.90 -7.81 16.75
C ARG A 20 12.74 -8.70 15.53
N MET A 21 12.68 -10.03 15.64
CA MET A 21 12.63 -10.81 14.40
C MET A 21 11.35 -10.62 13.59
N PHE A 22 10.18 -10.63 14.23
CA PHE A 22 8.93 -10.50 13.50
C PHE A 22 8.71 -9.04 13.09
N GLU A 23 8.98 -8.10 14.00
CA GLU A 23 8.83 -6.67 13.69
C GLU A 23 9.78 -6.24 12.56
N ASP A 24 11.02 -6.76 12.53
CA ASP A 24 12.06 -6.36 11.54
C ASP A 24 11.61 -6.75 10.13
N THR A 25 11.27 -8.03 9.95
CA THR A 25 10.84 -8.55 8.65
C THR A 25 9.42 -9.09 8.71
N MET A 26 8.45 -8.22 9.03
CA MET A 26 7.04 -8.59 8.96
C MET A 26 6.63 -8.95 7.51
N PRO A 27 6.97 -8.15 6.48
CA PRO A 27 6.92 -8.63 5.10
C PRO A 27 7.95 -9.72 4.83
N VAL A 28 7.52 -10.72 4.06
CA VAL A 28 8.40 -11.76 3.48
C VAL A 28 9.06 -11.28 2.18
N SER A 29 9.78 -10.16 2.25
CA SER A 29 10.55 -9.65 1.12
C SER A 29 11.91 -10.33 1.08
N GLY A 30 12.17 -11.15 0.06
CA GLY A 30 13.43 -11.88 -0.06
C GLY A 30 13.22 -13.33 -0.48
N ARG A 31 13.96 -14.24 0.17
CA ARG A 31 13.89 -15.67 -0.13
C ARG A 31 12.45 -16.21 0.03
N ASN A 32 12.10 -17.15 -0.84
CA ASN A 32 10.83 -17.87 -0.75
C ASN A 32 10.75 -18.78 0.47
N ARG A 33 9.52 -19.08 0.88
CA ARG A 33 9.29 -19.96 2.02
C ARG A 33 9.69 -21.43 1.78
N GLY A 34 9.46 -21.93 0.56
CA GLY A 34 9.30 -23.37 0.31
C GLY A 34 7.96 -23.91 0.82
N GLY A 35 7.08 -23.00 1.28
CA GLY A 35 5.72 -23.29 1.75
C GLY A 35 4.81 -23.93 0.68
N SER A 36 5.13 -23.71 -0.60
CA SER A 36 4.53 -24.39 -1.74
C SER A 36 4.87 -25.89 -1.77
N GLY A 37 6.16 -26.20 -1.67
CA GLY A 37 6.66 -27.59 -1.65
C GLY A 37 6.28 -28.36 -0.39
N VAL A 38 6.29 -27.72 0.79
CA VAL A 38 5.81 -28.39 2.02
C VAL A 38 4.28 -28.53 2.09
N SER A 39 3.52 -27.74 1.30
CA SER A 39 2.07 -27.94 1.21
C SER A 39 1.76 -29.30 0.61
N GLU A 40 2.70 -29.87 -0.15
CA GLU A 40 2.56 -31.21 -0.69
C GLU A 40 2.25 -32.17 0.45
N ILE A 41 3.11 -32.11 1.48
CA ILE A 41 2.92 -32.93 2.66
C ILE A 41 3.02 -32.11 3.92
N ARG A 42 1.84 -31.85 4.46
CA ARG A 42 1.73 -31.41 5.84
C ARG A 42 2.03 -32.59 6.74
N ALA A 43 2.90 -32.34 7.71
CA ALA A 43 3.30 -33.30 8.71
C ALA A 43 3.36 -32.66 10.09
N PRO A 44 2.72 -33.27 11.09
CA PRO A 44 2.94 -32.93 12.50
C PRO A 44 4.12 -33.68 13.06
N TRP A 45 4.31 -33.45 14.36
CA TRP A 45 5.19 -34.19 15.21
C TRP A 45 4.58 -34.17 16.62
N ASP A 46 4.34 -35.35 17.18
CA ASP A 46 4.13 -35.50 18.63
C ASP A 46 5.27 -36.32 19.23
N ILE A 47 5.58 -35.94 20.46
CA ILE A 47 6.54 -36.60 21.33
C ILE A 47 5.70 -37.31 22.40
N LYS A 48 5.78 -38.63 22.43
CA LYS A 48 5.32 -39.39 23.59
C LYS A 48 6.52 -39.63 24.52
N GLU A 49 6.24 -39.99 25.77
CA GLU A 49 7.22 -40.26 26.79
C GLU A 49 8.14 -41.42 26.44
N GLU A 50 7.56 -42.51 25.93
CA GLU A 50 8.28 -43.69 25.49
C GLU A 50 9.15 -43.37 24.30
N GLU A 51 8.60 -42.58 23.38
CA GLU A 51 9.28 -42.30 22.15
C GLU A 51 8.94 -40.90 21.57
N HIS A 52 9.88 -40.33 20.82
CA HIS A 52 9.52 -39.62 19.59
C HIS A 52 9.24 -40.69 18.53
N GLU A 53 8.59 -41.81 18.90
CA GLU A 53 7.83 -42.75 18.05
C GLU A 53 6.99 -41.82 17.28
N ILE A 54 7.65 -41.31 16.23
CA ILE A 54 7.51 -39.93 15.92
C ILE A 54 6.12 -40.07 15.55
N LYS A 55 5.42 -39.27 16.27
CA LYS A 55 4.12 -39.11 15.89
C LYS A 55 4.25 -38.08 14.76
N MET A 56 4.94 -38.44 13.69
CA MET A 56 5.13 -37.66 12.49
C MET A 56 4.39 -38.47 11.48
N ARG A 57 3.19 -37.98 11.26
CA ARG A 57 2.49 -38.38 10.09
C ARG A 57 2.81 -37.43 9.00
N PHE A 58 2.69 -37.90 7.79
CA PHE A 58 2.64 -37.05 6.65
C PHE A 58 1.46 -37.53 5.78
N ASP A 59 0.69 -36.61 5.22
CA ASP A 59 -0.33 -36.92 4.23
C ASP A 59 0.20 -37.02 2.81
N MET A 60 0.57 -38.21 2.35
CA MET A 60 0.79 -38.42 0.92
C MET A 60 -0.23 -39.36 0.30
N PRO A 61 -1.42 -38.83 -0.04
CA PRO A 61 -2.43 -39.61 -0.71
C PRO A 61 -1.91 -40.05 -2.09
N GLY A 62 -2.08 -41.34 -2.39
CA GLY A 62 -1.82 -41.89 -3.72
C GLY A 62 -0.34 -42.14 -4.00
N LEU A 63 0.49 -41.97 -2.98
CA LEU A 63 1.91 -42.16 -3.06
C LEU A 63 2.28 -43.62 -2.91
N SER A 64 3.31 -44.02 -3.65
CA SER A 64 3.94 -45.31 -3.47
C SER A 64 5.27 -45.19 -2.73
N LYS A 65 5.60 -46.21 -1.97
CA LYS A 65 6.82 -46.34 -1.16
C LYS A 65 8.11 -46.19 -1.97
N GLU A 66 8.09 -46.46 -3.28
CA GLU A 66 9.21 -46.13 -4.17
C GLU A 66 9.47 -44.62 -4.28
N ASP A 67 8.39 -43.84 -4.32
CA ASP A 67 8.39 -42.39 -4.48
C ASP A 67 8.79 -41.64 -3.20
N VAL A 68 8.47 -42.18 -2.01
CA VAL A 68 8.90 -41.58 -0.74
C VAL A 68 10.18 -42.21 -0.25
N LYS A 69 10.93 -41.44 0.54
CA LYS A 69 12.08 -41.92 1.26
C LYS A 69 12.07 -41.30 2.65
N ILE A 70 12.40 -42.15 3.61
CA ILE A 70 12.79 -41.75 4.94
C ILE A 70 14.26 -42.04 5.10
N SER A 71 15.01 -40.99 5.39
CA SER A 71 16.42 -41.10 5.67
C SER A 71 16.73 -40.42 6.99
N VAL A 72 17.86 -40.81 7.58
CA VAL A 72 18.48 -40.05 8.65
C VAL A 72 19.87 -39.63 8.14
N GLU A 73 20.16 -38.34 8.13
CA GLU A 73 21.49 -37.80 7.83
C GLU A 73 21.87 -36.80 8.93
N ASP A 74 23.12 -36.81 9.38
CA ASP A 74 23.56 -36.03 10.55
C ASP A 74 22.77 -36.39 11.84
N ASN A 75 22.21 -37.61 11.88
CA ASN A 75 21.23 -38.09 12.86
C ASN A 75 19.88 -37.32 12.90
N VAL A 76 19.62 -36.49 11.89
CA VAL A 76 18.39 -35.73 11.66
C VAL A 76 17.46 -36.50 10.73
N LEU A 77 16.16 -36.47 11.02
CA LEU A 77 15.17 -37.04 10.12
C LEU A 77 15.05 -36.26 8.81
N VAL A 78 14.84 -37.00 7.72
CA VAL A 78 14.51 -36.50 6.39
C VAL A 78 13.33 -37.25 5.84
N ILE A 79 12.37 -36.47 5.35
CA ILE A 79 11.24 -36.93 4.55
C ILE A 79 11.36 -36.28 3.19
N LYS A 80 11.18 -37.05 2.13
CA LYS A 80 11.22 -36.53 0.77
C LYS A 80 10.52 -37.50 -0.15
N GLY A 81 10.09 -36.98 -1.26
CA GLY A 81 9.48 -37.76 -2.31
C GLY A 81 8.72 -36.85 -3.24
N GLU A 82 8.02 -37.47 -4.16
CA GLU A 82 7.13 -36.81 -5.09
C GLU A 82 6.24 -37.85 -5.72
N GLN A 83 4.93 -37.58 -5.81
CA GLN A 83 4.03 -38.47 -6.55
C GLN A 83 4.58 -38.63 -7.96
N LYS A 84 4.36 -39.82 -8.53
CA LYS A 84 4.69 -40.03 -9.93
C LYS A 84 4.04 -38.96 -10.81
N LYS A 85 4.69 -38.73 -11.95
CA LYS A 85 4.12 -38.00 -13.07
C LYS A 85 2.81 -38.65 -13.53
N GLU A 86 2.12 -37.93 -14.40
CA GLU A 86 0.94 -38.38 -15.13
C GLU A 86 1.30 -39.40 -16.25
N ASP A 87 0.61 -40.54 -16.28
CA ASP A 87 0.51 -41.45 -17.44
C ASP A 87 -0.35 -40.84 -18.58
N SER A 88 -0.49 -41.47 -19.75
CA SER A 88 -1.26 -40.84 -20.87
C SER A 88 -2.74 -40.62 -20.54
N ASP A 89 -3.37 -41.64 -19.96
CA ASP A 89 -4.75 -41.65 -19.51
C ASP A 89 -4.83 -41.76 -17.98
N ASP A 90 -3.84 -41.20 -17.27
CA ASP A 90 -3.87 -41.25 -15.84
C ASP A 90 -5.17 -40.67 -15.35
N SER A 91 -5.83 -41.40 -14.44
CA SER A 91 -6.81 -40.69 -13.64
C SER A 91 -5.91 -39.91 -12.75
N TRP A 92 -5.94 -38.57 -12.83
CA TRP A 92 -5.21 -37.77 -11.87
C TRP A 92 -5.48 -38.40 -10.56
N SER A 93 -6.79 -38.43 -10.25
CA SER A 93 -7.13 -38.41 -8.87
C SER A 93 -6.04 -37.47 -8.24
N GLY A 94 -5.94 -36.19 -8.68
CA GLY A 94 -5.47 -35.08 -7.83
C GLY A 94 -5.17 -33.73 -8.40
N ARG A 95 -4.83 -32.89 -7.42
CA ARG A 95 -4.14 -31.65 -7.70
C ARG A 95 -2.67 -31.99 -7.77
N SER A 96 -1.90 -31.03 -8.24
CA SER A 96 -0.48 -31.18 -8.45
C SER A 96 0.22 -31.47 -7.13
N VAL A 97 0.78 -32.66 -7.07
CA VAL A 97 1.74 -33.13 -6.09
C VAL A 97 3.11 -33.04 -6.76
N SER A 98 4.15 -32.62 -6.05
CA SER A 98 5.51 -32.67 -6.57
C SER A 98 6.56 -32.50 -5.49
N SER A 99 7.81 -32.83 -5.84
CA SER A 99 9.07 -32.41 -5.22
C SER A 99 8.92 -31.72 -3.88
N TYR A 100 9.17 -32.48 -2.82
CA TYR A 100 9.40 -31.89 -1.53
C TYR A 100 10.40 -32.68 -0.71
N GLY A 101 11.05 -31.96 0.19
CA GLY A 101 11.94 -32.50 1.20
C GLY A 101 11.80 -31.69 2.47
N THR A 102 11.53 -32.36 3.58
CA THR A 102 11.44 -31.77 4.92
C THR A 102 12.37 -32.51 5.85
N ARG A 103 12.92 -31.74 6.79
CA ARG A 103 13.90 -32.26 7.75
C ARG A 103 13.50 -31.78 9.13
N LEU A 104 13.57 -32.65 10.12
CA LEU A 104 13.28 -32.33 11.52
C LEU A 104 14.48 -32.73 12.37
N GLN A 105 15.00 -31.77 13.14
CA GLN A 105 16.05 -32.04 14.10
C GLN A 105 15.45 -32.77 15.29
N LEU A 106 15.90 -34.00 15.49
CA LEU A 106 15.59 -34.74 16.69
C LEU A 106 16.37 -34.15 17.87
N PRO A 107 15.79 -34.15 19.07
CA PRO A 107 16.48 -33.76 20.29
C PRO A 107 17.68 -34.65 20.66
N ASP A 108 17.67 -35.93 20.26
CA ASP A 108 18.80 -36.85 20.44
C ASP A 108 19.11 -37.59 19.13
N ASN A 109 20.34 -38.07 18.98
CA ASN A 109 20.70 -38.97 17.88
C ASN A 109 19.82 -40.24 17.96
N CYS A 110 19.19 -40.60 16.84
CA CYS A 110 18.38 -41.81 16.81
C CYS A 110 19.21 -43.04 16.46
N GLU A 111 18.86 -44.18 17.05
CA GLU A 111 19.26 -45.47 16.50
C GLU A 111 18.49 -45.75 15.20
N LYS A 112 19.19 -45.72 14.06
CA LYS A 112 18.56 -45.94 12.73
C LYS A 112 17.84 -47.29 12.61
N ASP A 113 18.30 -48.34 13.29
CA ASP A 113 17.62 -49.64 13.29
C ASP A 113 16.26 -49.59 14.02
N LYS A 114 16.18 -48.77 15.08
CA LYS A 114 14.97 -48.65 15.90
C LYS A 114 13.85 -47.89 15.22
N ILE A 115 14.15 -47.00 14.28
CA ILE A 115 13.10 -46.23 13.62
C ILE A 115 12.26 -47.15 12.70
N LYS A 116 10.92 -47.11 12.78
CA LYS A 116 10.04 -47.82 11.81
C LYS A 116 9.33 -46.77 10.97
N ALA A 117 9.18 -47.00 9.68
CA ALA A 117 8.28 -46.19 8.89
C ALA A 117 7.25 -47.11 8.24
N GLU A 118 5.99 -46.70 8.27
CA GLU A 118 4.93 -47.37 7.53
C GLU A 118 4.18 -46.38 6.66
N LEU A 119 3.73 -46.84 5.49
CA LEU A 119 2.78 -46.10 4.67
C LEU A 119 1.48 -46.90 4.59
N LYS A 120 0.37 -46.32 5.02
CA LYS A 120 -0.98 -46.88 4.84
C LYS A 120 -2.01 -45.78 4.71
N ASN A 121 -3.06 -46.01 3.90
CA ASN A 121 -4.17 -45.07 3.73
C ASN A 121 -3.76 -43.67 3.23
N GLY A 122 -2.64 -43.59 2.50
CA GLY A 122 -2.06 -42.31 2.07
C GLY A 122 -1.27 -41.59 3.17
N VAL A 123 -0.96 -42.27 4.27
CA VAL A 123 -0.32 -41.67 5.43
C VAL A 123 0.97 -42.37 5.74
N LEU A 124 2.08 -41.63 5.68
CA LEU A 124 3.26 -42.15 6.32
C LEU A 124 3.13 -41.92 7.80
N PHE A 125 3.59 -42.89 8.57
CA PHE A 125 4.03 -42.74 9.95
C PHE A 125 5.52 -43.04 10.06
N ILE A 126 6.26 -42.32 10.89
CA ILE A 126 7.64 -42.66 11.23
C ILE A 126 7.82 -42.76 12.75
N THR A 127 8.27 -43.87 13.31
CA THR A 127 8.48 -44.01 14.77
C THR A 127 9.94 -43.81 15.17
N ILE A 128 10.35 -42.83 15.99
CA ILE A 128 11.69 -42.79 16.62
C ILE A 128 11.68 -43.12 18.12
N PRO A 129 12.12 -44.33 18.44
CA PRO A 129 12.43 -44.65 19.81
C PRO A 129 13.55 -43.82 20.43
N LYS A 130 13.27 -43.27 21.63
CA LYS A 130 14.22 -42.51 22.46
C LYS A 130 14.59 -43.29 23.71
N THR A 131 15.68 -42.83 24.30
CA THR A 131 16.23 -43.40 25.52
C THR A 131 15.37 -43.02 26.72
N LYS A 132 15.43 -43.88 27.74
CA LYS A 132 14.68 -43.69 28.97
C LYS A 132 15.46 -42.69 29.80
N VAL A 133 14.73 -41.73 30.34
CA VAL A 133 15.25 -40.69 31.22
C VAL A 133 14.21 -40.49 32.29
N GLU A 134 14.65 -40.12 33.50
CA GLU A 134 13.73 -39.64 34.54
C GLU A 134 12.99 -38.38 34.10
N ARG A 135 13.59 -37.66 33.12
CA ARG A 135 13.38 -36.24 32.86
C ARG A 135 13.82 -35.45 34.10
N LYS A 136 14.28 -34.25 33.82
CA LYS A 136 14.69 -33.35 34.88
C LYS A 136 13.43 -33.03 35.64
N VAL A 137 13.39 -33.51 36.87
CA VAL A 137 12.26 -33.22 37.73
C VAL A 137 12.16 -31.72 37.91
N ILE A 138 10.91 -31.27 37.92
CA ILE A 138 10.58 -29.88 38.06
C ILE A 138 10.32 -29.58 39.53
N ASP A 139 11.16 -28.75 40.14
CA ASP A 139 10.94 -28.28 41.50
C ASP A 139 9.83 -27.24 41.54
N VAL A 140 9.09 -27.20 42.64
CA VAL A 140 7.99 -26.26 42.85
C VAL A 140 8.43 -25.19 43.84
N GLN A 141 7.97 -23.95 43.63
CA GLN A 141 8.12 -22.85 44.57
C GLN A 141 6.77 -22.57 45.27
N ILE A 142 6.79 -22.01 46.49
CA ILE A 142 5.59 -21.53 47.20
C ILE A 142 5.49 -19.98 47.28
N GLN A 143 4.27 -19.38 47.23
CA GLN A 143 3.98 -17.91 47.42
C GLN A 143 3.92 -17.36 48.86
N ARG B 1 -11.01 -29.41 -0.39
CA ARG B 1 -10.54 -28.80 -1.65
C ARG B 1 -11.03 -29.67 -2.77
N ALA B 2 -11.41 -29.08 -3.89
CA ALA B 2 -12.01 -29.87 -4.94
C ALA B 2 -11.67 -29.29 -6.34
N PRO B 3 -10.90 -30.00 -7.22
CA PRO B 3 -10.66 -29.60 -8.62
C PRO B 3 -11.77 -30.00 -9.58
N TRP B 4 -12.03 -29.13 -10.55
CA TRP B 4 -12.86 -29.39 -11.71
C TRP B 4 -12.01 -29.77 -12.90
N ASP B 5 -12.26 -30.94 -13.45
CA ASP B 5 -11.60 -31.42 -14.65
C ASP B 5 -12.62 -31.78 -15.72
N ILE B 6 -12.12 -31.86 -16.95
CA ILE B 6 -12.83 -32.32 -18.14
C ILE B 6 -12.06 -33.51 -18.71
N LYS B 7 -12.77 -34.60 -19.02
CA LYS B 7 -12.36 -35.60 -19.99
C LYS B 7 -13.26 -35.56 -21.23
N GLU B 8 -12.85 -36.20 -22.30
CA GLU B 8 -13.74 -36.43 -23.43
C GLU B 8 -15.01 -37.18 -23.05
N GLU B 9 -14.88 -38.29 -22.30
CA GLU B 9 -16.04 -39.09 -21.91
C GLU B 9 -16.92 -38.31 -20.96
N GLU B 10 -16.27 -37.56 -20.07
CA GLU B 10 -16.98 -37.06 -18.94
C GLU B 10 -16.30 -35.94 -18.18
N HIS B 11 -17.17 -35.13 -17.60
CA HIS B 11 -16.82 -34.12 -16.65
C HIS B 11 -17.96 -34.15 -15.68
N GLU B 12 -18.96 -33.46 -16.17
CA GLU B 12 -19.48 -32.38 -15.37
C GLU B 12 -18.48 -31.87 -14.31
N ILE B 13 -18.61 -32.47 -13.15
CA ILE B 13 -17.62 -32.64 -12.15
C ILE B 13 -16.90 -33.93 -12.42
N LYS B 14 -15.85 -33.85 -13.24
CA LYS B 14 -14.75 -34.78 -13.07
C LYS B 14 -13.98 -34.31 -11.86
N MET B 15 -14.58 -34.48 -10.69
CA MET B 15 -14.10 -33.84 -9.49
C MET B 15 -13.25 -34.78 -8.70
N ARG B 16 -12.29 -34.19 -8.01
CA ARG B 16 -11.87 -34.75 -6.73
C ARG B 16 -12.36 -34.02 -5.53
N PHE B 17 -12.12 -34.68 -4.42
CA PHE B 17 -11.98 -34.04 -3.13
C PHE B 17 -10.74 -34.56 -2.44
N ASP B 18 -10.10 -33.68 -1.67
CA ASP B 18 -9.18 -34.08 -0.61
C ASP B 18 -10.00 -34.32 0.69
N MET B 19 -10.36 -35.60 0.91
CA MET B 19 -11.09 -36.23 2.03
C MET B 19 -10.23 -36.96 3.10
N PRO B 20 -8.93 -36.65 3.33
CA PRO B 20 -8.07 -37.52 4.15
C PRO B 20 -8.63 -37.72 5.58
N GLY B 21 -8.57 -38.97 6.05
CA GLY B 21 -9.15 -39.39 7.32
C GLY B 21 -10.66 -39.66 7.27
N LEU B 22 -11.28 -39.66 6.08
CA LEU B 22 -12.65 -40.10 5.93
C LEU B 22 -12.80 -41.54 5.50
N SER B 23 -13.73 -42.17 6.20
CA SER B 23 -14.38 -43.38 5.78
C SER B 23 -15.49 -43.10 4.73
N LYS B 24 -15.66 -43.98 3.72
CA LYS B 24 -16.71 -44.00 2.69
C LYS B 24 -18.10 -44.01 3.39
N GLU B 25 -18.28 -44.60 4.59
CA GLU B 25 -19.53 -44.45 5.40
C GLU B 25 -19.86 -42.97 5.68
N ASP B 26 -18.82 -42.23 6.06
CA ASP B 26 -18.95 -40.84 6.48
C ASP B 26 -19.25 -39.92 5.28
N VAL B 27 -19.03 -40.39 4.04
CA VAL B 27 -19.24 -39.63 2.82
C VAL B 27 -20.58 -39.99 2.18
N LYS B 28 -21.20 -38.98 1.62
CA LYS B 28 -22.35 -39.08 0.75
C LYS B 28 -22.08 -38.33 -0.55
N ILE B 29 -22.30 -39.03 -1.65
CA ILE B 29 -22.48 -38.43 -2.96
C ILE B 29 -23.95 -38.48 -3.33
N SER B 30 -24.41 -37.42 -3.95
CA SER B 30 -25.79 -37.33 -4.38
C SER B 30 -25.97 -36.33 -5.45
N VAL B 31 -27.07 -36.42 -6.17
CA VAL B 31 -27.53 -35.33 -7.01
C VAL B 31 -28.80 -34.83 -6.35
N GLU B 32 -28.95 -33.63 -5.81
CA GLU B 32 -30.25 -33.09 -5.33
C GLU B 32 -30.58 -31.80 -6.10
N ASP B 33 -31.85 -31.56 -6.45
CA ASP B 33 -32.18 -30.43 -7.37
C ASP B 33 -31.44 -30.50 -8.72
N ASN B 34 -31.09 -31.72 -9.15
CA ASN B 34 -30.16 -32.03 -10.25
C ASN B 34 -28.73 -31.49 -10.14
N VAL B 35 -28.33 -31.00 -8.98
CA VAL B 35 -26.99 -30.54 -8.62
C VAL B 35 -26.26 -31.66 -7.91
N LEU B 36 -24.98 -31.89 -8.23
CA LEU B 36 -24.16 -32.81 -7.43
C LEU B 36 -24.02 -32.24 -6.04
N VAL B 37 -23.99 -33.12 -5.07
CA VAL B 37 -23.69 -32.87 -3.69
C VAL B 37 -22.67 -33.88 -3.19
N ILE B 38 -21.59 -33.42 -2.58
CA ILE B 38 -20.70 -34.27 -1.77
C ILE B 38 -20.70 -33.75 -0.36
N LYS B 39 -21.07 -34.57 0.59
CA LYS B 39 -21.05 -34.15 1.99
C LYS B 39 -20.50 -35.28 2.82
N GLY B 40 -20.23 -34.94 4.06
CA GLY B 40 -19.87 -35.88 5.08
C GLY B 40 -19.37 -35.15 6.29
N GLU B 41 -18.84 -35.92 7.22
CA GLU B 41 -18.23 -35.43 8.45
C GLU B 41 -16.90 -36.11 8.66
N GLN B 42 -15.92 -35.37 9.16
CA GLN B 42 -14.72 -36.01 9.70
C GLN B 42 -14.96 -36.48 11.13
N LYS B 43 -14.46 -37.68 11.45
CA LYS B 43 -14.47 -38.26 12.78
C LYS B 43 -13.08 -38.13 13.42
N LYS B 44 -12.84 -38.89 14.49
CA LYS B 44 -11.54 -39.07 15.14
C LYS B 44 -10.96 -40.41 14.71
N GLU B 45 -9.67 -40.60 14.98
CA GLU B 45 -8.90 -41.83 14.75
C GLU B 45 -8.01 -42.12 15.96
N ASP B 46 -7.07 -43.04 15.79
CA ASP B 46 -6.04 -43.40 16.75
C ASP B 46 -5.28 -42.17 17.24
N SER B 47 -4.99 -42.15 18.54
CA SER B 47 -4.13 -41.12 19.15
C SER B 47 -2.66 -41.29 18.75
N ASP B 48 -2.29 -42.50 18.31
CA ASP B 48 -1.02 -42.77 17.62
C ASP B 48 -0.93 -41.95 16.31
N ASP B 49 -2.06 -41.52 15.72
CA ASP B 49 -2.08 -40.84 14.44
C ASP B 49 -2.14 -39.29 14.41
N SER B 50 -1.44 -38.67 13.44
CA SER B 50 -1.04 -37.24 13.41
C SER B 50 -1.71 -36.68 12.22
N TRP B 51 -2.05 -35.41 12.33
CA TRP B 51 -2.45 -34.64 11.18
C TRP B 51 -2.11 -33.18 11.30
N SER B 52 -1.42 -32.66 10.27
CA SER B 52 -1.14 -31.23 10.18
C SER B 52 -1.96 -30.75 9.02
N GLY B 53 -2.61 -29.63 9.21
CA GLY B 53 -3.58 -29.18 8.24
C GLY B 53 -4.79 -28.65 8.95
N ARG B 54 -5.89 -28.59 8.20
CA ARG B 54 -7.16 -28.16 8.76
C ARG B 54 -7.70 -29.18 9.76
N SER B 55 -8.60 -28.67 10.60
CA SER B 55 -9.30 -29.47 11.59
C SER B 55 -10.44 -30.27 10.96
N VAL B 56 -11.21 -30.91 11.84
CA VAL B 56 -12.38 -31.73 11.59
C VAL B 56 -13.64 -30.88 11.66
N SER B 57 -14.60 -31.17 10.80
CA SER B 57 -16.00 -30.75 10.91
C SER B 57 -16.84 -31.51 9.89
N SER B 58 -18.14 -31.20 9.79
CA SER B 58 -18.87 -31.47 8.56
C SER B 58 -18.40 -30.60 7.41
N TYR B 59 -18.75 -31.05 6.23
CA TYR B 59 -18.29 -30.49 4.99
C TYR B 59 -19.40 -30.80 3.95
N GLY B 60 -19.65 -29.96 2.93
CA GLY B 60 -20.75 -30.27 2.01
C GLY B 60 -20.96 -29.47 0.69
N THR B 61 -20.51 -30.01 -0.47
CA THR B 61 -20.18 -29.37 -1.80
C THR B 61 -21.24 -29.55 -2.81
N ARG B 62 -21.49 -28.53 -3.62
CA ARG B 62 -22.65 -28.44 -4.50
C ARG B 62 -22.31 -27.98 -5.91
N LEU B 63 -22.55 -28.80 -6.91
CA LEU B 63 -22.03 -28.54 -8.23
C LEU B 63 -23.11 -28.55 -9.28
N GLN B 64 -23.10 -27.53 -10.13
CA GLN B 64 -24.11 -27.46 -11.16
C GLN B 64 -23.79 -28.38 -12.32
N LEU B 65 -24.57 -29.46 -12.38
CA LEU B 65 -24.54 -30.36 -13.52
C LEU B 65 -25.11 -29.70 -14.77
N PRO B 66 -24.61 -30.04 -15.98
CA PRO B 66 -25.33 -29.78 -17.21
C PRO B 66 -26.71 -30.42 -17.11
N ASP B 67 -27.70 -29.78 -17.70
CA ASP B 67 -29.07 -30.29 -17.63
C ASP B 67 -29.21 -31.68 -18.30
N ASN B 68 -28.40 -31.86 -19.36
CA ASN B 68 -28.17 -33.08 -20.12
C ASN B 68 -26.88 -33.80 -19.70
N CYS B 69 -26.74 -34.08 -18.41
CA CYS B 69 -25.74 -34.99 -17.90
C CYS B 69 -26.39 -36.33 -17.58
N GLU B 70 -25.62 -37.40 -17.63
CA GLU B 70 -26.11 -38.67 -17.16
C GLU B 70 -26.02 -38.74 -15.62
N LYS B 71 -27.07 -38.24 -14.95
CA LYS B 71 -27.22 -38.35 -13.50
C LYS B 71 -27.17 -39.81 -13.04
N ASP B 72 -27.75 -40.71 -13.84
CA ASP B 72 -27.87 -42.15 -13.55
C ASP B 72 -26.48 -42.83 -13.51
N LYS B 73 -25.59 -42.43 -14.43
CA LYS B 73 -24.26 -43.05 -14.61
C LYS B 73 -23.17 -42.41 -13.77
N ILE B 74 -23.48 -41.39 -12.96
CA ILE B 74 -22.53 -40.90 -11.98
C ILE B 74 -21.90 -42.06 -11.22
N LYS B 75 -20.58 -42.01 -11.06
CA LYS B 75 -19.84 -42.91 -10.20
C LYS B 75 -18.99 -42.11 -9.24
N ALA B 76 -18.73 -42.68 -8.07
CA ALA B 76 -17.79 -42.13 -7.11
C ALA B 76 -16.90 -43.23 -6.55
N GLU B 77 -15.61 -42.93 -6.52
CA GLU B 77 -14.60 -43.80 -5.93
C GLU B 77 -13.88 -43.03 -4.82
N LEU B 78 -13.52 -43.71 -3.73
CA LEU B 78 -12.64 -43.16 -2.71
C LEU B 78 -11.42 -44.07 -2.55
N LYS B 79 -10.23 -43.50 -2.72
CA LYS B 79 -8.96 -44.17 -2.40
C LYS B 79 -7.97 -43.20 -1.78
N ASN B 80 -7.22 -43.64 -0.78
CA ASN B 80 -6.12 -42.87 -0.17
C ASN B 80 -6.46 -41.40 0.12
N GLY B 81 -7.59 -41.12 0.78
CA GLY B 81 -7.94 -39.77 1.20
C GLY B 81 -8.48 -38.88 0.10
N VAL B 82 -8.74 -39.42 -1.09
CA VAL B 82 -9.45 -38.67 -2.11
C VAL B 82 -10.72 -39.35 -2.54
N LEU B 83 -11.69 -38.50 -2.83
CA LEU B 83 -12.84 -38.92 -3.59
C LEU B 83 -12.65 -38.49 -5.03
N PHE B 84 -13.13 -39.31 -5.96
CA PHE B 84 -13.26 -38.97 -7.35
C PHE B 84 -14.70 -39.22 -7.76
N ILE B 85 -15.35 -38.20 -8.30
CA ILE B 85 -16.66 -38.29 -8.91
C ILE B 85 -16.46 -38.14 -10.42
N THR B 86 -17.21 -38.95 -11.13
CA THR B 86 -17.27 -38.93 -12.59
C THR B 86 -18.72 -38.70 -13.03
N ILE B 87 -19.05 -37.64 -13.78
CA ILE B 87 -20.35 -37.54 -14.48
C ILE B 87 -20.18 -37.69 -15.99
N PRO B 88 -20.66 -38.80 -16.52
CA PRO B 88 -20.72 -39.03 -17.95
C PRO B 88 -21.48 -37.94 -18.70
N LYS B 89 -20.84 -37.44 -19.77
CA LYS B 89 -21.51 -36.53 -20.69
C LYS B 89 -22.49 -37.32 -21.55
N THR B 90 -23.51 -36.61 -22.02
CA THR B 90 -24.47 -37.19 -22.97
C THR B 90 -23.82 -37.62 -24.29
N LYS B 91 -22.80 -36.88 -24.71
CA LYS B 91 -21.94 -37.18 -25.85
C LYS B 91 -20.51 -37.00 -25.39
N VAL B 92 -19.67 -38.02 -25.61
CA VAL B 92 -18.22 -37.85 -25.53
C VAL B 92 -17.79 -36.86 -26.59
N GLU B 93 -17.22 -35.74 -26.15
CA GLU B 93 -16.59 -34.78 -27.02
C GLU B 93 -15.34 -34.28 -26.28
N ARG B 94 -14.18 -34.76 -26.71
CA ARG B 94 -12.92 -34.19 -26.22
C ARG B 94 -12.89 -32.74 -26.67
N LYS B 95 -12.41 -31.84 -25.80
CA LYS B 95 -11.82 -30.58 -26.29
C LYS B 95 -10.71 -30.94 -27.25
N VAL B 96 -10.74 -30.47 -28.49
CA VAL B 96 -9.57 -30.66 -29.33
C VAL B 96 -8.48 -29.71 -28.88
N ILE B 97 -7.26 -30.22 -28.83
CA ILE B 97 -6.08 -29.40 -28.62
C ILE B 97 -5.10 -29.68 -29.75
N ASP B 98 -4.81 -28.66 -30.56
CA ASP B 98 -3.78 -28.76 -31.59
C ASP B 98 -2.47 -28.25 -31.02
N VAL B 99 -1.73 -29.18 -30.40
CA VAL B 99 -0.36 -28.93 -29.96
C VAL B 99 0.58 -29.69 -30.88
N GLN B 100 1.70 -29.06 -31.22
CA GLN B 100 2.76 -29.72 -31.98
C GLN B 100 3.37 -30.86 -31.16
N ILE B 101 2.93 -32.08 -31.45
CA ILE B 101 3.48 -33.32 -30.95
C ILE B 101 3.48 -34.30 -32.14
N GLN B 102 4.55 -35.06 -32.24
CA GLN B 102 4.64 -36.22 -33.15
C GLN B 102 4.01 -37.45 -32.49
N LEU C 1 -28.65 -11.27 -10.97
CA LEU C 1 -29.67 -12.15 -10.38
C LEU C 1 -28.88 -13.01 -9.41
N LEU C 2 -29.20 -12.93 -8.12
CA LEU C 2 -28.60 -13.92 -7.24
C LEU C 2 -29.04 -15.28 -7.74
N ASP C 3 -28.08 -16.18 -7.86
CA ASP C 3 -28.34 -17.55 -8.17
C ASP C 3 -27.47 -18.37 -7.19
N PRO C 4 -28.08 -19.19 -6.31
CA PRO C 4 -27.34 -19.93 -5.31
C PRO C 4 -26.52 -21.02 -6.00
N LEU C 5 -26.91 -21.50 -7.18
CA LEU C 5 -26.16 -22.49 -7.94
C LEU C 5 -24.87 -21.90 -8.50
N SER C 6 -24.84 -20.58 -8.70
CA SER C 6 -23.79 -19.97 -9.50
C SER C 6 -22.42 -20.28 -8.90
N PRO C 7 -21.48 -20.67 -9.78
CA PRO C 7 -20.09 -20.88 -9.42
C PRO C 7 -19.45 -19.69 -8.66
N MET C 8 -19.86 -18.42 -8.84
CA MET C 8 -19.12 -17.30 -8.22
C MET C 8 -19.07 -17.28 -6.69
N ARG C 9 -20.11 -17.78 -6.02
CA ARG C 9 -20.14 -17.74 -4.56
C ARG C 9 -19.37 -18.91 -3.98
N THR C 10 -18.92 -18.71 -2.75
CA THR C 10 -18.32 -19.81 -2.02
C THR C 10 -19.45 -20.52 -1.35
N MET C 11 -19.47 -21.78 -1.70
CA MET C 11 -19.96 -22.78 -0.83
C MET C 11 -18.84 -23.82 -0.91
N ARG C 12 -19.08 -24.97 -0.31
CA ARG C 12 -18.39 -26.13 -0.84
C ARG C 12 -19.03 -26.32 -2.22
N GLN C 13 -18.26 -26.09 -3.26
CA GLN C 13 -18.63 -26.37 -4.64
C GLN C 13 -17.37 -26.55 -5.48
N MET C 14 -17.54 -26.53 -6.80
CA MET C 14 -16.54 -26.96 -7.79
C MET C 14 -15.66 -25.79 -8.01
N LEU C 15 -16.37 -24.67 -8.17
CA LEU C 15 -15.77 -23.44 -8.49
C LEU C 15 -14.72 -23.19 -7.41
N ASP C 16 -15.16 -23.24 -6.15
CA ASP C 16 -14.39 -22.83 -4.99
C ASP C 16 -13.89 -21.39 -5.16
N THR C 17 -14.51 -20.40 -4.51
CA THR C 17 -14.16 -18.99 -4.82
C THR C 17 -12.70 -18.71 -4.69
N MET C 18 -12.06 -19.33 -3.68
CA MET C 18 -10.66 -19.07 -3.33
C MET C 18 -9.69 -19.33 -4.48
N ASP C 19 -10.13 -20.10 -5.48
CA ASP C 19 -9.38 -20.40 -6.68
C ASP C 19 -9.13 -19.14 -7.52
N ARG C 20 -8.92 -19.36 -8.82
CA ARG C 20 -8.69 -18.34 -9.84
C ARG C 20 -9.60 -17.15 -9.67
N MET C 21 -10.90 -17.28 -9.42
CA MET C 21 -11.74 -16.07 -9.40
C MET C 21 -11.40 -15.12 -8.25
N PHE C 22 -11.22 -15.63 -7.03
CA PHE C 22 -10.95 -14.75 -5.89
C PHE C 22 -9.51 -14.28 -5.92
N GLU C 23 -8.56 -15.19 -6.22
CA GLU C 23 -7.16 -14.81 -6.31
C GLU C 23 -6.91 -13.78 -7.43
N ASP C 24 -7.60 -13.90 -8.59
CA ASP C 24 -7.39 -13.03 -9.76
C ASP C 24 -7.78 -11.59 -9.42
N THR C 25 -9.00 -11.41 -8.91
CA THR C 25 -9.52 -10.09 -8.56
C THR C 25 -9.86 -10.01 -7.08
N MET C 26 -8.85 -10.20 -6.22
CA MET C 26 -9.03 -9.98 -4.77
C MET C 26 -9.40 -8.52 -4.47
N PRO C 27 -8.70 -7.50 -5.03
CA PRO C 27 -9.22 -6.14 -5.06
C PRO C 27 -10.47 -6.03 -5.94
N VAL C 28 -11.43 -5.23 -5.46
CA VAL C 28 -12.61 -4.79 -6.25
C VAL C 28 -12.28 -3.56 -7.09
N SER C 29 -11.28 -3.68 -7.95
CA SER C 29 -10.92 -2.62 -8.91
C SER C 29 -11.79 -2.75 -10.15
N GLY C 30 -12.68 -1.79 -10.40
CA GLY C 30 -13.58 -1.83 -11.55
C GLY C 30 -15.01 -1.45 -11.19
N ARG C 31 -15.99 -2.21 -11.70
CA ARG C 31 -17.41 -1.93 -11.46
C ARG C 31 -17.73 -1.96 -9.97
N ASN C 32 -18.65 -1.09 -9.57
CA ASN C 32 -19.18 -1.05 -8.21
C ASN C 32 -20.02 -2.29 -7.88
N ARG C 33 -20.14 -2.56 -6.57
CA ARG C 33 -20.92 -3.71 -6.10
C ARG C 33 -22.42 -3.56 -6.32
N GLY C 34 -22.96 -2.34 -6.15
CA GLY C 34 -24.37 -2.11 -5.82
C GLY C 34 -24.70 -2.49 -4.37
N GLY C 35 -23.67 -2.82 -3.57
CA GLY C 35 -23.73 -3.14 -2.15
C GLY C 35 -24.29 -2.01 -1.28
N SER C 36 -24.18 -0.76 -1.76
CA SER C 36 -24.82 0.42 -1.19
C SER C 36 -26.34 0.36 -1.31
N GLY C 37 -26.83 0.10 -2.53
CA GLY C 37 -28.28 -0.01 -2.82
C GLY C 37 -28.93 -1.25 -2.21
N VAL C 38 -28.25 -2.40 -2.19
CA VAL C 38 -28.78 -3.59 -1.49
C VAL C 38 -28.71 -3.49 0.05
N SER C 39 -27.86 -2.61 0.60
CA SER C 39 -27.86 -2.35 2.04
C SER C 39 -29.18 -1.77 2.48
N GLU C 40 -29.92 -1.13 1.55
CA GLU C 40 -31.25 -0.63 1.83
C GLU C 40 -32.09 -1.76 2.39
N ILE C 41 -32.11 -2.88 1.65
CA ILE C 41 -32.84 -4.05 2.08
C ILE C 41 -31.98 -5.29 1.99
N ARG C 42 -31.54 -5.69 3.17
CA ARG C 42 -31.03 -7.03 3.36
C ARG C 42 -32.19 -8.00 3.33
N ALA C 43 -32.01 -9.05 2.53
CA ALA C 43 -32.98 -10.10 2.38
C ALA C 43 -32.29 -11.48 2.40
N PRO C 44 -32.77 -12.42 3.20
CA PRO C 44 -32.41 -13.82 3.09
C PRO C 44 -33.25 -14.54 2.07
N TRP C 45 -32.99 -15.84 2.01
CA TRP C 45 -33.80 -16.82 1.34
C TRP C 45 -33.64 -18.14 2.08
N ASP C 46 -34.74 -18.72 2.55
CA ASP C 46 -34.79 -20.13 2.93
C ASP C 46 -35.73 -20.89 1.99
N ILE C 47 -35.33 -22.13 1.75
CA ILE C 47 -36.09 -23.12 1.00
C ILE C 47 -36.62 -24.11 2.03
N LYS C 48 -37.93 -24.20 2.15
CA LYS C 48 -38.57 -25.32 2.83
C LYS C 48 -38.93 -26.38 1.78
N GLU C 49 -39.18 -27.60 2.25
CA GLU C 49 -39.54 -28.73 1.42
C GLU C 49 -40.83 -28.53 0.64
N GLU C 50 -41.85 -27.99 1.32
CA GLU C 50 -43.15 -27.67 0.72
C GLU C 50 -43.00 -26.56 -0.30
N GLU C 51 -42.18 -25.57 0.02
CA GLU C 51 -42.05 -24.41 -0.81
C GLU C 51 -40.66 -23.76 -0.72
N HIS C 52 -40.26 -23.10 -1.82
CA HIS C 52 -39.56 -21.81 -1.70
C HIS C 52 -40.63 -20.77 -1.37
N GLU C 53 -41.64 -21.10 -0.54
CA GLU C 53 -42.49 -20.20 0.25
C GLU C 53 -41.49 -19.32 0.88
N ILE C 54 -41.13 -18.32 0.03
CA ILE C 54 -39.76 -17.95 -0.04
C ILE C 54 -39.73 -17.43 1.30
N LYS C 55 -38.81 -18.05 1.96
CA LYS C 55 -38.49 -17.52 3.17
C LYS C 55 -37.54 -16.38 2.78
N MET C 56 -38.04 -15.41 2.02
CA MET C 56 -37.36 -14.21 1.60
C MET C 56 -38.12 -13.15 2.33
N ARG C 57 -37.48 -12.76 3.40
CA ARG C 57 -37.82 -11.54 4.06
C ARG C 57 -36.97 -10.47 3.49
N PHE C 58 -37.49 -9.28 3.56
CA PHE C 58 -36.68 -8.11 3.36
C PHE C 58 -37.04 -7.14 4.48
N ASP C 59 -36.05 -6.46 5.06
CA ASP C 59 -36.26 -5.37 6.01
C ASP C 59 -36.50 -4.04 5.35
N MET C 60 -37.76 -3.65 5.10
CA MET C 60 -38.06 -2.26 4.76
C MET C 60 -38.88 -1.56 5.83
N PRO C 61 -38.20 -1.08 6.90
CA PRO C 61 -38.87 -0.32 7.93
C PRO C 61 -39.45 0.97 7.34
N GLY C 62 -40.71 1.25 7.65
CA GLY C 62 -41.36 2.53 7.33
C GLY C 62 -41.82 2.63 5.88
N LEU C 63 -41.72 1.53 5.16
CA LEU C 63 -42.10 1.45 3.77
C LEU C 63 -43.59 1.20 3.63
N SER C 64 -44.16 1.81 2.60
CA SER C 64 -45.52 1.52 2.17
C SER C 64 -45.55 0.64 0.92
N LYS C 65 -46.57 -0.19 0.83
CA LYS C 65 -46.82 -1.13 -0.27
C LYS C 65 -46.89 -0.46 -1.65
N GLU C 66 -47.22 0.83 -1.72
CA GLU C 66 -47.10 1.61 -2.96
C GLU C 66 -45.64 1.73 -3.45
N ASP C 67 -44.72 1.92 -2.50
CA ASP C 67 -43.29 2.13 -2.73
C ASP C 67 -42.55 0.84 -3.09
N VAL C 68 -42.98 -0.33 -2.57
CA VAL C 68 -42.39 -1.62 -2.95
C VAL C 68 -43.16 -2.27 -4.07
N LYS C 69 -42.46 -3.10 -4.82
CA LYS C 69 -43.06 -3.97 -5.82
C LYS C 69 -42.38 -5.32 -5.75
N ILE C 70 -43.22 -6.35 -5.85
CA ILE C 70 -42.82 -7.70 -6.15
C ILE C 70 -43.29 -8.04 -7.54
N SER C 71 -42.34 -8.36 -8.39
CA SER C 71 -42.64 -8.81 -9.75
C SER C 71 -41.94 -10.13 -10.00
N VAL C 72 -42.45 -10.85 -10.99
CA VAL C 72 -41.74 -11.96 -11.61
C VAL C 72 -41.54 -11.58 -13.08
N GLU C 73 -40.30 -11.57 -13.55
CA GLU C 73 -39.96 -11.40 -14.98
C GLU C 73 -38.99 -12.50 -15.36
N ASP C 74 -39.14 -13.10 -16.56
CA ASP C 74 -38.37 -14.28 -16.96
C ASP C 74 -38.56 -15.48 -16.02
N ASN C 75 -39.69 -15.50 -15.28
CA ASN C 75 -39.98 -16.39 -14.14
C ASN C 75 -39.03 -16.25 -12.92
N VAL C 76 -38.23 -15.19 -12.89
CA VAL C 76 -37.30 -14.79 -11.80
C VAL C 76 -37.98 -13.79 -10.88
N LEU C 77 -37.76 -13.93 -9.58
CA LEU C 77 -38.24 -12.95 -8.62
C LEU C 77 -37.51 -11.61 -8.76
N VAL C 78 -38.26 -10.54 -8.55
CA VAL C 78 -37.79 -9.16 -8.43
C VAL C 78 -38.39 -8.50 -7.22
N ILE C 79 -37.52 -7.89 -6.44
CA ILE C 79 -37.84 -6.99 -5.35
C ILE C 79 -37.30 -5.62 -5.70
N LYS C 80 -38.08 -4.57 -5.54
CA LYS C 80 -37.64 -3.21 -5.79
C LYS C 80 -38.54 -2.25 -5.06
N GLY C 81 -38.02 -1.08 -4.82
CA GLY C 81 -38.76 0.00 -4.22
C GLY C 81 -37.80 1.04 -3.70
N GLU C 82 -38.36 2.01 -3.02
CA GLU C 82 -37.62 3.05 -2.34
C GLU C 82 -38.57 3.75 -1.38
N GLN C 83 -38.12 3.99 -0.15
CA GLN C 83 -38.91 4.79 0.79
C GLN C 83 -39.22 6.13 0.13
N LYS C 84 -40.38 6.68 0.45
CA LYS C 84 -40.71 8.03 0.01
C LYS C 84 -39.61 9.01 0.40
N LYS C 85 -39.52 10.07 -0.39
CA LYS C 85 -38.77 11.27 -0.05
C LYS C 85 -39.25 11.86 1.28
N GLU C 86 -38.49 12.82 1.78
CA GLU C 86 -38.81 13.67 2.93
C GLU C 86 -39.91 14.71 2.60
N ASP C 87 -40.96 14.77 3.43
CA ASP C 87 -41.89 15.90 3.53
C ASP C 87 -41.23 17.15 4.18
N SER C 88 -41.89 18.32 4.28
CA SER C 88 -41.22 19.53 4.83
C SER C 88 -40.76 19.37 6.29
N ASP C 89 -41.66 18.82 7.12
CA ASP C 89 -41.46 18.53 8.53
C ASP C 89 -41.48 17.03 8.78
N ASP C 90 -41.03 16.23 7.81
CA ASP C 90 -41.01 14.79 7.99
C ASP C 90 -40.22 14.45 9.24
N SER C 91 -40.81 13.58 10.06
CA SER C 91 -39.95 12.94 11.03
C SER C 91 -39.25 11.95 10.17
N TRP C 92 -37.92 12.11 9.99
CA TRP C 92 -37.16 11.13 9.22
C TRP C 92 -37.65 9.83 9.68
N SER C 93 -37.52 9.64 11.00
CA SER C 93 -37.48 8.32 11.52
C SER C 93 -36.69 7.55 10.39
N GLY C 94 -35.48 8.04 10.02
CA GLY C 94 -34.41 7.23 9.43
C GLY C 94 -33.11 7.81 8.97
N ARG C 95 -32.27 6.84 8.65
CA ARG C 95 -31.13 7.09 7.78
C ARG C 95 -31.66 6.99 6.36
N SER C 96 -30.82 7.38 5.42
CA SER C 96 -31.17 7.42 4.02
C SER C 96 -31.49 6.01 3.52
N VAL C 97 -32.75 5.86 3.12
CA VAL C 97 -33.28 4.76 2.34
C VAL C 97 -33.42 5.28 0.90
N SER C 98 -33.12 4.46 -0.10
CA SER C 98 -33.38 4.84 -1.49
C SER C 98 -33.30 3.65 -2.43
N SER C 99 -33.82 3.86 -3.66
CA SER C 99 -33.55 3.12 -4.89
C SER C 99 -32.78 1.82 -4.70
N TYR C 100 -33.52 0.71 -4.73
CA TYR C 100 -32.90 -0.57 -4.90
C TYR C 100 -33.79 -1.52 -5.69
N GLY C 101 -33.11 -2.47 -6.32
CA GLY C 101 -33.72 -3.59 -7.02
C GLY C 101 -32.84 -4.81 -6.87
N THR C 102 -33.42 -5.91 -6.38
CA THR C 102 -32.76 -7.20 -6.23
C THR C 102 -33.57 -8.25 -6.96
N ARG C 103 -32.85 -9.23 -7.51
CA ARG C 103 -33.44 -10.31 -8.29
C ARG C 103 -32.85 -11.61 -7.83
N LEU C 104 -33.67 -12.64 -7.67
CA LEU C 104 -33.26 -13.98 -7.28
C LEU C 104 -33.77 -14.98 -8.31
N GLN C 105 -32.86 -15.76 -8.88
CA GLN C 105 -33.22 -16.84 -9.77
C GLN C 105 -33.81 -17.98 -8.95
N LEU C 106 -35.08 -18.26 -9.21
CA LEU C 106 -35.71 -19.45 -8.67
C LEU C 106 -35.18 -20.69 -9.40
N PRO C 107 -35.04 -21.82 -8.70
CA PRO C 107 -34.69 -23.09 -9.31
C PRO C 107 -35.73 -23.63 -10.31
N ASP C 108 -37.01 -23.27 -10.17
CA ASP C 108 -38.06 -23.60 -11.13
C ASP C 108 -38.90 -22.36 -11.46
N ASN C 109 -39.55 -22.36 -12.62
CA ASN C 109 -40.54 -21.34 -12.95
C ASN C 109 -41.67 -21.35 -11.92
N CYS C 110 -42.00 -20.20 -11.36
CA CYS C 110 -43.08 -20.11 -10.39
C CYS C 110 -44.43 -19.89 -11.08
N GLU C 111 -45.49 -20.48 -10.51
CA GLU C 111 -46.84 -20.02 -10.78
C GLU C 111 -47.08 -18.65 -10.12
N LYS C 112 -47.20 -17.59 -10.93
CA LYS C 112 -47.39 -16.21 -10.42
C LYS C 112 -48.63 -16.05 -9.53
N ASP C 113 -49.69 -16.81 -9.77
CA ASP C 113 -50.89 -16.78 -8.91
C ASP C 113 -50.61 -17.35 -7.50
N LYS C 114 -49.75 -18.37 -7.42
CA LYS C 114 -49.42 -19.05 -6.16
C LYS C 114 -48.55 -18.22 -5.24
N ILE C 115 -47.74 -17.30 -5.76
CA ILE C 115 -46.87 -16.49 -4.90
C ILE C 115 -47.72 -15.52 -4.04
N LYS C 116 -47.49 -15.45 -2.73
CA LYS C 116 -48.11 -14.41 -1.85
C LYS C 116 -47.03 -13.47 -1.39
N ALA C 117 -47.30 -12.17 -1.35
CA ALA C 117 -46.40 -11.26 -0.66
C ALA C 117 -47.20 -10.54 0.41
N GLU C 118 -46.61 -10.41 1.60
CA GLU C 118 -47.18 -9.58 2.64
C GLU C 118 -46.13 -8.60 3.16
N LEU C 119 -46.58 -7.40 3.55
CA LEU C 119 -45.75 -6.46 4.30
C LEU C 119 -46.38 -6.24 5.68
N LYS C 120 -45.62 -6.54 6.74
CA LYS C 120 -46.01 -6.23 8.12
C LYS C 120 -44.78 -5.95 8.96
N ASN C 121 -44.90 -5.04 9.94
CA ASN C 121 -43.82 -4.72 10.89
C ASN C 121 -42.52 -4.22 10.23
N GLY C 122 -42.62 -3.62 9.04
CA GLY C 122 -41.47 -3.22 8.23
C GLY C 122 -40.81 -4.36 7.48
N VAL C 123 -41.47 -5.51 7.38
CA VAL C 123 -40.91 -6.72 6.79
C VAL C 123 -41.76 -7.21 5.66
N LEU C 124 -41.18 -7.23 4.46
CA LEU C 124 -41.83 -8.02 3.43
C LEU C 124 -41.52 -9.48 3.68
N PHE C 125 -42.50 -10.32 3.45
CA PHE C 125 -42.34 -11.72 3.14
C PHE C 125 -42.85 -12.00 1.73
N ILE C 126 -42.20 -12.89 0.98
CA ILE C 126 -42.71 -13.39 -0.30
C ILE C 126 -42.76 -14.93 -0.29
N THR C 127 -43.89 -15.59 -0.52
CA THR C 127 -43.99 -17.05 -0.55
C THR C 127 -43.97 -17.60 -1.98
N ILE C 128 -43.03 -18.44 -2.43
CA ILE C 128 -43.14 -19.20 -3.69
C ILE C 128 -43.39 -20.70 -3.46
N PRO C 129 -44.64 -21.11 -3.71
CA PRO C 129 -44.94 -22.52 -3.81
C PRO C 129 -44.23 -23.24 -4.97
N LYS C 130 -43.60 -24.37 -4.64
CA LYS C 130 -42.94 -25.28 -5.60
C LYS C 130 -43.69 -26.60 -5.73
N THR C 131 -43.36 -27.28 -6.81
CA THR C 131 -43.94 -28.57 -7.13
C THR C 131 -43.39 -29.66 -6.22
N LYS C 132 -44.21 -30.70 -6.04
CA LYS C 132 -43.86 -31.84 -5.20
C LYS C 132 -42.93 -32.72 -6.02
N VAL C 133 -41.86 -33.14 -5.39
CA VAL C 133 -40.86 -34.04 -5.96
C VAL C 133 -40.46 -34.98 -4.85
N GLU C 134 -40.10 -36.21 -5.21
CA GLU C 134 -39.45 -37.13 -4.26
C GLU C 134 -38.12 -36.57 -3.75
N ARG C 135 -37.54 -35.65 -4.55
CA ARG C 135 -36.11 -35.33 -4.57
C ARG C 135 -35.34 -36.56 -4.98
N LYS C 136 -34.23 -36.31 -5.64
CA LYS C 136 -33.35 -37.38 -6.07
C LYS C 136 -32.82 -37.98 -4.78
N VAL C 137 -33.22 -39.21 -4.55
CA VAL C 137 -32.75 -39.92 -3.38
C VAL C 137 -31.24 -40.05 -3.48
N ILE C 138 -30.62 -39.91 -2.32
CA ILE C 138 -29.20 -39.96 -2.17
C ILE C 138 -28.79 -41.39 -1.80
N ASP C 139 -28.06 -42.05 -2.68
CA ASP C 139 -27.50 -43.38 -2.39
C ASP C 139 -26.31 -43.26 -1.44
N VAL C 140 -26.12 -44.27 -0.60
CA VAL C 140 -25.03 -44.32 0.37
C VAL C 140 -23.98 -45.32 -0.11
N GLN C 141 -22.71 -45.01 0.14
CA GLN C 141 -21.60 -45.93 -0.06
C GLN C 141 -21.11 -46.47 1.30
N ILE C 142 -20.49 -47.66 1.33
CA ILE C 142 -19.82 -48.23 2.52
C ILE C 142 -18.27 -48.24 2.41
N GLN C 143 -17.50 -48.04 3.52
CA GLN C 143 -15.99 -48.15 3.62
C GLN C 143 -15.38 -49.55 3.74
N ARG D 1 -27.59 0.64 14.96
CA ARG D 1 -27.11 1.86 14.28
C ARG D 1 -27.96 2.99 14.77
N ALA D 2 -27.37 4.17 14.94
CA ALA D 2 -28.12 5.25 15.52
C ALA D 2 -27.66 6.64 14.97
N PRO D 3 -28.49 7.39 14.22
CA PRO D 3 -28.21 8.77 13.78
C PRO D 3 -28.50 9.84 14.83
N TRP D 4 -27.65 10.86 14.86
CA TRP D 4 -27.85 12.09 15.59
C TRP D 4 -28.39 13.16 14.66
N ASP D 5 -29.55 13.70 15.04
CA ASP D 5 -30.17 14.80 14.33
C ASP D 5 -30.43 15.97 15.26
N ILE D 6 -30.65 17.13 14.66
CA ILE D 6 -31.06 18.38 15.29
C ILE D 6 -32.37 18.83 14.65
N LYS D 7 -33.36 19.16 15.47
CA LYS D 7 -34.45 20.06 15.11
C LYS D 7 -34.35 21.38 15.86
N GLU D 8 -35.10 22.39 15.42
CA GLU D 8 -35.25 23.60 16.21
C GLU D 8 -35.80 23.34 17.62
N GLU D 9 -36.87 22.55 17.73
CA GLU D 9 -37.50 22.25 19.02
C GLU D 9 -36.55 21.44 19.86
N GLU D 10 -35.86 20.50 19.22
CA GLU D 10 -35.22 19.47 19.96
C GLU D 10 -34.16 18.69 19.23
N HIS D 11 -33.22 18.23 20.03
CA HIS D 11 -32.23 17.28 19.64
C HIS D 11 -32.05 16.45 20.87
N GLU D 12 -31.24 17.07 21.70
CA GLU D 12 -30.07 16.36 22.14
C GLU D 12 -29.65 15.22 21.19
N ILE D 13 -30.17 14.06 21.54
CA ILE D 13 -30.43 12.94 20.69
C ILE D 13 -31.81 13.09 20.13
N LYS D 14 -31.92 13.79 19.00
CA LYS D 14 -32.99 13.47 18.07
C LYS D 14 -32.57 12.20 17.36
N MET D 15 -32.61 11.10 18.11
CA MET D 15 -31.97 9.88 17.66
C MET D 15 -32.98 8.97 17.05
N ARG D 16 -32.49 8.21 16.08
CA ARG D 16 -33.04 6.87 15.86
C ARG D 16 -32.20 5.76 16.38
N PHE D 17 -32.84 4.60 16.35
CA PHE D 17 -32.17 3.33 16.27
C PHE D 17 -32.81 2.47 15.20
N ASP D 18 -32.00 1.67 14.53
CA ASP D 18 -32.48 0.50 13.79
C ASP D 18 -32.54 -0.70 14.77
N MET D 19 -33.72 -0.92 15.33
CA MET D 19 -34.21 -1.98 16.27
C MET D 19 -34.99 -3.17 15.63
N PRO D 20 -34.86 -3.52 14.33
CA PRO D 20 -35.80 -4.46 13.70
C PRO D 20 -35.85 -5.81 14.42
N GLY D 21 -37.06 -6.33 14.59
CA GLY D 21 -37.34 -7.55 15.35
C GLY D 21 -37.41 -7.34 16.88
N LEU D 22 -37.39 -6.09 17.36
CA LEU D 22 -37.64 -5.80 18.77
C LEU D 22 -39.07 -5.41 19.06
N SER D 23 -39.52 -6.01 20.15
CA SER D 23 -40.65 -5.56 20.92
C SER D 23 -40.27 -4.39 21.86
N LYS D 24 -41.17 -3.40 22.05
CA LYS D 24 -41.09 -2.26 22.97
C LYS D 24 -40.88 -2.80 24.41
N GLU D 25 -41.38 -4.00 24.81
CA GLU D 25 -41.01 -4.65 26.09
C GLU D 25 -39.50 -4.85 26.23
N ASP D 26 -38.88 -5.32 25.14
CA ASP D 26 -37.47 -5.67 25.12
C ASP D 26 -36.58 -4.42 25.16
N VAL D 27 -37.14 -3.24 24.87
CA VAL D 27 -36.41 -1.97 24.85
C VAL D 27 -36.62 -1.20 26.15
N LYS D 28 -35.55 -0.53 26.55
CA LYS D 28 -35.53 0.45 27.61
C LYS D 28 -34.89 1.73 27.10
N ILE D 29 -35.61 2.82 27.30
CA ILE D 29 -35.06 4.17 27.27
C ILE D 29 -34.92 4.70 28.67
N SER D 30 -33.83 5.40 28.91
CA SER D 30 -33.58 5.98 30.20
C SER D 30 -32.61 7.10 30.13
N VAL D 31 -32.59 7.95 31.14
CA VAL D 31 -31.48 8.86 31.37
C VAL D 31 -30.78 8.36 32.62
N GLU D 32 -29.54 7.88 32.64
CA GLU D 32 -28.81 7.56 33.89
C GLU D 32 -27.53 8.39 33.96
N ASP D 33 -27.13 8.91 35.13
CA ASP D 33 -26.02 9.89 35.21
C ASP D 33 -26.25 11.15 34.34
N ASN D 34 -27.53 11.49 34.13
CA ASN D 34 -28.01 12.48 33.14
C ASN D 34 -27.67 12.23 31.67
N VAL D 35 -27.18 11.04 31.33
CA VAL D 35 -26.89 10.56 29.98
C VAL D 35 -28.07 9.73 29.49
N LEU D 36 -28.49 9.89 28.25
CA LEU D 36 -29.46 8.99 27.64
C LEU D 36 -28.86 7.61 27.57
N VAL D 37 -29.69 6.61 27.78
CA VAL D 37 -29.41 5.22 27.59
C VAL D 37 -30.54 4.57 26.78
N ILE D 38 -30.21 3.85 25.71
CA ILE D 38 -31.13 2.93 25.03
C ILE D 38 -30.55 1.55 25.11
N LYS D 39 -31.25 0.61 25.70
CA LYS D 39 -30.78 -0.77 25.76
C LYS D 39 -31.93 -1.69 25.48
N GLY D 40 -31.57 -2.94 25.29
CA GLY D 40 -32.52 -4.02 25.18
C GLY D 40 -31.80 -5.26 24.71
N GLU D 41 -32.59 -6.27 24.40
CA GLU D 41 -32.12 -7.53 23.85
C GLU D 41 -32.97 -7.91 22.66
N GLN D 42 -32.35 -8.49 21.65
CA GLN D 42 -33.12 -9.18 20.61
C GLN D 42 -33.49 -10.60 21.06
N LYS D 43 -34.73 -11.00 20.78
CA LYS D 43 -35.25 -12.35 21.01
C LYS D 43 -35.27 -13.13 19.69
N LYS D 44 -36.01 -14.24 19.67
CA LYS D 44 -36.33 -15.03 18.49
C LYS D 44 -37.76 -14.72 18.06
N GLU D 45 -38.11 -15.14 16.84
CA GLU D 45 -39.45 -15.03 16.25
C GLU D 45 -39.79 -16.34 15.54
N ASP D 46 -40.84 -16.31 14.73
CA ASP D 46 -41.30 -17.38 13.86
C ASP D 46 -40.17 -17.93 12.99
N SER D 47 -40.13 -19.24 12.83
CA SER D 47 -39.19 -19.91 11.91
C SER D 47 -39.58 -19.68 10.44
N ASP D 48 -40.84 -19.33 10.20
CA ASP D 48 -41.32 -18.79 8.93
C ASP D 48 -40.58 -17.48 8.57
N ASP D 49 -40.05 -16.75 9.55
CA ASP D 49 -39.44 -15.44 9.35
C ASP D 49 -37.91 -15.36 9.15
N SER D 50 -37.46 -14.46 8.25
CA SER D 50 -36.06 -14.41 7.73
C SER D 50 -35.48 -13.14 8.19
N TRP D 51 -34.16 -13.18 8.36
CA TRP D 51 -33.39 -11.98 8.50
C TRP D 51 -31.99 -12.09 7.95
N SER D 52 -31.62 -11.13 7.09
CA SER D 52 -30.24 -11.01 6.62
C SER D 52 -29.72 -9.76 7.24
N GLY D 53 -28.51 -9.84 7.74
CA GLY D 53 -27.97 -8.75 8.52
C GLY D 53 -27.23 -9.30 9.72
N ARG D 54 -27.08 -8.44 10.71
CA ARG D 54 -26.45 -8.83 11.96
C ARG D 54 -27.32 -9.81 12.74
N SER D 55 -26.66 -10.53 13.64
CA SER D 55 -27.31 -11.46 14.54
C SER D 55 -27.99 -10.73 15.71
N VAL D 56 -28.46 -11.54 16.65
CA VAL D 56 -29.13 -11.19 17.90
C VAL D 56 -28.11 -11.09 19.03
N SER D 57 -28.30 -10.13 19.93
CA SER D 57 -27.68 -10.08 21.25
C SER D 57 -28.38 -8.99 22.08
N SER D 58 -27.88 -8.74 23.30
CA SER D 58 -28.12 -7.45 23.93
C SER D 58 -27.36 -6.33 23.22
N TYR D 59 -27.83 -5.12 23.50
CA TYR D 59 -27.39 -3.93 22.85
C TYR D 59 -27.61 -2.79 23.87
N GLY D 60 -26.78 -1.73 23.90
CA GLY D 60 -26.99 -0.69 24.93
C GLY D 60 -26.24 0.66 24.87
N THR D 61 -26.88 1.76 24.38
CA THR D 61 -26.35 3.04 23.83
C THR D 61 -26.43 4.18 24.79
N ARG D 62 -25.42 5.05 24.82
CA ARG D 62 -25.22 6.05 25.85
C ARG D 62 -24.87 7.42 25.31
N LEU D 63 -25.70 8.41 25.54
CA LEU D 63 -25.58 9.68 24.85
C LEU D 63 -25.50 10.84 25.82
N GLN D 64 -24.54 11.71 25.57
CA GLN D 64 -24.37 12.85 26.45
C GLN D 64 -25.37 13.94 26.13
N LEU D 65 -26.34 14.05 27.05
CA LEU D 65 -27.28 15.15 27.03
C LEU D 65 -26.61 16.48 27.37
N PRO D 66 -27.08 17.61 26.79
CA PRO D 66 -26.78 18.92 27.34
C PRO D 66 -27.22 18.96 28.79
N ASP D 67 -26.47 19.68 29.62
CA ASP D 67 -26.79 19.74 31.05
C ASP D 67 -28.18 20.38 31.31
N ASN D 68 -28.51 21.33 30.42
CA ASN D 68 -29.79 22.02 30.29
C ASN D 68 -30.66 21.44 29.16
N CYS D 69 -30.89 20.13 29.20
CA CYS D 69 -31.91 19.49 28.40
C CYS D 69 -33.13 19.20 29.27
N GLU D 70 -34.30 19.13 28.65
CA GLU D 70 -35.46 18.67 29.38
C GLU D 70 -35.47 17.14 29.46
N LYS D 71 -34.81 16.61 30.49
CA LYS D 71 -34.83 15.16 30.80
C LYS D 71 -36.25 14.67 31.01
N ASP D 72 -37.11 15.50 31.63
CA ASP D 72 -38.49 15.16 31.96
C ASP D 72 -39.35 14.96 30.71
N LYS D 73 -39.13 15.78 29.68
CA LYS D 73 -39.94 15.80 28.44
C LYS D 73 -39.41 14.86 27.36
N ILE D 74 -38.32 14.12 27.61
CA ILE D 74 -37.92 13.06 26.70
C ILE D 74 -39.12 12.19 26.33
N LYS D 75 -39.24 11.90 25.05
CA LYS D 75 -40.20 10.92 24.54
C LYS D 75 -39.47 9.90 23.68
N ALA D 76 -40.02 8.69 23.65
CA ALA D 76 -39.56 7.66 22.74
C ALA D 76 -40.74 6.97 22.07
N GLU D 77 -40.62 6.80 20.76
CA GLU D 77 -41.59 6.07 19.95
C GLU D 77 -40.87 4.92 19.25
N LEU D 78 -41.55 3.78 19.11
CA LEU D 78 -41.08 2.68 18.27
C LEU D 78 -42.13 2.37 17.22
N LYS D 79 -41.75 2.42 15.94
CA LYS D 79 -42.57 1.93 14.82
C LYS D 79 -41.72 1.24 13.78
N ASN D 80 -42.21 0.13 13.21
CA ASN D 80 -41.56 -0.56 12.08
C ASN D 80 -40.04 -0.76 12.24
N GLY D 81 -39.60 -1.29 13.38
CA GLY D 81 -38.19 -1.63 13.57
C GLY D 81 -37.30 -0.45 13.89
N VAL D 82 -37.84 0.73 14.11
CA VAL D 82 -37.05 1.86 14.58
C VAL D 82 -37.55 2.41 15.88
N LEU D 83 -36.61 2.85 16.67
CA LEU D 83 -36.88 3.72 17.78
C LEU D 83 -36.56 5.14 17.37
N PHE D 84 -37.35 6.08 17.86
CA PHE D 84 -37.06 7.50 17.81
C PHE D 84 -37.14 8.05 19.21
N ILE D 85 -36.06 8.69 19.64
CA ILE D 85 -36.00 9.45 20.88
C ILE D 85 -35.95 10.92 20.51
N THR D 86 -36.68 11.70 21.28
CA THR D 86 -36.71 13.15 21.19
C THR D 86 -36.31 13.75 22.53
N ILE D 87 -35.25 14.57 22.63
CA ILE D 87 -35.00 15.41 23.83
C ILE D 87 -35.25 16.88 23.52
N PRO D 88 -36.32 17.42 24.10
CA PRO D 88 -36.60 18.85 24.04
C PRO D 88 -35.46 19.72 24.55
N LYS D 89 -35.11 20.72 23.74
CA LYS D 89 -34.16 21.74 24.16
C LYS D 89 -34.83 22.67 25.16
N THR D 90 -34.01 23.28 26.01
CA THR D 90 -34.50 24.31 26.93
C THR D 90 -35.08 25.54 26.23
N LYS D 91 -34.51 25.87 25.05
CA LYS D 91 -34.98 26.89 24.14
C LYS D 91 -34.97 26.28 22.75
N VAL D 92 -36.11 26.37 22.05
CA VAL D 92 -36.14 26.13 20.60
C VAL D 92 -35.26 27.18 19.94
N GLU D 93 -34.22 26.71 19.26
CA GLU D 93 -33.39 27.53 18.40
C GLU D 93 -33.04 26.68 17.18
N ARG D 94 -33.69 26.96 16.06
CA ARG D 94 -33.28 26.35 14.80
C ARG D 94 -31.87 26.84 14.51
N LYS D 95 -31.00 25.95 14.00
CA LYS D 95 -29.85 26.42 13.21
C LYS D 95 -30.42 27.24 12.05
N VAL D 96 -30.01 28.49 11.89
CA VAL D 96 -30.39 29.19 10.67
C VAL D 96 -29.58 28.65 9.51
N ILE D 97 -30.25 28.45 8.38
CA ILE D 97 -29.59 28.12 7.13
C ILE D 97 -30.06 29.14 6.08
N ASP D 98 -29.13 29.94 5.57
CA ASP D 98 -29.43 30.85 4.47
C ASP D 98 -29.07 30.16 3.16
N VAL D 99 -30.05 29.43 2.63
CA VAL D 99 -29.98 28.84 1.29
C VAL D 99 -30.90 29.62 0.38
N GLN D 100 -30.45 29.86 -0.85
CA GLN D 100 -31.28 30.49 -1.87
C GLN D 100 -32.46 29.56 -2.24
N ILE D 101 -33.61 29.86 -1.65
CA ILE D 101 -34.90 29.26 -1.97
C ILE D 101 -35.92 30.40 -1.95
N GLN D 102 -36.84 30.37 -2.91
CA GLN D 102 -38.02 31.22 -2.92
C GLN D 102 -39.14 30.60 -2.07
N LEU E 1 -7.71 13.68 28.62
CA LEU E 1 -8.42 13.18 29.83
C LEU E 1 -9.33 12.11 29.28
N LEU E 2 -9.14 10.87 29.71
CA LEU E 2 -10.16 9.90 29.35
C LEU E 2 -11.47 10.41 29.93
N ASP E 3 -12.49 10.38 29.10
CA ASP E 3 -13.84 10.67 29.51
C ASP E 3 -14.73 9.58 28.88
N PRO E 4 -15.40 8.74 29.69
CA PRO E 4 -16.19 7.65 29.17
C PRO E 4 -17.41 8.20 28.45
N LEU E 5 -17.90 9.41 28.78
CA LEU E 5 -19.02 10.04 28.10
C LEU E 5 -18.63 10.47 26.68
N SER E 6 -17.34 10.71 26.44
CA SER E 6 -16.93 11.41 25.24
C SER E 6 -17.38 10.66 23.99
N PRO E 7 -17.95 11.41 23.04
CA PRO E 7 -18.34 10.89 21.74
C PRO E 7 -17.20 10.10 21.01
N MET E 8 -15.90 10.37 21.23
CA MET E 8 -14.86 9.70 20.39
C MET E 8 -14.77 8.18 20.50
N ARG E 9 -15.10 7.62 21.67
CA ARG E 9 -14.99 6.17 21.85
C ARG E 9 -16.21 5.48 21.32
N THR E 10 -16.02 4.21 20.97
CA THR E 10 -17.16 3.38 20.62
C THR E 10 -17.68 2.82 21.90
N MET E 11 -18.93 3.12 22.07
CA MET E 11 -19.82 2.28 22.77
C MET E 11 -21.00 2.21 21.82
N ARG E 12 -22.08 1.60 22.28
CA ARG E 12 -23.35 2.01 21.72
C ARG E 12 -23.52 3.45 22.22
N GLN E 13 -23.44 4.40 21.32
CA GLN E 13 -23.74 5.80 21.58
C GLN E 13 -24.11 6.49 20.27
N MET E 14 -24.15 7.83 20.31
CA MET E 14 -24.75 8.69 19.28
C MET E 14 -23.72 8.83 18.23
N LEU E 15 -22.53 9.12 18.75
CA LEU E 15 -21.40 9.40 17.95
C LEU E 15 -21.25 8.23 16.99
N ASP E 16 -21.19 7.02 17.57
CA ASP E 16 -20.83 5.79 16.87
C ASP E 16 -19.49 5.96 16.15
N THR E 17 -18.39 5.41 16.70
CA THR E 17 -17.05 5.73 16.12
C THR E 17 -16.98 5.44 14.65
N MET E 18 -17.63 4.35 14.21
CA MET E 18 -17.56 3.85 12.84
C MET E 18 -17.99 4.88 11.80
N ASP E 19 -18.74 5.90 12.23
CA ASP E 19 -19.20 6.99 11.42
C ASP E 19 -18.02 7.84 10.90
N ARG E 20 -18.33 9.10 10.58
CA ARG E 20 -17.40 10.11 10.11
C ARG E 20 -16.09 10.10 10.86
N MET E 21 -16.03 9.99 12.18
CA MET E 21 -14.72 10.10 12.83
C MET E 21 -13.77 8.95 12.49
N PHE E 22 -14.23 7.69 12.51
CA PHE E 22 -13.36 6.57 12.24
C PHE E 22 -13.09 6.45 10.75
N GLU E 23 -14.13 6.62 9.92
CA GLU E 23 -13.95 6.56 8.47
C GLU E 23 -13.03 7.68 7.96
N ASP E 24 -13.10 8.90 8.54
CA ASP E 24 -12.32 10.06 8.09
C ASP E 24 -10.83 9.82 8.30
N THR E 25 -10.46 9.46 9.53
CA THR E 25 -9.07 9.21 9.90
C THR E 25 -8.86 7.78 10.37
N MET E 26 -9.15 6.81 9.49
CA MET E 26 -8.84 5.40 9.79
C MET E 26 -7.33 5.19 9.98
N PRO E 27 -6.45 5.70 9.09
CA PRO E 27 -5.02 5.82 9.41
C PRO E 27 -4.79 6.85 10.52
N VAL E 28 -3.85 6.51 11.42
CA VAL E 28 -3.29 7.42 12.42
C VAL E 28 -2.15 8.27 11.84
N SER E 29 -2.44 9.01 10.77
CA SER E 29 -1.50 9.95 10.18
C SER E 29 -1.58 11.28 10.92
N GLY E 30 -0.51 11.66 11.63
CA GLY E 30 -0.47 12.90 12.40
C GLY E 30 0.12 12.70 13.80
N ARG E 31 -0.52 13.31 14.80
CA ARG E 31 -0.05 13.24 16.19
C ARG E 31 0.04 11.79 16.67
N ASN E 32 1.06 11.52 17.50
CA ASN E 32 1.23 10.23 18.16
C ASN E 32 0.13 9.95 19.19
N ARG E 33 -0.06 8.67 19.48
CA ARG E 33 -1.07 8.24 20.46
C ARG E 33 -0.72 8.63 21.90
N GLY E 34 0.56 8.56 22.27
CA GLY E 34 1.00 8.39 23.67
C GLY E 34 0.75 6.98 24.19
N GLY E 35 0.31 6.06 23.30
CA GLY E 35 0.07 4.64 23.56
C GLY E 35 1.31 3.88 24.05
N SER E 36 2.50 4.39 23.72
CA SER E 36 3.79 3.92 24.23
C SER E 36 3.93 4.22 25.73
N GLY E 37 3.69 5.47 26.13
CA GLY E 37 3.76 5.92 27.52
C GLY E 37 2.66 5.34 28.40
N VAL E 38 1.42 5.20 27.90
CA VAL E 38 0.34 4.53 28.67
C VAL E 38 0.51 3.01 28.74
N SER E 39 1.30 2.39 27.84
CA SER E 39 1.62 0.96 27.96
C SER E 39 2.40 0.69 29.22
N GLU E 40 3.08 1.72 29.75
CA GLU E 40 3.78 1.61 31.03
C GLU E 40 2.81 1.12 32.08
N ILE E 41 1.67 1.81 32.18
CA ILE E 41 0.62 1.43 33.11
C ILE E 41 -0.73 1.38 32.43
N ARG E 42 -1.12 0.14 32.17
CA ARG E 42 -2.51 -0.14 31.88
C ARG E 42 -3.32 -0.02 33.16
N ALA E 43 -4.41 0.73 33.05
CA ALA E 43 -5.34 0.94 34.13
C ALA E 43 -6.78 0.81 33.64
N PRO E 44 -7.61 0.02 34.33
CA PRO E 44 -9.06 0.06 34.15
C PRO E 44 -9.71 1.12 35.02
N TRP E 45 -11.02 1.13 34.93
CA TRP E 45 -11.91 1.86 35.79
C TRP E 45 -13.20 1.06 35.90
N ASP E 46 -13.60 0.70 37.10
CA ASP E 46 -14.97 0.28 37.40
C ASP E 46 -15.63 1.30 38.34
N ILE E 47 -16.93 1.45 38.09
CA ILE E 47 -17.85 2.24 38.89
C ILE E 47 -18.70 1.25 39.66
N LYS E 48 -18.59 1.27 40.99
CA LYS E 48 -19.59 0.63 41.84
C LYS E 48 -20.64 1.69 42.24
N GLU E 49 -21.79 1.21 42.72
CA GLU E 49 -22.90 2.03 43.14
C GLU E 49 -22.55 2.96 44.30
N GLU E 50 -21.85 2.41 45.29
CA GLU E 50 -21.38 3.16 46.46
C GLU E 50 -20.37 4.18 46.05
N GLU E 51 -19.48 3.81 45.15
CA GLU E 51 -18.39 4.66 44.77
C GLU E 51 -17.93 4.44 43.30
N HIS E 52 -17.38 5.51 42.70
CA HIS E 52 -16.20 5.34 41.84
C HIS E 52 -15.00 5.18 42.78
N GLU E 53 -15.15 4.46 43.90
CA GLU E 53 -14.11 3.79 44.72
C GLU E 53 -13.35 3.09 43.67
N ILE E 54 -12.45 3.92 43.08
CA ILE E 54 -12.28 3.85 41.67
C ILE E 54 -11.70 2.53 41.71
N LYS E 55 -12.41 1.76 40.96
CA LYS E 55 -11.87 0.54 40.70
C LYS E 55 -10.89 0.86 39.56
N MET E 56 -9.89 1.70 39.84
CA MET E 56 -8.83 2.07 38.95
C MET E 56 -7.64 1.46 39.61
N ARG E 57 -7.32 0.31 39.05
CA ARG E 57 -6.02 -0.22 39.28
C ARG E 57 -5.10 0.29 38.24
N PHE E 58 -3.84 0.31 38.58
CA PHE E 58 -2.80 0.45 37.60
C PHE E 58 -1.73 -0.60 37.94
N ASP E 59 -1.18 -1.26 36.93
CA ASP E 59 -0.02 -2.14 37.08
C ASP E 59 1.30 -1.41 37.06
N MET E 60 1.84 -1.02 38.21
CA MET E 60 3.24 -0.60 38.27
C MET E 60 4.10 -1.57 39.09
N PRO E 61 4.53 -2.67 38.47
CA PRO E 61 5.42 -3.59 39.13
C PRO E 61 6.75 -2.90 39.45
N GLY E 62 7.21 -3.06 40.69
CA GLY E 62 8.56 -2.63 41.12
C GLY E 62 8.65 -1.14 41.40
N LEU E 63 7.51 -0.47 41.38
CA LEU E 63 7.42 0.95 41.62
C LEU E 63 7.37 1.25 43.10
N SER E 64 8.00 2.35 43.47
CA SER E 64 7.89 2.93 44.81
C SER E 64 6.96 4.14 44.82
N LYS E 65 6.28 4.31 45.94
CA LYS E 65 5.33 5.41 46.21
C LYS E 65 5.94 6.80 46.04
N GLU E 66 7.25 6.95 46.16
CA GLU E 66 7.94 8.20 45.80
C GLU E 66 7.84 8.52 44.30
N ASP E 67 7.95 7.48 43.47
CA ASP E 67 7.95 7.55 42.01
C ASP E 67 6.55 7.79 41.43
N VAL E 68 5.48 7.29 42.07
CA VAL E 68 4.10 7.56 41.63
C VAL E 68 3.52 8.74 42.36
N LYS E 69 2.56 9.38 41.72
CA LYS E 69 1.74 10.41 42.32
C LYS E 69 0.31 10.22 41.86
N ILE E 70 -0.59 10.39 42.81
CA ILE E 70 -2.01 10.59 42.57
C ILE E 70 -2.33 12.01 42.94
N SER E 71 -2.84 12.75 41.97
CA SER E 71 -3.30 14.11 42.18
C SER E 71 -4.71 14.25 41.66
N VAL E 72 -5.40 15.26 42.16
CA VAL E 72 -6.62 15.76 41.54
C VAL E 72 -6.35 17.20 41.14
N GLU E 73 -6.53 17.53 39.87
CA GLU E 73 -6.49 18.92 39.36
C GLU E 73 -7.72 19.16 38.51
N ASP E 74 -8.34 20.34 38.63
CA ASP E 74 -9.64 20.63 38.00
C ASP E 74 -10.76 19.66 38.46
N ASN E 75 -10.59 19.06 39.64
CA ASN E 75 -11.37 17.94 40.18
C ASN E 75 -11.31 16.62 39.35
N VAL E 76 -10.36 16.53 38.41
CA VAL E 76 -10.05 15.37 37.57
C VAL E 76 -8.92 14.56 38.19
N LEU E 77 -9.02 13.23 38.13
CA LEU E 77 -7.94 12.36 38.56
C LEU E 77 -6.73 12.47 37.64
N VAL E 78 -5.54 12.38 38.25
CA VAL E 78 -4.26 12.26 37.59
C VAL E 78 -3.45 11.13 38.22
N ILE E 79 -2.93 10.28 37.36
CA ILE E 79 -1.94 9.27 37.67
C ILE E 79 -0.68 9.60 36.89
N LYS E 80 0.46 9.55 37.54
CA LYS E 80 1.75 9.80 36.88
C LYS E 80 2.85 9.20 37.71
N GLY E 81 3.95 8.95 37.06
CA GLY E 81 5.15 8.47 37.69
C GLY E 81 6.07 7.88 36.65
N GLU E 82 7.14 7.31 37.14
CA GLU E 82 8.10 6.58 36.34
C GLU E 82 8.96 5.74 37.28
N GLN E 83 9.20 4.47 36.93
CA GLN E 83 10.15 3.66 37.68
C GLN E 83 11.48 4.40 37.73
N LYS E 84 12.20 4.23 38.83
CA LYS E 84 13.56 4.74 38.92
C LYS E 84 14.40 4.26 37.73
N LYS E 85 15.40 5.08 37.41
CA LYS E 85 16.51 4.69 36.53
C LYS E 85 17.22 3.44 37.08
N GLU E 86 18.08 2.89 36.23
CA GLU E 86 19.02 1.81 36.55
C GLU E 86 20.18 2.30 37.46
N ASP E 87 20.42 1.59 38.56
CA ASP E 87 21.68 1.63 39.34
C ASP E 87 22.86 0.95 38.57
N SER E 88 24.10 0.96 39.07
CA SER E 88 25.23 0.38 38.30
C SER E 88 25.09 -1.12 38.03
N ASP E 89 24.71 -1.85 39.07
CA ASP E 89 24.46 -3.30 39.06
C ASP E 89 22.98 -3.60 39.32
N ASP E 90 22.09 -2.70 38.89
CA ASP E 90 20.67 -2.92 39.10
C ASP E 90 20.29 -4.27 38.51
N SER E 91 19.55 -5.05 39.29
CA SER E 91 18.84 -6.13 38.64
C SER E 91 17.74 -5.38 37.99
N TRP E 92 17.70 -5.34 36.65
CA TRP E 92 16.59 -4.70 35.95
C TRP E 92 15.39 -5.16 36.68
N SER E 93 15.25 -6.49 36.71
CA SER E 93 13.96 -7.05 36.91
C SER E 93 13.04 -6.05 36.12
N GLY E 94 13.32 -5.79 34.82
CA GLY E 94 12.34 -5.36 33.82
C GLY E 94 12.72 -5.02 32.41
N ARG E 95 11.62 -4.81 31.68
CA ARG E 95 11.68 -4.07 30.44
C ARG E 95 11.58 -2.60 30.82
N SER E 96 11.82 -1.75 29.84
CA SER E 96 11.84 -0.31 30.04
C SER E 96 10.46 0.17 30.50
N VAL E 97 10.47 0.70 31.72
CA VAL E 97 9.42 1.50 32.32
C VAL E 97 9.88 2.95 32.23
N SER E 98 8.99 3.90 31.95
CA SER E 98 9.33 5.32 32.00
C SER E 98 8.09 6.21 31.99
N SER E 99 8.31 7.49 32.35
CA SER E 99 7.48 8.66 32.05
C SER E 99 6.10 8.33 31.50
N TYR E 100 5.11 8.41 32.38
CA TYR E 100 3.74 8.48 31.93
C TYR E 100 2.89 9.32 32.87
N GLY E 101 1.82 9.86 32.27
CA GLY E 101 0.78 10.57 32.96
C GLY E 101 -0.55 10.29 32.28
N THR E 102 -1.53 9.83 33.04
CA THR E 102 -2.90 9.57 32.60
C THR E 102 -3.86 10.35 33.47
N ARG E 103 -4.95 10.78 32.84
CA ARG E 103 -5.97 11.59 33.50
C ARG E 103 -7.32 11.02 33.15
N LEU E 104 -8.22 10.92 34.12
CA LEU E 104 -9.59 10.44 33.94
C LEU E 104 -10.55 11.50 34.47
N GLN E 105 -11.49 11.93 33.63
CA GLN E 105 -12.55 12.83 34.05
C GLN E 105 -13.55 12.04 34.87
N LEU E 106 -13.67 12.42 36.14
CA LEU E 106 -14.73 11.92 36.97
C LEU E 106 -16.07 12.55 36.56
N PRO E 107 -17.16 11.79 36.67
CA PRO E 107 -18.50 12.33 36.44
C PRO E 107 -18.93 13.43 37.41
N ASP E 108 -18.40 13.44 38.64
CA ASP E 108 -18.63 14.50 39.64
C ASP E 108 -17.29 14.95 40.24
N ASN E 109 -17.26 16.19 40.76
CA ASN E 109 -16.14 16.66 41.55
C ASN E 109 -15.95 15.75 42.77
N CYS E 110 -14.72 15.27 43.00
CA CYS E 110 -14.44 14.43 44.15
C CYS E 110 -14.08 15.27 45.38
N GLU E 111 -14.48 14.81 46.56
CA GLU E 111 -13.86 15.23 47.80
C GLU E 111 -12.44 14.65 47.90
N LYS E 112 -11.41 15.50 47.78
CA LYS E 112 -10.00 15.07 47.84
C LYS E 112 -9.63 14.32 49.13
N ASP E 113 -10.24 14.65 50.26
CA ASP E 113 -10.01 13.94 51.52
C ASP E 113 -10.54 12.49 51.48
N LYS E 114 -11.67 12.28 50.79
CA LYS E 114 -12.33 10.97 50.69
C LYS E 114 -11.59 9.98 49.81
N ILE E 115 -10.80 10.44 48.84
CA ILE E 115 -10.08 9.52 47.96
C ILE E 115 -8.96 8.79 48.74
N LYS E 116 -8.86 7.46 48.64
CA LYS E 116 -7.71 6.70 49.20
C LYS E 116 -6.90 6.14 48.04
N ALA E 117 -5.58 6.17 48.12
CA ALA E 117 -4.77 5.42 47.19
C ALA E 117 -3.89 4.47 47.98
N GLU E 118 -3.79 3.23 47.52
CA GLU E 118 -2.84 2.27 48.06
C GLU E 118 -1.99 1.68 46.96
N LEU E 119 -0.73 1.38 47.26
CA LEU E 119 0.12 0.58 46.39
C LEU E 119 0.48 -0.71 47.11
N LYS E 120 0.14 -1.86 46.54
CA LYS E 120 0.56 -3.18 47.01
C LYS E 120 0.72 -4.15 45.85
N ASN E 121 1.68 -5.07 45.94
CA ASN E 121 1.89 -6.13 44.93
C ASN E 121 2.19 -5.60 43.51
N GLY E 122 2.73 -4.38 43.41
CA GLY E 122 2.92 -3.71 42.13
C GLY E 122 1.66 -3.06 41.56
N VAL E 123 0.62 -2.93 42.37
CA VAL E 123 -0.68 -2.44 41.93
C VAL E 123 -1.10 -1.25 42.71
N LEU E 124 -1.27 -0.12 42.02
CA LEU E 124 -2.00 0.95 42.66
C LEU E 124 -3.47 0.62 42.58
N PHE E 125 -4.18 0.94 43.65
CA PHE E 125 -5.61 1.18 43.66
C PHE E 125 -5.88 2.62 44.06
N ILE E 126 -6.88 3.27 43.45
CA ILE E 126 -7.38 4.58 43.89
C ILE E 126 -8.89 4.53 44.17
N THR E 127 -9.39 4.86 45.35
CA THR E 127 -10.83 4.86 45.65
C THR E 127 -11.45 6.26 45.56
N ILE E 128 -12.42 6.57 44.71
CA ILE E 128 -13.23 7.82 44.78
C ILE E 128 -14.66 7.57 45.27
N PRO E 129 -14.91 7.93 46.53
CA PRO E 129 -16.27 8.03 47.01
C PRO E 129 -17.12 9.08 46.30
N LYS E 130 -18.32 8.64 45.87
CA LYS E 130 -19.35 9.49 45.25
C LYS E 130 -20.55 9.66 46.17
N THR E 131 -21.33 10.67 45.82
CA THR E 131 -22.55 11.03 46.54
C THR E 131 -23.65 10.01 46.26
N LYS E 132 -24.56 9.90 47.22
CA LYS E 132 -25.69 8.99 47.12
C LYS E 132 -26.73 9.67 46.25
N VAL E 133 -27.27 8.91 45.32
CA VAL E 133 -28.31 9.34 44.42
C VAL E 133 -29.26 8.15 44.27
N GLU E 134 -30.54 8.42 44.05
CA GLU E 134 -31.50 7.39 43.64
C GLU E 134 -31.10 6.76 42.30
N ARG E 135 -30.31 7.51 41.52
CA ARG E 135 -30.18 7.39 40.07
C ARG E 135 -31.54 7.67 39.44
N LYS E 136 -31.46 8.21 38.24
CA LYS E 136 -32.66 8.50 37.48
C LYS E 136 -33.27 7.14 37.18
N VAL E 137 -34.42 6.92 37.78
CA VAL E 137 -35.14 5.69 37.53
C VAL E 137 -35.47 5.61 36.06
N ILE E 138 -35.36 4.40 35.55
CA ILE E 138 -35.60 4.09 34.16
C ILE E 138 -37.06 3.63 34.01
N ASP E 139 -37.86 4.40 33.30
CA ASP E 139 -39.23 4.00 32.96
C ASP E 139 -39.23 2.94 31.87
N VAL E 140 -40.22 2.05 31.92
CA VAL E 140 -40.37 0.96 30.96
C VAL E 140 -41.52 1.29 30.01
N GLN E 141 -41.39 0.91 28.74
CA GLN E 141 -42.46 0.95 27.76
C GLN E 141 -43.00 -0.47 27.49
N ILE E 142 -44.26 -0.61 27.07
CA ILE E 142 -44.85 -1.89 26.60
C ILE E 142 -45.08 -1.94 25.07
N GLN E 143 -44.93 -3.13 24.40
CA GLN E 143 -45.25 -3.39 22.96
C GLN E 143 -46.72 -3.63 22.55
N ARG F 1 5.14 -11.80 28.63
CA ARG F 1 6.26 -11.14 27.91
C ARG F 1 7.52 -11.49 28.63
N ALA F 2 8.62 -11.69 27.91
CA ALA F 2 9.82 -12.15 28.55
C ALA F 2 11.10 -11.61 27.86
N PRO F 3 11.92 -10.74 28.49
CA PRO F 3 13.22 -10.30 27.96
C PRO F 3 14.37 -11.26 28.21
N TRP F 4 15.27 -11.35 27.23
CA TRP F 4 16.55 -12.02 27.33
C TRP F 4 17.65 -11.02 27.60
N ASP F 5 18.34 -11.23 28.71
CA ASP F 5 19.49 -10.42 29.09
C ASP F 5 20.73 -11.29 29.29
N ILE F 6 21.88 -10.63 29.26
CA ILE F 6 23.20 -11.17 29.56
C ILE F 6 23.78 -10.37 30.72
N LYS F 7 24.30 -11.07 31.73
CA LYS F 7 25.32 -10.56 32.65
C LYS F 7 26.65 -11.27 32.44
N GLU F 8 27.72 -10.73 32.98
CA GLU F 8 28.98 -11.46 33.05
C GLU F 8 28.87 -12.79 33.77
N GLU F 9 28.24 -12.81 34.95
CA GLU F 9 28.10 -14.03 35.74
C GLU F 9 27.20 -15.02 35.02
N GLU F 10 26.15 -14.47 34.40
CA GLU F 10 25.08 -15.32 33.99
C GLU F 10 24.11 -14.72 32.98
N HIS F 11 23.58 -15.64 32.22
CA HIS F 11 22.48 -15.40 31.32
C HIS F 11 21.70 -16.67 31.40
N GLU F 12 22.25 -17.57 30.60
CA GLU F 12 21.42 -18.18 29.60
C GLU F 12 20.17 -17.32 29.26
N ILE F 13 19.12 -17.65 29.98
CA ILE F 13 18.03 -16.80 30.30
C ILE F 13 18.32 -16.07 31.59
N LYS F 14 18.97 -14.91 31.46
CA LYS F 14 18.76 -13.87 32.46
C LYS F 14 17.40 -13.26 32.14
N MET F 15 16.36 -14.02 32.44
CA MET F 15 15.04 -13.68 31.94
C MET F 15 14.25 -12.99 33.00
N ARG F 16 13.37 -12.12 32.52
CA ARG F 16 12.11 -11.89 33.20
C ARG F 16 10.91 -12.54 32.59
N PHE F 17 9.86 -12.47 33.38
CA PHE F 17 8.50 -12.51 32.90
C PHE F 17 7.70 -11.40 33.53
N ASP F 18 6.76 -10.86 32.78
CA ASP F 18 5.63 -10.11 33.33
C ASP F 18 4.50 -11.11 33.66
N MET F 19 4.47 -11.54 34.94
CA MET F 19 3.54 -12.44 35.65
C MET F 19 2.44 -11.76 36.53
N PRO F 20 2.01 -10.51 36.31
CA PRO F 20 1.18 -9.80 37.29
C PRO F 20 -0.12 -10.56 37.61
N GLY F 21 -0.46 -10.61 38.91
CA GLY F 21 -1.59 -11.38 39.44
C GLY F 21 -1.30 -12.86 39.64
N LEU F 22 -0.04 -13.31 39.49
CA LEU F 22 0.35 -14.68 39.84
C LEU F 22 0.95 -14.79 41.22
N SER F 23 0.46 -15.84 41.86
CA SER F 23 1.10 -16.47 43.00
C SER F 23 2.25 -17.40 42.56
N LYS F 24 3.36 -17.46 43.32
CA LYS F 24 4.52 -18.35 43.18
C LYS F 24 4.04 -19.83 43.20
N GLU F 25 2.93 -20.20 43.89
CA GLU F 25 2.29 -21.54 43.77
C GLU F 25 1.90 -21.86 42.32
N ASP F 26 1.29 -20.86 41.67
CA ASP F 26 0.75 -21.00 40.31
C ASP F 26 1.88 -21.09 39.27
N VAL F 27 3.11 -20.71 39.62
CA VAL F 27 4.27 -20.72 38.73
C VAL F 27 5.11 -21.98 38.95
N LYS F 28 5.63 -22.47 37.83
CA LYS F 28 6.66 -23.48 37.79
C LYS F 28 7.82 -23.01 36.95
N ILE F 29 9.01 -23.11 37.51
CA ILE F 29 10.26 -23.08 36.77
C ILE F 29 10.84 -24.48 36.71
N SER F 30 11.39 -24.81 35.56
CA SER F 30 11.98 -26.10 35.38
C SER F 30 12.97 -26.11 34.24
N VAL F 31 13.84 -27.09 34.22
CA VAL F 31 14.59 -27.40 33.02
C VAL F 31 14.06 -28.74 32.54
N GLU F 32 13.42 -28.92 31.39
CA GLU F 32 13.07 -30.25 30.84
C GLU F 32 13.72 -30.43 29.47
N ASP F 33 14.23 -31.62 29.13
CA ASP F 33 15.04 -31.79 27.90
C ASP F 33 16.28 -30.86 27.86
N ASN F 34 16.79 -30.50 29.05
CA ASN F 34 17.79 -29.43 29.28
C ASN F 34 17.42 -28.01 28.83
N VAL F 35 16.16 -27.77 28.48
CA VAL F 35 15.58 -26.48 28.12
C VAL F 35 14.90 -25.89 29.35
N LEU F 36 15.07 -24.60 29.60
CA LEU F 36 14.27 -23.92 30.63
C LEU F 36 12.82 -23.95 30.22
N VAL F 37 11.96 -24.10 31.19
CA VAL F 37 10.53 -23.99 31.12
C VAL F 37 10.01 -23.09 32.22
N ILE F 38 9.21 -22.08 31.88
CA ILE F 38 8.39 -21.34 32.84
C ILE F 38 6.95 -21.53 32.49
N LYS F 39 6.14 -22.07 33.38
CA LYS F 39 4.72 -22.23 33.13
C LYS F 39 3.94 -21.82 34.34
N GLY F 40 2.65 -21.76 34.16
CA GLY F 40 1.69 -21.57 35.21
C GLY F 40 0.34 -21.21 34.63
N GLU F 41 -0.55 -20.83 35.53
CA GLU F 41 -1.89 -20.39 35.19
C GLU F 41 -2.20 -19.13 35.96
N GLN F 42 -2.92 -18.20 35.31
CA GLN F 42 -3.53 -17.11 36.07
C GLN F 42 -4.86 -17.57 36.67
N LYS F 43 -5.10 -17.16 37.92
CA LYS F 43 -6.35 -17.38 38.65
C LYS F 43 -7.19 -16.09 38.64
N LYS F 44 -8.19 -16.03 39.52
CA LYS F 44 -8.99 -14.84 39.83
C LYS F 44 -8.50 -14.25 41.15
N GLU F 45 -8.92 -13.02 41.43
CA GLU F 45 -8.66 -12.27 42.66
C GLU F 45 -9.94 -11.56 43.11
N ASP F 46 -9.80 -10.64 44.06
CA ASP F 46 -10.84 -9.77 44.57
C ASP F 46 -11.58 -9.04 43.43
N SER F 47 -12.90 -8.94 43.56
CA SER F 47 -13.72 -8.15 42.64
C SER F 47 -13.51 -6.64 42.84
N ASP F 48 -13.00 -6.25 44.01
CA ASP F 48 -12.46 -4.91 44.27
C ASP F 48 -11.28 -4.61 43.32
N ASP F 49 -10.60 -5.61 42.78
CA ASP F 49 -9.40 -5.44 41.96
C ASP F 49 -9.54 -5.44 40.41
N SER F 50 -8.74 -4.59 39.74
CA SER F 50 -8.93 -4.14 38.33
C SER F 50 -7.73 -4.62 37.62
N TRP F 51 -7.94 -4.94 36.35
CA TRP F 51 -6.83 -5.14 35.46
C TRP F 51 -7.16 -4.77 34.03
N SER F 52 -6.31 -3.93 33.44
CA SER F 52 -6.40 -3.60 32.02
C SER F 52 -5.20 -4.23 31.38
N GLY F 53 -5.43 -4.86 30.25
CA GLY F 53 -4.39 -5.66 29.66
C GLY F 53 -4.98 -6.95 29.15
N ARG F 54 -4.09 -7.92 28.97
CA ARG F 54 -4.52 -9.25 28.53
C ARG F 54 -5.32 -9.96 29.62
N SER F 55 -6.08 -10.95 29.16
CA SER F 55 -6.88 -11.82 30.03
C SER F 55 -6.01 -12.88 30.71
N VAL F 56 -6.69 -13.78 31.39
CA VAL F 56 -6.19 -14.93 32.13
C VAL F 56 -6.19 -16.16 31.23
N SER F 57 -5.17 -17.01 31.38
CA SER F 57 -5.14 -18.39 30.91
C SER F 57 -3.92 -19.10 31.52
N SER F 58 -3.68 -20.35 31.13
CA SER F 58 -2.35 -20.92 31.24
C SER F 58 -1.38 -20.25 30.27
N TYR F 59 -0.11 -20.45 30.59
CA TYR F 59 0.99 -19.80 29.92
C TYR F 59 2.20 -20.75 30.08
N GLY F 60 3.13 -20.84 29.11
CA GLY F 60 4.23 -21.81 29.27
C GLY F 60 5.46 -21.80 28.34
N THR F 61 6.60 -21.20 28.76
CA THR F 61 7.79 -20.67 28.00
C THR F 61 8.96 -21.58 28.03
N ARG F 62 9.69 -21.68 26.92
CA ARG F 62 10.69 -22.70 26.68
C ARG F 62 11.99 -22.16 26.09
N LEU F 63 13.09 -22.26 26.78
CA LEU F 63 14.30 -21.56 26.41
C LEU F 63 15.47 -22.48 26.27
N GLN F 64 16.20 -22.32 25.17
CA GLN F 64 17.33 -23.17 24.93
C GLN F 64 18.53 -22.71 25.74
N LEU F 65 18.82 -23.52 26.77
CA LEU F 65 20.04 -23.36 27.54
C LEU F 65 21.28 -23.72 26.73
N PRO F 66 22.45 -23.07 26.97
CA PRO F 66 23.72 -23.59 26.54
C PRO F 66 23.88 -24.99 27.12
N ASP F 67 24.53 -25.87 26.37
CA ASP F 67 24.70 -27.25 26.83
C ASP F 67 25.54 -27.33 28.13
N ASN F 68 26.48 -26.40 28.23
CA ASN F 68 27.33 -26.10 29.38
C ASN F 68 26.82 -24.90 30.19
N CYS F 69 25.57 -24.96 30.62
CA CYS F 69 25.04 -24.06 31.63
C CYS F 69 24.96 -24.80 32.95
N GLU F 70 25.02 -24.05 34.05
CA GLU F 70 24.76 -24.66 35.34
C GLU F 70 23.26 -24.79 35.58
N LYS F 71 22.68 -25.91 35.11
CA LYS F 71 21.27 -26.26 35.36
C LYS F 71 20.98 -26.34 36.86
N ASP F 72 21.95 -26.82 37.64
CA ASP F 72 21.83 -27.02 39.10
C ASP F 72 21.69 -25.67 39.84
N LYS F 73 22.42 -24.64 39.38
CA LYS F 73 22.49 -23.33 40.05
C LYS F 73 21.43 -22.34 39.55
N ILE F 74 20.57 -22.73 38.62
CA ILE F 74 19.41 -21.92 38.27
C ILE F 74 18.71 -21.44 39.54
N LYS F 75 18.37 -20.16 39.56
CA LYS F 75 17.52 -19.58 40.59
C LYS F 75 16.37 -18.84 39.94
N ALA F 76 15.25 -18.78 40.63
CA ALA F 76 14.11 -17.97 40.23
C ALA F 76 13.55 -17.20 41.42
N GLU F 77 13.32 -15.92 41.19
CA GLU F 77 12.70 -15.03 42.16
C GLU F 77 11.42 -14.45 41.55
N LEU F 78 10.38 -14.27 42.36
CA LEU F 78 9.19 -13.53 41.96
C LEU F 78 8.97 -12.38 42.93
N LYS F 79 8.91 -11.15 42.41
CA LYS F 79 8.49 -9.96 43.18
C LYS F 79 7.64 -9.04 42.33
N ASN F 80 6.58 -8.46 42.91
CA ASN F 80 5.75 -7.43 42.25
C ASN F 80 5.36 -7.77 40.80
N GLY F 81 4.82 -8.96 40.55
CA GLY F 81 4.31 -9.32 39.24
C GLY F 81 5.37 -9.69 38.21
N VAL F 82 6.63 -9.80 38.61
CA VAL F 82 7.65 -10.33 37.72
C VAL F 82 8.34 -11.54 38.29
N LEU F 83 8.67 -12.42 37.37
CA LEU F 83 9.62 -13.47 37.64
C LEU F 83 10.95 -13.06 37.08
N PHE F 84 12.03 -13.42 37.77
CA PHE F 84 13.39 -13.35 37.28
C PHE F 84 14.01 -14.72 37.42
N ILE F 85 14.50 -15.25 36.32
CA ILE F 85 15.30 -16.46 36.27
C ILE F 85 16.73 -16.05 35.98
N THR F 86 17.64 -16.72 36.68
CA THR F 86 19.08 -16.56 36.49
C THR F 86 19.68 -17.93 36.15
N ILE F 87 20.36 -18.12 35.00
CA ILE F 87 21.21 -19.30 34.77
C ILE F 87 22.69 -18.92 34.77
N PRO F 88 23.40 -19.36 35.80
CA PRO F 88 24.84 -19.23 35.87
C PRO F 88 25.57 -19.83 34.69
N LYS F 89 26.47 -19.03 34.10
CA LYS F 89 27.37 -19.53 33.07
C LYS F 89 28.43 -20.40 33.70
N THR F 90 28.97 -21.33 32.90
CA THR F 90 30.09 -22.17 33.33
C THR F 90 31.35 -21.36 33.65
N LYS F 91 31.54 -20.24 32.92
CA LYS F 91 32.58 -19.24 33.15
C LYS F 91 31.91 -17.89 33.08
N VAL F 92 32.12 -17.06 34.10
CA VAL F 92 31.82 -15.64 34.02
C VAL F 92 32.71 -15.03 32.94
N GLU F 93 32.06 -14.50 31.91
CA GLU F 93 32.72 -13.71 30.88
C GLU F 93 31.77 -12.57 30.54
N ARG F 94 32.09 -11.36 31.02
CA ARG F 94 31.37 -10.18 30.56
C ARG F 94 31.65 -10.03 29.07
N LYS F 95 30.63 -9.66 28.29
CA LYS F 95 30.89 -8.98 27.02
C LYS F 95 31.72 -7.74 27.33
N VAL F 96 32.89 -7.58 26.74
CA VAL F 96 33.59 -6.31 26.89
C VAL F 96 32.88 -5.26 26.04
N ILE F 97 32.72 -4.07 26.61
CA ILE F 97 32.25 -2.92 25.88
C ILE F 97 33.26 -1.79 26.08
N ASP F 98 33.91 -1.36 25.00
CA ASP F 98 34.80 -0.21 25.04
C ASP F 98 34.00 1.04 24.66
N VAL F 99 33.39 1.64 25.67
CA VAL F 99 32.73 2.95 25.54
C VAL F 99 33.60 3.98 26.24
N GLN F 100 33.71 5.16 25.63
CA GLN F 100 34.38 6.30 26.25
C GLN F 100 33.62 6.75 27.51
N ILE F 101 34.10 6.31 28.65
CA ILE F 101 33.68 6.75 29.98
C ILE F 101 34.94 6.88 30.82
N GLN F 102 34.99 7.94 31.63
CA GLN F 102 35.99 8.11 32.67
C GLN F 102 35.57 7.37 33.95
N LEU G 1 -18.94 19.51 -18.09
CA LEU G 1 -18.64 20.52 -19.12
C LEU G 1 -17.26 21.01 -18.77
N LEU G 2 -16.28 20.81 -19.65
CA LEU G 2 -15.02 21.48 -19.39
C LEU G 2 -15.32 22.96 -19.34
N ASP G 3 -14.78 23.60 -18.32
CA ASP G 3 -14.82 25.03 -18.18
C ASP G 3 -13.40 25.45 -17.76
N PRO G 4 -12.69 26.25 -18.58
CA PRO G 4 -11.32 26.62 -18.29
C PRO G 4 -11.30 27.56 -17.10
N LEU G 5 -12.38 28.31 -16.81
CA LEU G 5 -12.47 29.19 -15.64
C LEU G 5 -12.56 28.37 -14.35
N SER G 6 -13.05 27.14 -14.42
CA SER G 6 -13.45 26.42 -13.23
C SER G 6 -12.28 26.28 -12.27
N PRO G 7 -12.53 26.56 -10.99
CA PRO G 7 -11.58 26.37 -9.92
C PRO G 7 -10.94 24.95 -9.88
N MET G 8 -11.58 23.87 -10.36
CA MET G 8 -11.00 22.51 -10.17
C MET G 8 -9.65 22.24 -10.85
N ARG G 9 -9.40 22.89 -11.98
CA ARG G 9 -8.15 22.64 -12.71
C ARG G 9 -7.02 23.47 -12.13
N THR G 10 -5.81 22.99 -12.34
CA THR G 10 -4.65 23.79 -12.00
C THR G 10 -4.37 24.64 -13.19
N MET G 11 -4.37 25.90 -12.86
CA MET G 11 -3.57 26.86 -13.52
C MET G 11 -2.92 27.59 -12.37
N ARG G 12 -2.21 28.65 -12.68
CA ARG G 12 -2.10 29.67 -11.66
C ARG G 12 -3.51 30.23 -11.53
N GLN G 13 -4.15 29.97 -10.42
CA GLN G 13 -5.43 30.54 -10.05
C GLN G 13 -5.59 30.52 -8.54
N MET G 14 -6.82 30.75 -8.06
CA MET G 14 -7.16 31.05 -6.66
C MET G 14 -7.24 29.75 -5.98
N LEU G 15 -7.98 28.88 -6.69
CA LEU G 15 -8.28 27.60 -6.20
C LEU G 15 -6.98 26.94 -5.83
N ASP G 16 -6.05 26.91 -6.80
CA ASP G 16 -4.81 26.15 -6.73
C ASP G 16 -5.10 24.67 -6.43
N THR G 17 -5.05 23.78 -7.44
CA THR G 17 -5.52 22.40 -7.20
C THR G 17 -4.84 21.74 -6.02
N MET G 18 -3.55 22.03 -5.84
CA MET G 18 -2.71 21.39 -4.83
C MET G 18 -3.23 21.56 -3.41
N ASP G 19 -4.10 22.56 -3.20
CA ASP G 19 -4.75 22.85 -1.94
C ASP G 19 -5.69 21.70 -1.53
N ARG G 20 -6.68 22.05 -0.70
CA ARG G 20 -7.72 21.17 -0.18
C ARG G 20 -8.25 20.23 -1.23
N MET G 21 -8.56 20.64 -2.46
CA MET G 21 -9.19 19.69 -3.38
C MET G 21 -8.28 18.52 -3.77
N PHE G 22 -7.02 18.78 -4.11
CA PHE G 22 -6.13 17.71 -4.53
C PHE G 22 -5.66 16.90 -3.34
N GLU G 23 -5.30 17.57 -2.25
CA GLU G 23 -4.87 16.89 -1.03
C GLU G 23 -5.99 16.01 -0.45
N ASP G 24 -7.25 16.46 -0.48
CA ASP G 24 -8.40 15.76 0.11
C ASP G 24 -8.64 14.42 -0.60
N THR G 25 -8.76 14.48 -1.93
CA THR G 25 -8.99 13.29 -2.75
C THR G 25 -7.87 13.07 -3.75
N MET G 26 -6.64 12.86 -3.24
CA MET G 26 -5.51 12.49 -4.11
C MET G 26 -5.77 11.13 -4.79
N PRO G 27 -6.22 10.07 -4.08
CA PRO G 27 -6.80 8.90 -4.73
C PRO G 27 -8.12 9.23 -5.42
N VAL G 28 -8.31 8.65 -6.60
CA VAL G 28 -9.60 8.64 -7.32
C VAL G 28 -10.50 7.51 -6.83
N SER G 29 -10.79 7.49 -5.53
CA SER G 29 -11.74 6.54 -4.94
C SER G 29 -13.16 7.07 -5.10
N GLY G 30 -13.99 6.40 -5.89
CA GLY G 30 -15.37 6.84 -6.13
C GLY G 30 -15.75 6.76 -7.60
N ARG G 31 -16.43 7.81 -8.10
CA ARG G 31 -16.89 7.87 -9.49
C ARG G 31 -15.72 7.75 -10.47
N ASN G 32 -15.99 7.08 -11.59
CA ASN G 32 -15.03 6.97 -12.69
C ASN G 32 -14.80 8.32 -13.39
N ARG G 33 -13.65 8.41 -14.05
CA ARG G 33 -13.28 9.62 -14.79
C ARG G 33 -14.14 9.89 -16.02
N GLY G 34 -14.53 8.83 -16.75
CA GLY G 34 -14.90 8.91 -18.17
C GLY G 34 -13.68 9.14 -19.08
N GLY G 35 -12.47 9.07 -18.49
CA GLY G 35 -11.18 9.19 -19.17
C GLY G 35 -10.94 8.11 -20.24
N SER G 36 -11.62 6.97 -20.10
CA SER G 36 -11.68 5.90 -21.10
C SER G 36 -12.43 6.36 -22.37
N GLY G 37 -13.63 6.91 -22.18
CA GLY G 37 -14.47 7.42 -23.29
C GLY G 37 -13.90 8.67 -23.96
N VAL G 38 -13.31 9.60 -23.19
CA VAL G 38 -12.64 10.77 -23.81
C VAL G 38 -11.30 10.42 -24.48
N SER G 39 -10.67 9.29 -24.14
CA SER G 39 -9.47 8.82 -24.85
C SER G 39 -9.81 8.52 -26.30
N GLU G 40 -11.09 8.24 -26.59
CA GLU G 40 -11.54 8.05 -27.96
C GLU G 40 -11.13 9.26 -28.79
N ILE G 41 -11.51 10.44 -28.29
CA ILE G 41 -11.16 11.68 -28.94
C ILE G 41 -10.56 12.66 -27.97
N ARG G 42 -9.24 12.75 -28.08
CA ARG G 42 -8.52 13.88 -27.52
C ARG G 42 -8.81 15.11 -28.36
N ALA G 43 -9.16 16.18 -27.68
CA ALA G 43 -9.45 17.47 -28.29
C ALA G 43 -8.81 18.60 -27.49
N PRO G 44 -8.06 19.49 -28.13
CA PRO G 44 -7.66 20.76 -27.54
C PRO G 44 -8.73 21.82 -27.72
N TRP G 45 -8.37 23.00 -27.26
CA TRP G 45 -9.05 24.24 -27.50
C TRP G 45 -8.02 25.36 -27.51
N ASP G 46 -7.93 26.12 -28.60
CA ASP G 46 -7.27 27.43 -28.61
C ASP G 46 -8.31 28.51 -28.87
N ILE G 47 -8.05 29.64 -28.23
CA ILE G 47 -8.76 30.88 -28.37
C ILE G 47 -7.85 31.82 -29.17
N LYS G 48 -8.28 32.21 -30.37
CA LYS G 48 -7.69 33.33 -31.06
C LYS G 48 -8.49 34.61 -30.72
N GLU G 49 -7.90 35.76 -30.98
CA GLU G 49 -8.48 37.06 -30.72
C GLU G 49 -9.77 37.30 -31.52
N GLU G 50 -9.74 36.94 -32.80
CA GLU G 50 -10.88 37.03 -33.70
C GLU G 50 -11.99 36.10 -33.27
N GLU G 51 -11.60 34.89 -32.86
CA GLU G 51 -12.56 33.87 -32.53
C GLU G 51 -12.05 32.89 -31.46
N HIS G 52 -13.00 32.33 -30.69
CA HIS G 52 -12.91 30.90 -30.34
C HIS G 52 -13.35 30.12 -31.58
N GLU G 53 -12.97 30.56 -32.80
CA GLU G 53 -12.87 29.80 -34.05
C GLU G 53 -12.11 28.61 -33.60
N ILE G 54 -12.95 27.70 -33.05
CA ILE G 54 -12.51 27.02 -31.88
C ILE G 54 -11.46 26.31 -32.55
N LYS G 55 -10.34 26.57 -31.97
CA LYS G 55 -9.28 25.81 -32.34
C LYS G 55 -9.51 24.54 -31.50
N MET G 56 -10.62 23.84 -31.73
CA MET G 56 -10.97 22.60 -31.12
C MET G 56 -10.92 21.66 -32.27
N ARG G 57 -9.78 20.99 -32.28
CA ARG G 57 -9.69 19.79 -33.07
C ARG G 57 -10.10 18.64 -32.23
N PHE G 58 -10.55 17.62 -32.89
CA PHE G 58 -10.67 16.32 -32.27
C PHE G 58 -10.08 15.31 -33.25
N ASP G 59 -9.33 14.33 -32.77
CA ASP G 59 -8.87 13.20 -33.56
C ASP G 59 -9.86 12.08 -33.66
N MET G 60 -10.70 12.06 -34.69
CA MET G 60 -11.48 10.85 -35.01
C MET G 60 -11.05 10.23 -36.34
N PRO G 61 -9.97 9.44 -36.32
CA PRO G 61 -9.54 8.71 -37.50
C PRO G 61 -10.63 7.72 -37.92
N GLY G 62 -10.96 7.71 -39.20
CA GLY G 62 -11.83 6.69 -39.81
C GLY G 62 -13.31 6.93 -39.55
N LEU G 63 -13.63 8.06 -38.96
CA LEU G 63 -14.98 8.45 -38.63
C LEU G 63 -15.67 9.08 -39.82
N SER G 64 -16.96 8.79 -39.93
CA SER G 64 -17.84 9.46 -40.87
C SER G 64 -18.73 10.50 -40.17
N LYS G 65 -19.04 11.56 -40.89
CA LYS G 65 -19.86 12.69 -40.46
C LYS G 65 -21.26 12.28 -39.97
N GLU G 66 -21.78 11.13 -40.42
CA GLU G 66 -23.00 10.54 -39.85
C GLU G 66 -22.82 10.13 -38.36
N ASP G 67 -21.66 9.57 -38.03
CA ASP G 67 -21.34 9.11 -36.71
C ASP G 67 -20.99 10.16 -35.71
N VAL G 68 -20.44 11.30 -36.15
CA VAL G 68 -20.19 12.47 -35.26
C VAL G 68 -21.35 13.44 -35.31
N LYS G 69 -21.49 14.19 -34.23
CA LYS G 69 -22.40 15.31 -34.15
C LYS G 69 -21.71 16.43 -33.39
N ILE G 70 -21.90 17.63 -33.92
CA ILE G 70 -21.66 18.87 -33.21
C ILE G 70 -22.99 19.52 -32.93
N SER G 71 -23.25 19.74 -31.65
CA SER G 71 -24.44 20.43 -31.21
C SER G 71 -24.04 21.56 -30.28
N VAL G 72 -24.95 22.53 -30.16
CA VAL G 72 -24.90 23.50 -29.08
C VAL G 72 -26.19 23.32 -28.27
N GLU G 73 -26.08 23.07 -26.98
CA GLU G 73 -27.21 23.05 -26.04
C GLU G 73 -26.86 23.91 -24.84
N ASP G 74 -27.82 24.69 -24.33
CA ASP G 74 -27.56 25.70 -23.29
C ASP G 74 -26.51 26.75 -23.72
N ASN G 75 -26.34 26.94 -25.03
CA ASN G 75 -25.26 27.69 -25.70
C ASN G 75 -23.83 27.14 -25.47
N VAL G 76 -23.72 25.92 -24.93
CA VAL G 76 -22.49 25.16 -24.70
C VAL G 76 -22.22 24.22 -25.87
N LEU G 77 -20.95 24.10 -26.27
CA LEU G 77 -20.57 23.14 -27.29
C LEU G 77 -20.71 21.69 -26.79
N VAL G 78 -21.11 20.83 -27.71
CA VAL G 78 -21.15 19.37 -27.55
C VAL G 78 -20.51 18.71 -28.75
N ILE G 79 -19.61 17.78 -28.45
CA ILE G 79 -19.03 16.83 -29.38
C ILE G 79 -19.43 15.45 -28.94
N LYS G 80 -19.88 14.61 -29.86
CA LYS G 80 -20.25 13.24 -29.56
C LYS G 80 -20.23 12.44 -30.84
N GLY G 81 -20.10 11.15 -30.67
CA GLY G 81 -20.16 10.21 -31.76
C GLY G 81 -19.55 8.90 -31.31
N GLU G 82 -19.44 8.00 -32.28
CA GLU G 82 -18.79 6.73 -32.11
C GLU G 82 -18.52 6.16 -33.49
N GLN G 83 -17.31 5.62 -33.72
CA GLN G 83 -17.03 4.91 -34.96
C GLN G 83 -18.08 3.80 -35.12
N LYS G 84 -18.43 3.51 -36.37
CA LYS G 84 -19.28 2.37 -36.65
C LYS G 84 -18.71 1.10 -36.02
N LYS G 85 -19.62 0.18 -35.73
CA LYS G 85 -19.31 -1.21 -35.43
C LYS G 85 -18.50 -1.85 -36.56
N GLU G 86 -17.98 -3.03 -36.26
CA GLU G 86 -17.33 -3.94 -37.22
C GLU G 86 -18.34 -4.61 -38.18
N ASP G 87 -18.07 -4.53 -39.49
CA ASP G 87 -18.66 -5.40 -40.52
C ASP G 87 -18.13 -6.86 -40.43
N SER G 88 -18.61 -7.83 -41.24
CA SER G 88 -18.14 -9.24 -41.09
C SER G 88 -16.64 -9.42 -41.36
N ASP G 89 -16.16 -8.80 -42.44
CA ASP G 89 -14.78 -8.79 -42.89
C ASP G 89 -14.20 -7.36 -42.79
N ASP G 90 -14.65 -6.56 -41.82
CA ASP G 90 -14.14 -5.24 -41.68
C ASP G 90 -12.63 -5.28 -41.53
N SER G 91 -11.95 -4.44 -42.29
CA SER G 91 -10.58 -4.17 -41.89
C SER G 91 -10.79 -3.28 -40.73
N TRP G 92 -10.42 -3.73 -39.51
CA TRP G 92 -10.53 -2.87 -38.35
C TRP G 92 -10.01 -1.57 -38.79
N SER G 93 -8.76 -1.62 -39.27
CA SER G 93 -7.95 -0.45 -39.27
C SER G 93 -8.40 0.23 -37.93
N GLY G 94 -8.30 -0.46 -36.76
CA GLY G 94 -8.09 0.14 -35.44
C GLY G 94 -8.23 -0.67 -34.17
N ARG G 95 -7.89 0.11 -33.14
CA ARG G 95 -8.23 -0.26 -31.78
C ARG G 95 -9.66 0.18 -31.57
N SER G 96 -10.22 -0.27 -30.46
CA SER G 96 -11.59 0.00 -30.12
C SER G 96 -11.82 1.49 -29.96
N VAL G 97 -12.65 2.01 -30.85
CA VAL G 97 -13.29 3.31 -30.79
C VAL G 97 -14.72 3.07 -30.32
N SER G 98 -15.27 3.92 -29.46
CA SER G 98 -16.69 3.84 -29.09
C SER G 98 -17.18 5.10 -28.40
N SER G 99 -18.51 5.22 -28.30
CA SER G 99 -19.28 6.04 -27.37
C SER G 99 -18.47 7.06 -26.60
N TYR G 100 -18.54 8.30 -27.07
CA TYR G 100 -18.11 9.41 -26.25
C TYR G 100 -18.93 10.66 -26.51
N GLY G 101 -18.96 11.50 -25.48
CA GLY G 101 -19.56 12.82 -25.53
C GLY G 101 -18.75 13.75 -24.64
N THR G 102 -18.30 14.86 -25.20
CA THR G 102 -17.57 15.92 -24.51
C THR G 102 -18.29 17.24 -24.71
N ARG G 103 -18.22 18.07 -23.67
CA ARG G 103 -18.89 19.37 -23.66
C ARG G 103 -17.90 20.41 -23.17
N LEU G 104 -17.87 21.57 -23.81
CA LEU G 104 -17.03 22.69 -23.42
C LEU G 104 -17.90 23.93 -23.23
N GLN G 105 -17.80 24.54 -22.05
CA GLN G 105 -18.47 25.81 -21.79
C GLN G 105 -17.73 26.91 -22.51
N LEU G 106 -18.42 27.53 -23.45
CA LEU G 106 -17.92 28.74 -24.07
C LEU G 106 -18.03 29.91 -23.09
N PRO G 107 -17.08 30.85 -23.13
CA PRO G 107 -17.15 32.08 -22.34
C PRO G 107 -18.34 32.99 -22.69
N ASP G 108 -18.84 32.94 -23.93
CA ASP G 108 -20.04 33.67 -24.35
C ASP G 108 -21.00 32.73 -25.10
N ASN G 109 -22.29 33.07 -25.13
CA ASN G 109 -23.25 32.39 -25.99
C ASN G 109 -22.82 32.52 -27.46
N CYS G 110 -22.77 31.41 -28.18
CA CYS G 110 -22.40 31.43 -29.59
C CYS G 110 -23.63 31.68 -30.48
N GLU G 111 -23.43 32.41 -31.57
CA GLU G 111 -24.35 32.36 -32.69
C GLU G 111 -24.23 31.01 -33.41
N LYS G 112 -25.24 30.14 -33.30
CA LYS G 112 -25.22 28.80 -33.91
C LYS G 112 -25.01 28.81 -35.43
N ASP G 113 -25.49 29.84 -36.14
CA ASP G 113 -25.25 29.98 -37.59
C ASP G 113 -23.78 30.24 -37.92
N LYS G 114 -23.09 30.99 -37.05
CA LYS G 114 -21.68 31.38 -37.24
C LYS G 114 -20.71 30.23 -37.05
N ILE G 115 -21.05 29.23 -36.25
CA ILE G 115 -20.13 28.10 -36.01
C ILE G 115 -19.98 27.25 -37.29
N LYS G 116 -18.75 26.93 -37.73
CA LYS G 116 -18.52 25.96 -38.82
C LYS G 116 -17.89 24.72 -38.24
N ALA G 117 -18.28 23.54 -38.69
CA ALA G 117 -17.53 22.33 -38.37
C ALA G 117 -17.11 21.69 -39.68
N GLU G 118 -15.86 21.24 -39.75
CA GLU G 118 -15.39 20.43 -40.85
C GLU G 118 -14.74 19.15 -40.34
N LEU G 119 -14.89 18.06 -41.08
CA LEU G 119 -14.12 16.85 -40.86
C LEU G 119 -13.23 16.59 -42.08
N LYS G 120 -11.92 16.52 -41.88
CA LYS G 120 -10.95 16.12 -42.90
C LYS G 120 -9.77 15.40 -42.28
N ASN G 121 -9.19 14.42 -42.98
CA ASN G 121 -7.99 13.71 -42.52
C ASN G 121 -8.13 13.00 -41.15
N GLY G 122 -9.37 12.63 -40.79
CA GLY G 122 -9.67 12.09 -39.46
C GLY G 122 -9.77 13.14 -38.36
N VAL G 123 -9.85 14.42 -38.71
CA VAL G 123 -9.82 15.51 -37.77
C VAL G 123 -11.05 16.37 -37.91
N LEU G 124 -11.84 16.43 -36.84
CA LEU G 124 -12.82 17.50 -36.80
C LEU G 124 -12.10 18.78 -36.43
N PHE G 125 -12.53 19.86 -37.05
CA PHE G 125 -12.37 21.22 -36.55
C PHE G 125 -13.75 21.82 -36.30
N ILE G 126 -13.90 22.62 -35.24
CA ILE G 126 -15.11 23.43 -35.01
C ILE G 126 -14.75 24.90 -34.82
N THR G 127 -15.27 25.84 -35.60
CA THR G 127 -14.98 27.28 -35.45
C THR G 127 -16.08 28.01 -34.68
N ILE G 128 -15.87 28.65 -33.52
CA ILE G 128 -16.83 29.60 -32.91
C ILE G 128 -16.36 31.06 -33.00
N PRO G 129 -17.00 31.79 -33.92
CA PRO G 129 -16.86 33.23 -33.91
C PRO G 129 -17.40 33.92 -32.66
N LYS G 130 -16.56 34.80 -32.08
CA LYS G 130 -16.89 35.66 -30.92
C LYS G 130 -17.00 37.11 -31.32
N THR G 131 -17.63 37.85 -30.43
CA THR G 131 -17.84 39.27 -30.58
C THR G 131 -16.55 40.05 -30.36
N LYS G 132 -16.48 41.22 -30.99
CA LYS G 132 -15.32 42.09 -30.91
C LYS G 132 -15.43 42.83 -29.60
N VAL G 133 -14.31 42.87 -28.89
CA VAL G 133 -14.17 43.57 -27.62
C VAL G 133 -12.79 44.22 -27.65
N GLU G 134 -12.64 45.35 -26.98
CA GLU G 134 -11.32 45.93 -26.72
C GLU G 134 -10.45 44.98 -25.88
N ARG G 135 -11.11 44.08 -25.15
CA ARG G 135 -10.61 43.42 -23.94
C ARG G 135 -10.34 44.48 -22.89
N LYS G 136 -10.50 44.05 -21.66
CA LYS G 136 -10.23 44.92 -20.53
C LYS G 136 -8.74 45.18 -20.58
N VAL G 137 -8.41 46.42 -20.86
CA VAL G 137 -7.02 46.81 -20.88
C VAL G 137 -6.43 46.57 -19.50
N ILE G 138 -5.19 46.11 -19.53
CA ILE G 138 -4.43 45.79 -18.35
C ILE G 138 -3.59 47.00 -17.96
N ASP G 139 -3.88 47.59 -16.79
CA ASP G 139 -3.06 48.67 -16.25
C ASP G 139 -1.76 48.12 -15.68
N VAL G 140 -0.70 48.91 -15.76
CA VAL G 140 0.62 48.55 -15.25
C VAL G 140 0.91 49.32 -13.96
N GLN G 141 1.58 48.67 -13.02
CA GLN G 141 2.11 49.31 -11.81
C GLN G 141 3.64 49.49 -11.95
N ILE G 142 4.22 50.47 -11.24
CA ILE G 142 5.69 50.67 -11.12
C ILE G 142 6.25 50.32 -9.73
N GLN G 143 7.49 49.77 -9.60
CA GLN G 143 8.24 49.49 -8.33
C GLN G 143 8.96 50.65 -7.63
N ARG H 1 1.14 3.96 -31.12
CA ARG H 1 0.45 2.77 -30.56
C ARG H 1 0.24 1.82 -31.70
N ALA H 2 0.35 0.52 -31.45
CA ALA H 2 0.26 -0.42 -32.54
C ALA H 2 -0.36 -1.77 -32.10
N PRO H 3 -1.56 -2.17 -32.58
CA PRO H 3 -2.16 -3.50 -32.34
C PRO H 3 -1.64 -4.60 -33.24
N TRP H 4 -1.50 -5.80 -32.67
CA TRP H 4 -1.24 -7.05 -33.37
C TRP H 4 -2.54 -7.80 -33.57
N ASP H 5 -2.87 -8.07 -34.83
CA ASP H 5 -3.99 -8.90 -35.21
C ASP H 5 -3.59 -10.06 -36.06
N ILE H 6 -4.49 -11.02 -36.13
CA ILE H 6 -4.42 -12.23 -36.98
C ILE H 6 -5.65 -12.23 -37.88
N LYS H 7 -5.44 -12.44 -39.19
CA LYS H 7 -6.44 -12.97 -40.10
C LYS H 7 -6.07 -14.37 -40.56
N GLU H 8 -7.01 -15.08 -41.16
CA GLU H 8 -6.69 -16.32 -41.85
C GLU H 8 -5.65 -16.14 -42.94
N GLU H 9 -5.81 -15.13 -43.81
CA GLU H 9 -4.88 -14.90 -44.92
C GLU H 9 -3.53 -14.48 -44.37
N GLU H 10 -3.57 -13.66 -43.33
CA GLU H 10 -2.39 -12.94 -42.95
C GLU H 10 -2.39 -12.34 -41.56
N HIS H 11 -1.19 -12.26 -41.05
CA HIS H 11 -0.87 -11.54 -39.86
C HIS H 11 0.48 -10.98 -40.16
N GLU H 12 1.41 -11.90 -39.96
CA GLU H 12 2.48 -11.60 -39.04
C GLU H 12 2.11 -10.45 -38.06
N ILE H 13 2.46 -9.26 -38.52
CA ILE H 13 1.89 -8.01 -38.17
C ILE H 13 0.77 -7.71 -39.13
N LYS H 14 -0.43 -8.19 -38.78
CA LYS H 14 -1.63 -7.48 -39.22
C LYS H 14 -1.75 -6.26 -38.33
N MET H 15 -0.86 -5.30 -38.56
CA MET H 15 -0.67 -4.22 -37.61
C MET H 15 -1.41 -3.01 -38.07
N ARG H 16 -1.84 -2.24 -37.08
CA ARG H 16 -1.91 -0.80 -37.23
C ARG H 16 -0.83 -0.02 -36.57
N PHE H 17 -0.85 1.25 -36.94
CA PHE H 17 -0.33 2.32 -36.12
C PHE H 17 -1.32 3.44 -36.06
N ASP H 18 -1.36 4.12 -34.91
CA ASP H 18 -1.91 5.46 -34.81
C ASP H 18 -0.79 6.48 -35.13
N MET H 19 -0.76 6.91 -36.41
CA MET H 19 0.11 7.89 -37.09
C MET H 19 -0.49 9.32 -37.30
N PRO H 20 -1.47 9.83 -36.52
CA PRO H 20 -2.19 11.05 -36.90
C PRO H 20 -1.24 12.26 -37.08
N GLY H 21 -1.50 13.03 -38.14
CA GLY H 21 -0.65 14.15 -38.56
C GLY H 21 0.60 13.73 -39.36
N LEU H 22 0.72 12.47 -39.75
CA LEU H 22 1.77 12.03 -40.68
C LEU H 22 1.31 11.96 -42.12
N SER H 23 2.22 12.48 -42.93
CA SER H 23 2.30 12.23 -44.35
C SER H 23 2.99 10.87 -44.63
N LYS H 24 2.53 10.11 -45.65
CA LYS H 24 3.09 8.86 -46.19
C LYS H 24 4.57 9.11 -46.59
N GLU H 25 4.99 10.32 -47.03
CA GLU H 25 6.43 10.66 -47.22
C GLU H 25 7.24 10.45 -45.93
N ASP H 26 6.68 10.91 -44.81
CA ASP H 26 7.34 10.90 -43.52
C ASP H 26 7.44 9.47 -42.96
N VAL H 27 6.66 8.53 -43.49
CA VAL H 27 6.63 7.13 -43.04
C VAL H 27 7.50 6.26 -43.93
N LYS H 28 8.15 5.31 -43.28
CA LYS H 28 8.82 4.19 -43.92
C LYS H 28 8.33 2.89 -43.33
N ILE H 29 7.94 1.99 -44.21
CA ILE H 29 7.81 0.57 -43.91
C ILE H 29 8.96 -0.19 -44.53
N SER H 30 9.46 -1.16 -43.80
CA SER H 30 10.55 -1.97 -44.28
C SER H 30 10.62 -3.28 -43.57
N VAL H 31 11.31 -4.23 -44.15
CA VAL H 31 11.74 -5.42 -43.44
C VAL H 31 13.25 -5.30 -43.33
N GLU H 32 13.92 -5.15 -42.20
CA GLU H 32 15.40 -5.22 -42.10
C GLU H 32 15.79 -6.34 -41.14
N ASP H 33 16.86 -7.12 -41.42
CA ASP H 33 17.16 -8.34 -40.63
C ASP H 33 15.99 -9.35 -40.61
N ASN H 34 15.17 -9.34 -41.68
CA ASN H 34 13.87 -10.01 -41.80
C ASN H 34 12.79 -9.62 -40.77
N VAL H 35 13.00 -8.56 -40.01
CA VAL H 35 12.07 -7.97 -39.06
C VAL H 35 11.35 -6.82 -39.72
N LEU H 36 10.04 -6.68 -39.53
CA LEU H 36 9.33 -5.49 -39.96
C LEU H 36 9.86 -4.30 -39.18
N VAL H 37 9.93 -3.18 -39.85
CA VAL H 37 10.23 -1.87 -39.32
C VAL H 37 9.21 -0.86 -39.81
N ILE H 38 8.59 -0.10 -38.91
CA ILE H 38 7.84 1.12 -39.26
C ILE H 38 8.50 2.29 -38.59
N LYS H 39 8.94 3.27 -39.34
CA LYS H 39 9.54 4.47 -38.76
C LYS H 39 9.01 5.68 -39.46
N GLY H 40 9.34 6.81 -38.90
CA GLY H 40 9.11 8.11 -39.49
C GLY H 40 9.30 9.18 -38.45
N GLU H 41 8.94 10.38 -38.84
CA GLU H 41 8.97 11.56 -37.99
C GLU H 41 7.67 12.32 -38.11
N GLN H 42 7.19 12.87 -37.00
CA GLN H 42 6.14 13.87 -37.10
C GLN H 42 6.72 15.26 -37.41
N LYS H 43 6.04 15.98 -38.30
CA LYS H 43 6.35 17.37 -38.66
C LYS H 43 5.39 18.32 -37.93
N LYS H 44 5.34 19.56 -38.40
CA LYS H 44 4.36 20.59 -38.01
C LYS H 44 3.29 20.70 -39.10
N GLU H 45 2.20 21.37 -38.77
CA GLU H 45 1.09 21.69 -39.67
C GLU H 45 0.64 23.14 -39.44
N ASP H 46 -0.52 23.48 -39.98
CA ASP H 46 -1.20 24.76 -39.81
C ASP H 46 -1.34 25.13 -38.33
N SER H 47 -1.13 26.40 -38.02
CA SER H 47 -1.38 26.95 -36.68
C SER H 47 -2.88 27.04 -36.36
N ASP H 48 -3.72 27.05 -37.41
CA ASP H 48 -5.16 26.84 -37.30
C ASP H 48 -5.47 25.46 -36.69
N ASP H 49 -4.56 24.49 -36.79
CA ASP H 49 -4.80 23.12 -36.36
C ASP H 49 -4.32 22.68 -34.95
N SER H 50 -5.13 21.84 -34.27
CA SER H 50 -5.05 21.56 -32.80
C SER H 50 -4.70 20.13 -32.71
N TRP H 51 -4.00 19.80 -31.64
CA TRP H 51 -3.84 18.44 -31.24
C TRP H 51 -3.69 18.27 -29.75
N SER H 52 -4.51 17.39 -29.16
CA SER H 52 -4.37 17.01 -27.76
C SER H 52 -3.91 15.59 -27.78
N GLY H 53 -2.95 15.29 -26.94
CA GLY H 53 -2.31 13.99 -27.01
C GLY H 53 -0.82 14.17 -26.85
N ARG H 54 -0.10 13.15 -27.30
CA ARG H 54 1.35 13.19 -27.28
C ARG H 54 1.90 14.21 -28.26
N SER H 55 3.15 14.60 -28.00
CA SER H 55 3.89 15.52 -28.85
C SER H 55 4.44 14.81 -30.09
N VAL H 56 5.25 15.57 -30.82
CA VAL H 56 5.97 15.21 -32.04
C VAL H 56 7.36 14.69 -31.70
N SER H 57 7.82 13.69 -32.44
CA SER H 57 9.22 13.28 -32.52
C SER H 57 9.39 12.29 -33.68
N SER H 58 10.59 11.74 -33.86
CA SER H 58 10.72 10.47 -34.56
C SER H 58 10.15 9.33 -33.74
N TYR H 59 9.90 8.24 -34.46
CA TYR H 59 9.22 7.09 -33.95
C TYR H 59 9.73 5.89 -34.79
N GLY H 60 9.85 4.66 -34.24
CA GLY H 60 10.41 3.57 -35.05
C GLY H 60 10.35 2.10 -34.59
N THR H 61 9.37 1.29 -35.08
CA THR H 61 8.80 0.01 -34.56
C THR H 61 9.32 -1.20 -35.25
N ARG H 62 9.56 -2.29 -34.52
CA ARG H 62 10.30 -3.45 -34.97
C ARG H 62 9.63 -4.77 -34.63
N LEU H 63 9.23 -5.55 -35.61
CA LEU H 63 8.38 -6.69 -35.37
C LEU H 63 8.96 -7.96 -35.92
N GLN H 64 8.94 -9.00 -35.11
CA GLN H 64 9.50 -10.26 -35.54
C GLN H 64 8.53 -11.01 -36.45
N LEU H 65 8.89 -11.01 -37.72
CA LEU H 65 8.20 -11.83 -38.70
C LEU H 65 8.45 -13.33 -38.47
N PRO H 66 7.47 -14.20 -38.80
CA PRO H 66 7.75 -15.61 -38.98
C PRO H 66 8.82 -15.75 -40.05
N ASP H 67 9.68 -16.75 -39.90
CA ASP H 67 10.78 -16.95 -40.85
C ASP H 67 10.25 -17.25 -42.28
N ASN H 68 9.11 -17.95 -42.29
CA ASN H 68 8.28 -18.27 -43.45
C ASN H 68 7.07 -17.34 -43.59
N CYS H 69 7.33 -16.04 -43.62
CA CYS H 69 6.35 -15.04 -44.04
C CYS H 69 6.67 -14.60 -45.46
N GLU H 70 5.64 -14.15 -46.17
CA GLU H 70 5.89 -13.53 -47.46
C GLU H 70 6.34 -12.07 -47.27
N LYS H 71 7.65 -11.88 -47.09
CA LYS H 71 8.26 -10.55 -47.03
C LYS H 71 7.97 -9.74 -48.30
N ASP H 72 7.93 -10.42 -49.45
CA ASP H 72 7.72 -9.82 -50.78
C ASP H 72 6.31 -9.22 -50.90
N LYS H 73 5.31 -9.90 -50.34
CA LYS H 73 3.88 -9.53 -50.47
C LYS H 73 3.39 -8.60 -49.36
N ILE H 74 4.25 -8.21 -48.43
CA ILE H 74 3.91 -7.14 -47.49
C ILE H 74 3.29 -5.97 -48.23
N LYS H 75 2.19 -5.46 -47.68
CA LYS H 75 1.57 -4.22 -48.14
C LYS H 75 1.39 -3.29 -46.95
N ALA H 76 1.42 -1.99 -47.21
CA ALA H 76 1.08 -0.97 -46.24
C ALA H 76 0.18 0.08 -46.85
N GLU H 77 -0.88 0.41 -46.10
CA GLU H 77 -1.81 1.47 -46.46
C GLU H 77 -1.83 2.49 -45.34
N LEU H 78 -1.95 3.77 -45.68
CA LEU H 78 -2.22 4.84 -44.71
C LEU H 78 -3.51 5.56 -45.09
N LYS H 79 -4.47 5.61 -44.17
CA LYS H 79 -5.67 6.44 -44.30
C LYS H 79 -6.04 7.05 -42.95
N ASN H 80 -6.48 8.31 -42.94
CA ASN H 80 -7.02 8.99 -41.76
C ASN H 80 -6.18 8.78 -40.47
N GLY H 81 -4.87 9.01 -40.54
CA GLY H 81 -4.01 8.95 -39.35
C GLY H 81 -3.66 7.55 -38.89
N VAL H 82 -3.99 6.51 -39.65
CA VAL H 82 -3.52 5.17 -39.36
C VAL H 82 -2.74 4.58 -40.50
N LEU H 83 -1.76 3.81 -40.10
CA LEU H 83 -1.12 2.88 -41.00
C LEU H 83 -1.68 1.50 -40.75
N PHE H 84 -1.83 0.72 -41.79
CA PHE H 84 -2.10 -0.71 -41.74
C PHE H 84 -1.05 -1.43 -42.53
N ILE H 85 -0.38 -2.37 -41.90
CA ILE H 85 0.54 -3.29 -42.54
C ILE H 85 -0.12 -4.65 -42.55
N THR H 86 0.04 -5.33 -43.66
CA THR H 86 -0.40 -6.70 -43.87
C THR H 86 0.79 -7.57 -44.24
N ILE H 87 1.12 -8.63 -43.49
CA ILE H 87 2.06 -9.68 -43.96
C ILE H 87 1.32 -10.99 -44.26
N PRO H 88 1.24 -11.34 -45.54
CA PRO H 88 0.72 -12.62 -45.98
C PRO H 88 1.43 -13.81 -45.34
N LYS H 89 0.63 -14.73 -44.80
CA LYS H 89 1.16 -16.01 -44.33
C LYS H 89 1.50 -16.88 -45.53
N THR H 90 2.44 -17.79 -45.31
CA THR H 90 2.79 -18.80 -46.32
C THR H 90 1.61 -19.72 -46.68
N LYS H 91 0.76 -20.01 -45.68
CA LYS H 91 -0.49 -20.73 -45.82
C LYS H 91 -1.56 -19.93 -45.08
N VAL H 92 -2.66 -19.64 -45.75
CA VAL H 92 -3.88 -19.18 -45.07
C VAL H 92 -4.34 -20.30 -44.14
N GLU H 93 -4.36 -20.01 -42.85
CA GLU H 93 -4.97 -20.87 -41.84
C GLU H 93 -5.66 -19.96 -40.84
N ARG H 94 -6.99 -19.89 -40.93
CA ARG H 94 -7.76 -19.23 -39.89
C ARG H 94 -7.54 -20.00 -38.60
N LYS H 95 -7.39 -19.29 -37.48
CA LYS H 95 -7.71 -19.90 -36.17
C LYS H 95 -9.16 -20.37 -36.25
N VAL H 96 -9.44 -21.64 -35.99
CA VAL H 96 -10.84 -22.04 -35.87
C VAL H 96 -11.37 -21.55 -34.54
N ILE H 97 -12.58 -21.02 -34.56
CA ILE H 97 -13.31 -20.69 -33.35
C ILE H 97 -14.67 -21.38 -33.41
N ASP H 98 -14.92 -22.30 -32.50
CA ASP H 98 -16.23 -22.95 -32.37
C ASP H 98 -17.04 -22.15 -31.35
N VAL H 99 -17.74 -21.14 -31.85
CA VAL H 99 -18.73 -20.39 -31.07
C VAL H 99 -20.11 -20.78 -31.57
N GLN H 100 -21.05 -20.94 -30.63
CA GLN H 100 -22.45 -21.17 -30.97
C GLN H 100 -23.04 -19.94 -31.67
N ILE H 101 -23.09 -20.02 -33.00
CA ILE H 101 -23.78 -19.09 -33.89
C ILE H 101 -24.47 -19.93 -34.96
N GLN H 102 -25.69 -19.53 -35.29
CA GLN H 102 -26.42 -20.04 -36.45
C GLN H 102 -26.00 -19.31 -37.73
N LEU I 1 21.05 20.73 13.96
CA LEU I 1 21.96 21.76 13.41
C LEU I 1 22.27 21.26 12.02
N LEU I 2 21.90 22.03 11.00
CA LEU I 2 22.39 21.65 9.69
C LEU I 2 23.91 21.68 9.77
N ASP I 3 24.51 20.62 9.26
CA ASP I 3 25.94 20.55 9.11
C ASP I 3 26.18 19.99 7.69
N PRO I 4 26.83 20.76 6.81
CA PRO I 4 27.03 20.32 5.43
C PRO I 4 28.02 19.16 5.40
N LEU I 5 28.91 19.02 6.38
CA LEU I 5 29.85 17.90 6.48
C LEU I 5 29.13 16.60 6.81
N SER I 6 27.96 16.70 7.46
CA SER I 6 27.36 15.53 8.09
C SER I 6 27.11 14.44 7.05
N PRO I 7 27.48 13.20 7.40
CA PRO I 7 27.22 12.03 6.60
C PRO I 7 25.72 11.87 6.18
N MET I 8 24.73 12.39 6.91
CA MET I 8 23.32 12.09 6.55
C MET I 8 22.83 12.60 5.20
N ARG I 9 23.37 13.72 4.73
CA ARG I 9 22.92 14.29 3.46
C ARG I 9 23.61 13.62 2.30
N THR I 10 22.96 13.68 1.16
CA THR I 10 23.61 13.24 -0.06
C THR I 10 24.36 14.41 -0.59
N MET I 11 25.62 14.13 -0.73
CA MET I 11 26.42 14.73 -1.73
C MET I 11 27.10 13.54 -2.36
N ARG I 12 28.05 13.80 -3.24
CA ARG I 12 29.09 12.81 -3.39
C ARG I 12 29.83 12.86 -2.06
N GLN I 13 29.72 11.81 -1.27
CA GLN I 13 30.49 11.61 -0.05
C GLN I 13 30.56 10.12 0.26
N MET I 14 30.98 9.80 1.49
CA MET I 14 31.40 8.46 1.92
C MET I 14 30.16 7.74 2.27
N LEU I 15 29.36 8.50 3.04
CA LEU I 15 28.15 8.01 3.58
C LEU I 15 27.34 7.47 2.43
N ASP I 16 27.14 8.33 1.42
CA ASP I 16 26.22 8.10 0.31
C ASP I 16 24.81 7.79 0.84
N THR I 17 23.88 8.74 0.80
CA THR I 17 22.58 8.51 1.50
C THR I 17 21.90 7.25 1.05
N MET I 18 22.01 6.94 -0.25
CA MET I 18 21.31 5.83 -0.88
C MET I 18 21.62 4.48 -0.23
N ASP I 19 22.74 4.40 0.49
CA ASP I 19 23.17 3.23 1.22
C ASP I 19 22.19 2.88 2.36
N ARG I 20 22.72 2.18 3.37
CA ARG I 20 22.02 1.75 4.57
C ARG I 20 21.11 2.82 5.12
N MET I 21 21.50 4.09 5.23
CA MET I 21 20.59 5.04 5.90
C MET I 21 19.30 5.29 5.13
N PHE I 22 19.36 5.50 3.81
CA PHE I 22 18.16 5.79 3.05
C PHE I 22 17.36 4.52 2.82
N GLU I 23 18.03 3.41 2.49
CA GLU I 23 17.34 2.14 2.29
C GLU I 23 16.66 1.66 3.58
N ASP I 24 17.28 1.85 4.76
CA ASP I 24 16.77 1.36 6.05
C ASP I 24 15.45 2.05 6.39
N THR I 25 15.45 3.39 6.36
CA THR I 25 14.27 4.18 6.68
C THR I 25 13.85 5.04 5.50
N MET I 26 13.51 4.40 4.38
CA MET I 26 12.93 5.12 3.23
C MET I 26 11.59 5.78 3.61
N PRO I 27 10.64 5.09 4.27
CA PRO I 27 9.53 5.76 4.94
C PRO I 27 10.01 6.60 6.13
N VAL I 28 9.40 7.78 6.27
CA VAL I 28 9.53 8.64 7.47
C VAL I 28 8.56 8.22 8.57
N SER I 29 8.65 6.96 8.99
CA SER I 29 7.87 6.44 10.12
C SER I 29 8.58 6.77 11.42
N GLY I 30 8.00 7.63 12.25
CA GLY I 30 8.61 8.04 13.52
C GLY I 30 8.52 9.54 13.76
N ARG I 31 9.63 10.14 14.22
CA ARG I 31 9.68 11.57 14.52
C ARG I 31 9.34 12.41 13.29
N ASN I 32 8.67 13.54 13.52
CA ASN I 32 8.38 14.52 12.49
C ASN I 32 9.64 15.23 11.99
N ARG I 33 9.54 15.77 10.77
CA ARG I 33 10.66 16.50 10.16
C ARG I 33 10.98 17.83 10.84
N GLY I 34 9.95 18.55 11.30
CA GLY I 34 10.02 20.01 11.50
C GLY I 34 10.02 20.78 10.17
N GLY I 35 9.82 20.07 9.05
CA GLY I 35 9.72 20.61 7.69
C GLY I 35 8.57 21.59 7.50
N SER I 36 7.54 21.51 8.33
CA SER I 36 6.45 22.47 8.44
C SER I 36 6.94 23.82 8.98
N GLY I 37 7.67 23.79 10.11
CA GLY I 37 8.22 24.99 10.74
C GLY I 37 9.35 25.64 9.94
N VAL I 38 10.23 24.85 9.30
CA VAL I 38 11.26 25.43 8.41
C VAL I 38 10.70 25.93 7.07
N SER I 39 9.50 25.48 6.66
CA SER I 39 8.84 26.04 5.47
C SER I 39 8.53 27.50 5.69
N GLU I 40 8.40 27.94 6.95
CA GLU I 40 8.21 29.33 7.29
C GLU I 40 9.31 30.15 6.62
N ILE I 41 10.56 29.73 6.88
CA ILE I 41 11.70 30.38 6.28
C ILE I 41 12.64 29.39 5.65
N ARG I 42 12.55 29.35 4.33
CA ARG I 42 13.59 28.75 3.53
C ARG I 42 14.80 29.67 3.54
N ALA I 43 15.95 29.06 3.81
CA ALA I 43 17.22 29.74 3.84
C ALA I 43 18.29 28.91 3.13
N PRO I 44 19.05 29.51 2.22
CA PRO I 44 20.29 28.92 1.69
C PRO I 44 21.47 29.23 2.58
N TRP I 45 22.60 28.78 2.09
CA TRP I 45 23.91 29.13 2.57
C TRP I 45 24.87 29.06 1.38
N ASP I 46 25.56 30.16 1.08
CA ASP I 46 26.76 30.15 0.25
C ASP I 46 27.97 30.56 1.08
N ILE I 47 29.07 29.93 0.72
CA ILE I 47 30.41 30.19 1.23
C ILE I 47 31.15 30.92 0.12
N LYS I 48 31.54 32.16 0.37
CA LYS I 48 32.54 32.82 -0.45
C LYS I 48 33.93 32.62 0.19
N GLU I 49 34.97 32.85 -0.59
CA GLU I 49 36.35 32.71 -0.16
C GLU I 49 36.73 33.64 0.98
N GLU I 50 36.30 34.91 0.87
CA GLU I 50 36.51 35.93 1.88
C GLU I 50 35.76 35.59 3.15
N GLU I 51 34.54 35.09 2.99
CA GLU I 51 33.69 34.85 4.11
C GLU I 51 32.69 33.69 3.87
N HIS I 52 32.30 33.01 4.96
CA HIS I 52 30.90 32.61 5.11
C HIS I 52 30.13 33.86 5.51
N GLU I 53 30.45 35.04 4.96
CA GLU I 53 29.63 36.25 4.84
C GLU I 53 28.36 35.68 4.31
N ILE I 54 27.61 35.19 5.32
CA ILE I 54 26.92 33.96 5.11
C ILE I 54 26.04 34.49 4.11
N LYS I 55 26.18 33.80 3.03
CA LYS I 55 25.26 34.02 2.06
C LYS I 55 24.07 33.17 2.55
N MET I 56 23.52 33.49 3.72
CA MET I 56 22.37 32.90 4.31
C MET I 56 21.38 34.00 4.27
N ARG I 57 20.55 33.86 3.28
CA ARG I 57 19.32 34.59 3.25
C ARG I 57 18.29 33.76 3.90
N PHE I 58 17.29 34.43 4.42
CA PHE I 58 16.07 33.79 4.80
C PHE I 58 14.94 34.68 4.25
N ASP I 59 13.89 34.08 3.70
CA ASP I 59 12.67 34.78 3.33
C ASP I 59 11.69 34.95 4.45
N MET I 60 11.74 36.06 5.17
CA MET I 60 10.63 36.43 6.07
C MET I 60 9.89 37.67 5.61
N PRO I 61 8.96 37.51 4.66
CA PRO I 61 8.13 38.60 4.21
C PRO I 61 7.27 39.11 5.38
N GLY I 62 7.26 40.43 5.57
CA GLY I 62 6.34 41.10 6.51
C GLY I 62 6.79 41.01 7.95
N LEU I 63 7.99 40.49 8.17
CA LEU I 63 8.57 40.33 9.48
C LEU I 63 9.23 41.61 9.96
N SER I 64 9.12 41.85 11.25
CA SER I 64 9.86 42.90 11.91
C SER I 64 11.04 42.34 12.71
N LYS I 65 12.10 43.12 12.80
CA LYS I 65 13.36 42.82 13.49
C LYS I 65 13.15 42.49 14.97
N GLU I 66 12.07 42.94 15.61
CA GLU I 66 11.69 42.50 16.96
C GLU I 66 11.33 41.00 17.00
N ASP I 67 10.64 40.52 15.96
CA ASP I 67 10.17 39.15 15.83
C ASP I 67 11.24 38.15 15.45
N VAL I 68 12.28 38.57 14.71
CA VAL I 68 13.43 37.69 14.39
C VAL I 68 14.56 37.90 15.39
N LYS I 69 15.36 36.88 15.54
CA LYS I 69 16.61 36.93 16.28
C LYS I 69 17.66 36.13 15.52
N ILE I 70 18.84 36.72 15.48
CA ILE I 70 20.07 36.03 15.14
C ILE I 70 20.91 35.93 16.39
N SER I 71 21.22 34.69 16.75
CA SER I 71 22.09 34.40 17.87
C SER I 71 23.20 33.49 17.41
N VAL I 72 24.28 33.49 18.17
CA VAL I 72 25.30 32.45 18.11
C VAL I 72 25.33 31.79 19.48
N GLU I 73 25.13 30.47 19.54
CA GLU I 73 25.31 29.66 20.76
C GLU I 73 26.18 28.46 20.43
N ASP I 74 27.11 28.09 21.30
CA ASP I 74 28.12 27.06 21.01
C ASP I 74 28.99 27.41 19.79
N ASN I 75 29.10 28.70 19.46
CA ASN I 75 29.64 29.26 18.22
C ASN I 75 28.92 28.86 16.91
N VAL I 76 27.73 28.28 17.03
CA VAL I 76 26.80 27.88 15.96
C VAL I 76 25.80 28.99 15.70
N LEU I 77 25.48 29.23 14.43
CA LEU I 77 24.42 30.17 14.08
C LEU I 77 23.04 29.64 14.47
N VAL I 78 22.19 30.57 14.90
CA VAL I 78 20.77 30.37 15.17
C VAL I 78 19.96 31.46 14.50
N ILE I 79 18.94 31.03 13.78
CA ILE I 79 17.87 31.86 13.24
C ILE I 79 16.58 31.43 13.89
N LYS I 80 15.78 32.37 14.35
CA LYS I 80 14.48 32.07 14.94
C LYS I 80 13.62 33.30 14.90
N GLY I 81 12.34 33.08 14.97
CA GLY I 81 11.36 34.14 15.05
C GLY I 81 10.01 33.59 14.68
N GLU I 82 9.06 34.49 14.60
CA GLU I 82 7.71 34.22 14.16
C GLU I 82 7.04 35.54 13.84
N GLN I 83 6.34 35.61 12.71
CA GLN I 83 5.52 36.79 12.40
C GLN I 83 4.58 37.03 13.56
N LYS I 84 4.28 38.30 13.82
CA LYS I 84 3.25 38.64 14.80
C LYS I 84 1.95 37.91 14.49
N LYS I 85 1.18 37.69 15.55
CA LYS I 85 -0.23 37.30 15.47
C LYS I 85 -1.03 38.32 14.64
N GLU I 86 -2.26 37.93 14.33
CA GLU I 86 -3.29 38.77 13.71
C GLU I 86 -3.86 39.82 14.70
N ASP I 87 -3.89 41.09 14.29
CA ASP I 87 -4.71 42.16 14.89
C ASP I 87 -6.23 41.96 14.59
N SER I 88 -7.16 42.78 15.11
CA SER I 88 -8.61 42.54 14.87
C SER I 88 -9.01 42.63 13.39
N ASP I 89 -8.53 43.67 12.73
CA ASP I 89 -8.72 43.97 11.31
C ASP I 89 -7.39 43.86 10.56
N ASP I 90 -6.50 42.98 11.00
CA ASP I 90 -5.23 42.82 10.31
C ASP I 90 -5.51 42.54 8.85
N SER I 91 -4.84 43.29 7.98
CA SER I 91 -4.68 42.72 6.66
C SER I 91 -3.69 41.67 6.95
N TRP I 92 -4.11 40.41 6.77
CA TRP I 92 -3.22 39.28 6.73
C TRP I 92 -2.03 39.75 5.99
N SER I 93 -2.26 39.93 4.70
CA SER I 93 -1.15 39.71 3.85
C SER I 93 -0.43 38.42 4.46
N GLY I 94 -1.06 37.22 4.47
CA GLY I 94 -0.31 35.99 4.27
C GLY I 94 -1.03 34.69 4.16
N ARG I 95 -0.14 33.71 4.14
CA ARG I 95 -0.56 32.46 4.73
C ARG I 95 0.03 32.46 6.13
N SER I 96 -0.32 31.42 6.87
CA SER I 96 0.14 31.25 8.23
C SER I 96 1.66 31.16 8.25
N VAL I 97 2.25 32.13 8.94
CA VAL I 97 3.63 32.18 9.38
C VAL I 97 3.61 31.86 10.87
N SER I 98 4.57 31.09 11.39
CA SER I 98 4.71 30.89 12.82
C SER I 98 6.06 30.29 13.20
N SER I 99 6.36 30.36 14.51
CA SER I 99 7.33 29.56 15.26
C SER I 99 8.27 28.73 14.40
N TYR I 100 9.48 29.24 14.23
CA TYR I 100 10.56 28.41 13.73
C TYR I 100 11.89 28.81 14.33
N GLY I 101 12.77 27.81 14.36
CA GLY I 101 14.16 27.97 14.75
C GLY I 101 15.02 27.02 13.91
N THR I 102 16.02 27.57 13.25
CA THR I 102 17.01 26.84 12.46
C THR I 102 18.40 27.16 12.95
N ARG I 103 19.27 26.15 12.87
CA ARG I 103 20.64 26.26 13.35
C ARG I 103 21.55 25.69 12.29
N LEU I 104 22.67 26.36 12.02
CA LEU I 104 23.69 25.92 11.06
C LEU I 104 25.04 25.86 11.77
N GLN I 105 25.68 24.71 11.71
CA GLN I 105 27.03 24.56 12.22
C GLN I 105 27.99 25.23 11.24
N LEU I 106 28.66 26.27 11.74
CA LEU I 106 29.76 26.87 11.01
C LEU I 106 30.97 25.94 11.06
N PRO I 107 31.77 25.91 9.98
CA PRO I 107 33.03 25.17 9.97
C PRO I 107 34.08 25.68 10.96
N ASP I 108 34.05 26.96 11.33
CA ASP I 108 34.91 27.54 12.37
C ASP I 108 34.08 28.36 13.36
N ASN I 109 34.59 28.54 14.59
CA ASN I 109 34.01 29.48 15.54
C ASN I 109 34.02 30.89 14.94
N CYS I 110 32.87 31.57 14.97
CA CYS I 110 32.79 32.94 14.45
C CYS I 110 33.15 33.96 15.54
N GLU I 111 33.80 35.05 15.12
CA GLU I 111 33.81 36.26 15.92
C GLU I 111 32.42 36.92 15.91
N LYS I 112 31.71 36.89 17.04
CA LYS I 112 30.34 37.46 17.15
C LYS I 112 30.26 38.94 16.78
N ASP I 113 31.31 39.73 17.03
CA ASP I 113 31.34 41.14 16.64
C ASP I 113 31.37 41.32 15.10
N LYS I 114 32.07 40.41 14.40
CA LYS I 114 32.24 40.46 12.95
C LYS I 114 30.99 40.12 12.17
N ILE I 115 30.07 39.32 12.74
CA ILE I 115 28.85 38.95 12.02
C ILE I 115 27.93 40.18 11.87
N LYS I 116 27.42 40.46 10.65
CA LYS I 116 26.38 41.50 10.44
C LYS I 116 25.08 40.80 10.06
N ALA I 117 23.95 41.25 10.57
CA ALA I 117 22.67 40.82 10.04
C ALA I 117 21.91 42.04 9.57
N GLU I 118 21.29 41.96 8.41
CA GLU I 118 20.36 42.98 7.94
C GLU I 118 19.05 42.35 7.54
N LEU I 119 17.95 43.07 7.77
CA LEU I 119 16.65 42.72 7.20
C LEU I 119 16.21 43.82 6.24
N LYS I 120 15.97 43.48 4.98
CA LYS I 120 15.39 44.38 3.97
C LYS I 120 14.55 43.60 2.97
N ASN I 121 13.47 44.19 2.48
CA ASN I 121 12.62 43.60 1.44
C ASN I 121 12.00 42.23 1.82
N GLY I 122 11.83 41.98 3.13
CA GLY I 122 11.39 40.69 3.65
C GLY I 122 12.50 39.64 3.71
N VAL I 123 13.75 40.04 3.57
CA VAL I 123 14.89 39.14 3.49
C VAL I 123 15.89 39.43 4.57
N LEU I 124 16.12 38.47 5.44
CA LEU I 124 17.31 38.57 6.26
C LEU I 124 18.49 38.16 5.42
N PHE I 125 19.59 38.85 5.61
CA PHE I 125 20.94 38.40 5.31
C PHE I 125 21.74 38.32 6.61
N ILE I 126 22.60 37.31 6.76
CA ILE I 126 23.57 37.24 7.85
C ILE I 126 25.00 37.06 7.31
N THR I 127 25.96 37.93 7.60
CA THR I 127 27.35 37.80 7.12
C THR I 127 28.26 37.18 8.18
N ILE I 128 28.92 36.02 8.00
CA ILE I 128 30.02 35.55 8.87
C ILE I 128 31.40 35.64 8.20
N PRO I 129 32.18 36.65 8.63
CA PRO I 129 33.58 36.67 8.30
C PRO I 129 34.38 35.51 8.86
N LYS I 130 35.17 34.87 7.97
CA LYS I 130 36.12 33.79 8.28
C LYS I 130 37.56 34.25 8.15
N THR I 131 38.42 33.45 8.75
CA THR I 131 39.85 33.67 8.75
C THR I 131 40.44 33.34 7.37
N LYS I 132 41.56 34.00 7.08
CA LYS I 132 42.27 33.82 5.82
C LYS I 132 43.07 32.54 5.96
N VAL I 133 43.00 31.72 4.93
CA VAL I 133 43.73 30.47 4.82
C VAL I 133 44.18 30.37 3.37
N GLU I 134 45.31 29.73 3.13
CA GLU I 134 45.71 29.33 1.78
C GLU I 134 44.70 28.37 1.15
N ARG I 135 43.93 27.69 2.01
CA ARG I 135 43.27 26.42 1.73
C ARG I 135 44.33 25.38 1.42
N LYS I 136 44.00 24.15 1.78
CA LYS I 136 44.86 23.03 1.50
C LYS I 136 44.91 22.93 0.00
N VAL I 137 46.08 23.20 -0.54
CA VAL I 137 46.27 23.08 -1.96
C VAL I 137 46.02 21.64 -2.37
N ILE I 138 45.40 21.52 -3.53
CA ILE I 138 45.03 20.25 -4.09
C ILE I 138 46.13 19.80 -5.05
N ASP I 139 46.81 18.71 -4.73
CA ASP I 139 47.79 18.11 -5.63
C ASP I 139 47.09 17.38 -6.77
N VAL I 140 47.72 17.36 -7.95
CA VAL I 140 47.20 16.70 -9.14
C VAL I 140 47.99 15.42 -9.39
N GLN I 141 47.30 14.38 -9.87
CA GLN I 141 47.93 13.15 -10.36
C GLN I 141 47.88 13.11 -11.89
N ILE I 142 48.81 12.38 -12.53
CA ILE I 142 48.80 12.11 -13.99
C ILE I 142 48.45 10.64 -14.34
N GLN I 143 47.74 10.37 -15.47
CA GLN I 143 47.42 9.01 -16.04
C GLN I 143 48.50 8.28 -16.85
N ARG J 1 2.26 30.93 -4.95
CA ARG J 1 1.21 30.41 -4.04
C ARG J 1 0.23 31.54 -3.82
N ALA J 2 -1.05 31.23 -3.72
CA ALA J 2 -2.03 32.28 -3.63
C ALA J 2 -3.25 31.85 -2.78
N PRO J 3 -3.52 32.46 -1.60
CA PRO J 3 -4.73 32.23 -0.80
C PRO J 3 -5.95 33.05 -1.23
N TRP J 4 -7.12 32.43 -1.12
CA TRP J 4 -8.41 33.06 -1.26
C TRP J 4 -8.98 33.38 0.10
N ASP J 5 -9.27 34.67 0.34
CA ASP J 5 -9.97 35.15 1.51
C ASP J 5 -11.18 35.90 1.19
N ILE J 6 -12.01 36.02 2.20
CA ILE J 6 -13.27 36.82 2.23
C ILE J 6 -13.14 37.87 3.34
N LYS J 7 -13.43 39.12 3.03
CA LYS J 7 -13.87 40.13 4.00
C LYS J 7 -15.32 40.51 3.78
N GLU J 8 -15.92 41.17 4.74
CA GLU J 8 -17.24 41.78 4.53
C GLU J 8 -17.25 42.75 3.36
N GLU J 9 -16.29 43.67 3.29
CA GLU J 9 -16.23 44.67 2.23
C GLU J 9 -15.98 43.99 0.89
N GLU J 10 -15.11 42.99 0.92
CA GLU J 10 -14.54 42.51 -0.30
C GLU J 10 -13.88 41.15 -0.23
N HIS J 11 -13.95 40.52 -1.39
CA HIS J 11 -13.21 39.31 -1.68
C HIS J 11 -12.85 39.48 -3.11
N GLU J 12 -13.87 39.13 -3.86
CA GLU J 12 -13.67 38.11 -4.86
C GLU J 12 -12.44 37.22 -4.54
N ILE J 13 -11.34 37.65 -5.12
CA ILE J 13 -10.00 37.41 -4.70
C ILE J 13 -9.61 38.50 -3.76
N LYS J 14 -9.89 38.29 -2.47
CA LYS J 14 -9.05 38.89 -1.45
C LYS J 14 -7.78 38.07 -1.41
N MET J 15 -6.97 38.22 -2.46
CA MET J 15 -5.89 37.29 -2.70
C MET J 15 -4.60 37.86 -2.19
N ARG J 16 -3.76 36.93 -1.75
CA ARG J 16 -2.33 37.15 -1.84
C ARG J 16 -1.65 36.42 -2.96
N PHE J 17 -0.42 36.83 -3.17
CA PHE J 17 0.59 36.00 -3.78
C PHE J 17 1.86 36.07 -2.96
N ASP J 18 2.59 34.97 -2.90
CA ASP J 18 4.00 34.98 -2.54
C ASP J 18 4.84 35.21 -3.83
N MET J 19 5.19 36.49 -4.05
CA MET J 19 6.00 37.11 -5.12
C MET J 19 7.49 37.42 -4.76
N PRO J 20 8.17 36.77 -3.79
CA PRO J 20 9.46 37.27 -3.29
C PRO J 20 10.51 37.38 -4.41
N GLY J 21 11.25 38.49 -4.39
CA GLY J 21 12.22 38.85 -5.43
C GLY J 21 11.61 39.49 -6.68
N LEU J 22 10.31 39.84 -6.66
CA LEU J 22 9.69 40.62 -7.72
C LEU J 22 9.62 42.09 -7.42
N SER J 23 9.97 42.81 -8.47
CA SER J 23 9.64 44.20 -8.66
C SER J 23 8.18 44.37 -9.17
N LYS J 24 7.45 45.40 -8.72
CA LYS J 24 6.10 45.84 -9.14
C LYS J 24 6.13 46.08 -10.68
N GLU J 25 7.25 46.51 -11.31
CA GLU J 25 7.37 46.55 -12.80
C GLU J 25 7.12 45.18 -13.44
N ASP J 26 7.71 44.14 -12.83
CA ASP J 26 7.67 42.78 -13.35
C ASP J 26 6.27 42.17 -13.18
N VAL J 27 5.41 42.75 -12.34
CA VAL J 27 4.06 42.26 -12.06
C VAL J 27 3.04 43.02 -12.89
N LYS J 28 2.03 42.27 -13.31
CA LYS J 28 0.80 42.79 -13.88
C LYS J 28 -0.39 42.22 -13.15
N ILE J 29 -1.27 43.11 -12.73
CA ILE J 29 -2.64 42.78 -12.37
C ILE J 29 -3.58 43.24 -13.46
N SER J 30 -4.57 42.43 -13.74
CA SER J 30 -5.55 42.76 -14.74
C SER J 30 -6.82 42.00 -14.55
N VAL J 31 -7.89 42.47 -15.15
CA VAL J 31 -9.08 41.66 -15.33
C VAL J 31 -9.17 41.41 -16.83
N GLU J 32 -9.06 40.21 -17.38
CA GLU J 32 -9.33 39.94 -18.82
C GLU J 32 -10.45 38.91 -18.95
N ASP J 33 -11.37 39.04 -19.92
CA ASP J 33 -12.59 38.19 -19.95
C ASP J 33 -13.43 38.27 -18.66
N ASN J 34 -13.36 39.41 -17.97
CA ASN J 34 -13.83 39.65 -16.59
C ASN J 34 -13.26 38.77 -15.49
N VAL J 35 -12.21 38.02 -15.76
CA VAL J 35 -11.44 37.19 -14.83
C VAL J 35 -10.23 37.98 -14.36
N LEU J 36 -9.90 37.94 -13.07
CA LEU J 36 -8.64 38.49 -12.58
C LEU J 36 -7.51 37.69 -13.19
N VAL J 37 -6.44 38.38 -13.49
CA VAL J 37 -5.17 37.86 -13.92
C VAL J 37 -4.05 38.51 -13.10
N ILE J 38 -3.17 37.71 -12.52
CA ILE J 38 -1.88 38.17 -11.99
C ILE J 38 -0.77 37.47 -12.73
N LYS J 39 0.10 38.21 -13.39
CA LYS J 39 1.22 37.60 -14.08
C LYS J 39 2.47 38.40 -13.81
N GLY J 40 3.57 37.83 -14.24
CA GLY J 40 4.85 38.49 -14.26
C GLY J 40 5.93 37.47 -14.50
N GLU J 41 7.16 37.94 -14.35
CA GLU J 41 8.36 37.13 -14.46
C GLU J 41 9.28 37.43 -13.31
N GLN J 42 9.95 36.40 -12.79
CA GLN J 42 11.08 36.64 -11.91
C GLN J 42 12.35 36.93 -12.71
N LYS J 43 13.13 37.90 -12.24
CA LYS J 43 14.44 38.27 -12.79
C LYS J 43 15.55 37.70 -11.90
N LYS J 44 16.76 38.21 -12.08
CA LYS J 44 17.93 37.96 -11.23
C LYS J 44 18.14 39.17 -10.31
N GLU J 45 18.96 38.98 -9.29
CA GLU J 45 19.39 40.01 -8.32
C GLU J 45 20.90 39.88 -8.08
N ASP J 46 21.38 40.56 -7.04
CA ASP J 46 22.74 40.51 -6.54
C ASP J 46 23.19 39.07 -6.28
N SER J 47 24.44 38.77 -6.65
CA SER J 47 25.08 37.49 -6.34
C SER J 47 25.40 37.34 -4.84
N ASP J 48 25.47 38.47 -4.13
CA ASP J 48 25.47 38.52 -2.67
C ASP J 48 24.18 37.91 -2.10
N ASP J 49 23.09 37.88 -2.87
CA ASP J 49 21.78 37.43 -2.39
C ASP J 49 21.36 35.96 -2.63
N SER J 50 20.68 35.35 -1.63
CA SER J 50 20.44 33.89 -1.54
C SER J 50 18.97 33.71 -1.68
N TRP J 51 18.63 32.55 -2.21
CA TRP J 51 17.27 32.09 -2.13
C TRP J 51 17.15 30.57 -2.10
N SER J 52 16.43 30.06 -1.11
CA SER J 52 16.10 28.64 -1.04
C SER J 52 14.63 28.56 -1.28
N GLY J 53 14.24 27.61 -2.10
CA GLY J 53 12.87 27.56 -2.55
C GLY J 53 12.83 27.24 -4.03
N ARG J 54 11.70 27.58 -4.63
CA ARG J 54 11.54 27.39 -6.08
C ARG J 54 12.44 28.35 -6.86
N SER J 55 12.66 27.96 -8.11
CA SER J 55 13.43 28.75 -9.06
C SER J 55 12.60 29.90 -9.63
N VAL J 56 13.18 30.56 -10.62
CA VAL J 56 12.67 31.68 -11.40
C VAL J 56 11.99 31.17 -12.66
N SER J 57 10.90 31.81 -13.05
CA SER J 57 10.30 31.73 -14.38
C SER J 57 9.22 32.82 -14.52
N SER J 58 8.52 32.85 -15.65
CA SER J 58 7.21 33.49 -15.67
C SER J 58 6.19 32.70 -14.85
N TYR J 59 5.12 33.41 -14.53
CA TYR J 59 4.09 32.94 -13.64
C TYR J 59 2.80 33.68 -14.06
N GLY J 60 1.60 33.08 -13.95
CA GLY J 60 0.41 33.80 -14.42
C GLY J 60 -1.02 33.28 -14.10
N THR J 61 -1.71 33.85 -13.08
CA THR J 61 -2.88 33.36 -12.27
C THR J 61 -4.18 33.96 -12.70
N ARG J 62 -5.25 33.16 -12.69
CA ARG J 62 -6.52 33.50 -13.30
C ARG J 62 -7.72 33.18 -12.42
N LEU J 63 -8.49 34.17 -12.03
CA LEU J 63 -9.48 33.99 -10.99
C LEU J 63 -10.85 34.43 -11.45
N GLN J 64 -11.84 33.58 -11.20
CA GLN J 64 -13.18 33.92 -11.61
C GLN J 64 -13.83 34.89 -10.63
N LEU J 65 -13.94 36.12 -11.12
CA LEU J 65 -14.70 37.15 -10.43
C LEU J 65 -16.20 36.85 -10.44
N PRO J 66 -16.96 37.23 -9.39
CA PRO J 66 -18.39 37.35 -9.48
C PRO J 66 -18.74 38.29 -10.63
N ASP J 67 -19.83 38.01 -11.31
CA ASP J 67 -20.23 38.82 -12.46
C ASP J 67 -20.52 40.29 -12.05
N ASN J 68 -21.06 40.41 -10.83
CA ASN J 68 -21.32 41.64 -10.09
C ASN J 68 -20.23 41.95 -9.04
N CYS J 69 -18.98 41.98 -9.49
CA CYS J 69 -17.89 42.54 -8.72
C CYS J 69 -17.56 43.93 -9.24
N GLU J 70 -17.01 44.77 -8.37
CA GLU J 70 -16.48 46.04 -8.84
C GLU J 70 -15.10 45.86 -9.47
N LYS J 71 -15.09 45.54 -10.77
CA LYS J 71 -13.85 45.46 -11.56
C LYS J 71 -13.08 46.79 -11.52
N ASP J 72 -13.80 47.91 -11.50
CA ASP J 72 -13.23 49.27 -11.53
C ASP J 72 -12.45 49.56 -10.23
N LYS J 73 -12.96 49.09 -9.09
CA LYS J 73 -12.40 49.40 -7.76
C LYS J 73 -11.36 48.38 -7.29
N ILE J 74 -11.05 47.37 -8.10
CA ILE J 74 -9.90 46.51 -7.81
C ILE J 74 -8.69 47.36 -7.44
N LYS J 75 -8.01 46.95 -6.37
CA LYS J 75 -6.71 47.50 -6.00
C LYS J 75 -5.71 46.38 -5.82
N ALA J 76 -4.44 46.69 -6.07
CA ALA J 76 -3.34 45.79 -5.78
C ALA J 76 -2.20 46.53 -5.10
N GLU J 77 -1.70 45.92 -4.03
CA GLU J 77 -0.54 46.40 -3.30
C GLU J 77 0.53 45.33 -3.30
N LEU J 78 1.80 45.73 -3.40
CA LEU J 78 2.93 44.83 -3.20
C LEU J 78 3.81 45.38 -2.08
N LYS J 79 4.05 44.56 -1.04
CA LYS J 79 5.03 44.86 0.01
C LYS J 79 5.77 43.60 0.44
N ASN J 80 7.07 43.67 0.68
CA ASN J 80 7.86 42.57 1.24
C ASN J 80 7.59 41.19 0.59
N GLY J 81 7.62 41.10 -0.75
CA GLY J 81 7.52 39.83 -1.44
C GLY J 81 6.11 39.27 -1.53
N VAL J 82 5.09 40.02 -1.14
CA VAL J 82 3.72 39.62 -1.38
C VAL J 82 2.97 40.64 -2.19
N LEU J 83 2.07 40.13 -3.01
CA LEU J 83 1.03 40.93 -3.59
C LEU J 83 -0.26 40.71 -2.83
N PHE J 84 -1.06 41.75 -2.68
CA PHE J 84 -2.41 41.69 -2.20
C PHE J 84 -3.32 42.33 -3.22
N ILE J 85 -4.31 41.59 -3.68
CA ILE J 85 -5.38 42.10 -4.52
C ILE J 85 -6.63 42.13 -3.67
N THR J 86 -7.39 43.20 -3.86
CA THR J 86 -8.68 43.41 -3.24
C THR J 86 -9.74 43.61 -4.32
N ILE J 87 -10.79 42.80 -4.42
CA ILE J 87 -11.99 43.12 -5.25
C ILE J 87 -13.19 43.46 -4.36
N PRO J 88 -13.58 44.73 -4.37
CA PRO J 88 -14.79 45.18 -3.72
C PRO J 88 -16.04 44.44 -4.19
N LYS J 89 -16.82 43.96 -3.21
CA LYS J 89 -18.13 43.39 -3.50
C LYS J 89 -19.10 44.50 -3.83
N THR J 90 -20.12 44.15 -4.60
CA THR J 90 -21.22 45.09 -4.92
C THR J 90 -21.99 45.54 -3.66
N LYS J 91 -22.10 44.64 -2.68
CA LYS J 91 -22.65 44.89 -1.35
C LYS J 91 -21.68 44.29 -0.34
N VAL J 92 -21.26 45.09 0.63
CA VAL J 92 -20.62 44.56 1.84
C VAL J 92 -21.62 43.67 2.55
N GLU J 93 -21.26 42.40 2.67
CA GLU J 93 -21.98 41.43 3.48
C GLU J 93 -20.94 40.55 4.15
N ARG J 94 -20.69 40.78 5.45
CA ARG J 94 -19.87 39.85 6.22
C ARG J 94 -20.60 38.52 6.24
N LYS J 95 -19.86 37.41 6.11
CA LYS J 95 -20.36 36.14 6.64
C LYS J 95 -20.63 36.36 8.13
N VAL J 96 -21.84 36.09 8.61
CA VAL J 96 -22.03 36.12 10.06
C VAL J 96 -21.40 34.86 10.65
N ILE J 97 -20.72 35.04 11.76
CA ILE J 97 -20.22 33.93 12.57
C ILE J 97 -20.73 34.13 14.00
N ASP J 98 -21.56 33.22 14.47
CA ASP J 98 -22.00 33.20 15.86
C ASP J 98 -21.07 32.31 16.66
N VAL J 99 -19.99 32.91 17.15
CA VAL J 99 -19.07 32.27 18.11
C VAL J 99 -19.29 32.90 19.46
N GLN J 100 -19.27 32.08 20.51
CA GLN J 100 -19.32 32.55 21.88
C GLN J 100 -18.06 33.38 22.21
N ILE J 101 -18.20 34.69 22.14
CA ILE J 101 -17.22 35.68 22.58
C ILE J 101 -18.01 36.78 23.27
N GLN J 102 -17.46 37.27 24.38
CA GLN J 102 -17.92 38.49 25.05
C GLN J 102 -17.31 39.74 24.39
N LEU K 1 18.28 -15.50 -22.20
CA LEU K 1 19.15 -15.03 -23.28
C LEU K 1 18.55 -13.70 -23.67
N LEU K 2 19.31 -12.62 -23.53
CA LEU K 2 18.80 -11.38 -24.09
C LEU K 2 18.62 -11.63 -25.57
N ASP K 3 17.47 -11.23 -26.08
CA ASP K 3 17.19 -11.24 -27.49
C ASP K 3 16.54 -9.88 -27.79
N PRO K 4 17.15 -9.04 -28.64
CA PRO K 4 16.63 -7.71 -28.91
C PRO K 4 15.35 -7.83 -29.73
N LEU K 5 15.14 -8.91 -30.48
CA LEU K 5 13.90 -9.15 -31.23
C LEU K 5 12.73 -9.44 -30.31
N SER K 6 13.02 -9.95 -29.10
CA SER K 6 11.98 -10.55 -28.28
C SER K 6 10.88 -9.53 -27.98
N PRO K 7 9.62 -9.96 -28.14
CA PRO K 7 8.46 -9.17 -27.78
C PRO K 7 8.50 -8.59 -26.35
N MET K 8 9.18 -9.19 -25.34
CA MET K 8 9.06 -8.69 -23.95
C MET K 8 9.57 -7.27 -23.69
N ARG K 9 10.57 -6.83 -24.44
CA ARG K 9 11.14 -5.49 -24.21
C ARG K 9 10.33 -4.44 -24.92
N THR K 10 10.42 -3.23 -24.41
CA THR K 10 9.84 -2.11 -25.11
C THR K 10 10.87 -1.63 -26.08
N MET K 11 10.41 -1.64 -27.28
CA MET K 11 10.85 -0.72 -28.27
C MET K 11 9.53 -0.21 -28.84
N ARG K 12 9.61 0.57 -29.89
CA ARG K 12 8.49 0.58 -30.80
C ARG K 12 8.51 -0.83 -31.40
N GLN K 13 7.53 -1.64 -31.06
CA GLN K 13 7.30 -2.94 -31.65
C GLN K 13 5.83 -3.32 -31.46
N MET K 14 5.51 -4.60 -31.69
CA MET K 14 4.14 -5.10 -31.89
C MET K 14 3.63 -5.35 -30.50
N LEU K 15 4.52 -6.01 -29.75
CA LEU K 15 4.21 -6.42 -28.44
C LEU K 15 3.74 -5.19 -27.68
N ASP K 16 4.56 -4.14 -27.72
CA ASP K 16 4.41 -2.94 -26.91
C ASP K 16 4.32 -3.32 -25.43
N THR K 17 5.39 -3.16 -24.64
CA THR K 17 5.39 -3.70 -23.27
C THR K 17 4.21 -3.21 -22.46
N MET K 18 3.82 -1.96 -22.65
CA MET K 18 2.78 -1.30 -21.87
C MET K 18 1.43 -2.01 -21.91
N ASP K 19 1.24 -2.86 -22.94
CA ASP K 19 0.05 -3.67 -23.11
C ASP K 19 -0.10 -4.70 -21.97
N ARG K 20 -0.82 -5.78 -22.30
CA ARG K 20 -1.08 -6.91 -21.42
C ARG K 20 0.14 -7.33 -20.61
N MET K 21 1.34 -7.44 -21.18
CA MET K 21 2.44 -7.96 -20.35
C MET K 21 2.83 -7.05 -19.19
N PHE K 22 2.96 -5.74 -19.42
CA PHE K 22 3.37 -4.83 -18.36
C PHE K 22 2.21 -4.57 -17.40
N GLU K 23 1.01 -4.35 -17.95
CA GLU K 23 -0.16 -4.12 -17.10
C GLU K 23 -0.49 -5.34 -16.23
N ASP K 24 -0.33 -6.57 -16.75
CA ASP K 24 -0.67 -7.81 -16.04
C ASP K 24 0.21 -7.98 -14.80
N THR K 25 1.53 -7.91 -15.01
CA THR K 25 2.50 -8.08 -13.92
C THR K 25 3.35 -6.82 -13.75
N MET K 26 2.71 -5.69 -13.44
CA MET K 26 3.44 -4.46 -13.09
C MET K 26 4.30 -4.66 -11.83
N PRO K 27 3.78 -5.24 -10.73
CA PRO K 27 4.63 -5.76 -9.66
C PRO K 27 5.45 -6.97 -10.13
N VAL K 28 6.71 -7.01 -9.68
CA VAL K 28 7.59 -8.17 -9.81
C VAL K 28 7.37 -9.18 -8.67
N SER K 29 6.14 -9.65 -8.54
CA SER K 29 5.79 -10.70 -7.58
C SER K 29 6.07 -12.06 -8.19
N GLY K 30 7.05 -12.80 -7.65
CA GLY K 30 7.43 -14.10 -8.17
C GLY K 30 8.93 -14.28 -8.28
N ARG K 31 9.40 -14.85 -9.40
CA ARG K 31 10.83 -15.11 -9.63
C ARG K 31 11.64 -13.81 -9.56
N ASN K 32 12.86 -13.94 -9.02
CA ASN K 32 13.82 -12.84 -8.99
C ASN K 32 14.32 -12.46 -10.38
N ARG K 33 14.82 -11.22 -10.49
CA ARG K 33 15.35 -10.72 -11.76
C ARG K 33 16.65 -11.39 -12.19
N GLY K 34 17.53 -11.70 -11.23
CA GLY K 34 18.98 -11.86 -11.48
C GLY K 34 19.68 -10.51 -11.74
N GLY K 35 18.95 -9.40 -11.56
CA GLY K 35 19.42 -8.02 -11.68
C GLY K 35 20.55 -7.67 -10.71
N SER K 36 20.64 -8.40 -9.59
CA SER K 36 21.76 -8.34 -8.64
C SER K 36 23.05 -8.90 -9.27
N GLY K 37 22.98 -10.09 -9.86
CA GLY K 37 24.12 -10.75 -10.51
C GLY K 37 24.56 -10.05 -11.80
N VAL K 38 23.64 -9.54 -12.62
CA VAL K 38 24.01 -8.74 -13.81
C VAL K 38 24.52 -7.33 -13.47
N SER K 39 24.22 -6.80 -12.27
CA SER K 39 24.81 -5.55 -11.83
C SER K 39 26.31 -5.66 -11.71
N GLU K 40 26.82 -6.90 -11.51
CA GLU K 40 28.25 -7.15 -11.48
C GLU K 40 28.86 -6.60 -12.76
N ILE K 41 28.29 -6.99 -13.90
CA ILE K 41 28.75 -6.51 -15.19
C ILE K 41 27.61 -6.04 -16.03
N ARG K 42 27.52 -4.71 -16.07
CA ARG K 42 26.73 -4.05 -17.09
C ARG K 42 27.49 -4.16 -18.41
N ALA K 43 26.74 -4.59 -19.42
CA ALA K 43 27.23 -4.72 -20.77
C ALA K 43 26.22 -4.18 -21.79
N PRO K 44 26.66 -3.32 -22.70
CA PRO K 44 25.88 -2.96 -23.89
C PRO K 44 26.10 -3.94 -25.01
N TRP K 45 25.46 -3.62 -26.11
CA TRP K 45 25.65 -4.23 -27.40
C TRP K 45 25.38 -3.16 -28.47
N ASP K 46 26.37 -2.90 -29.32
CA ASP K 46 26.14 -2.21 -30.60
C ASP K 46 26.42 -3.16 -31.76
N ILE K 47 25.62 -2.94 -32.79
CA ILE K 47 25.73 -3.59 -34.09
C ILE K 47 26.28 -2.54 -35.05
N LYS K 48 27.47 -2.79 -35.58
CA LYS K 48 27.95 -2.07 -36.75
C LYS K 48 27.59 -2.86 -38.01
N GLU K 49 27.63 -2.20 -39.15
CA GLU K 49 27.32 -2.78 -40.45
C GLU K 49 28.25 -3.92 -40.83
N GLU K 50 29.55 -3.73 -40.60
CA GLU K 50 30.58 -4.72 -40.85
C GLU K 50 30.41 -5.91 -39.93
N GLU K 51 30.08 -5.63 -38.67
CA GLU K 51 30.02 -6.66 -37.68
C GLU K 51 28.99 -6.34 -36.57
N HIS K 52 28.44 -7.40 -35.96
CA HIS K 52 28.23 -7.42 -34.51
C HIS K 52 29.60 -7.70 -33.89
N GLU K 53 30.70 -7.13 -34.43
CA GLU K 53 32.01 -6.87 -33.80
C GLU K 53 31.60 -6.24 -32.54
N ILE K 54 31.25 -7.17 -31.61
CA ILE K 54 30.12 -6.93 -30.79
C ILE K 54 30.72 -5.82 -30.11
N LYS K 55 29.96 -4.79 -30.25
CA LYS K 55 30.26 -3.72 -29.48
C LYS K 55 29.61 -4.10 -28.14
N MET K 56 30.07 -5.18 -27.53
CA MET K 56 29.65 -5.67 -26.25
C MET K 56 30.89 -5.48 -25.43
N ARG K 57 30.82 -4.37 -24.71
CA ARG K 57 31.71 -4.21 -23.61
C ARG K 57 31.07 -4.78 -22.39
N PHE K 58 31.90 -5.16 -21.46
CA PHE K 58 31.45 -5.40 -20.12
C PHE K 58 32.45 -4.72 -19.19
N ASP K 59 31.97 -4.08 -18.13
CA ASP K 59 32.82 -3.53 -17.06
C ASP K 59 33.18 -4.57 -16.01
N MET K 60 34.31 -5.24 -16.14
CA MET K 60 34.87 -6.00 -15.01
C MET K 60 36.18 -5.41 -14.50
N PRO K 61 36.10 -4.37 -13.67
CA PRO K 61 37.28 -3.80 -13.06
C PRO K 61 37.95 -4.84 -12.16
N GLY K 62 39.27 -4.99 -12.31
CA GLY K 62 40.10 -5.80 -11.41
C GLY K 62 40.03 -7.29 -11.68
N LEU K 63 39.34 -7.65 -12.77
CA LEU K 63 39.17 -9.01 -13.19
C LEU K 63 40.37 -9.51 -13.96
N SER K 64 40.69 -10.78 -13.75
CA SER K 64 41.66 -11.50 -14.56
C SER K 64 40.98 -12.43 -15.56
N LYS K 65 41.62 -12.61 -16.70
CA LYS K 65 41.18 -13.45 -17.82
C LYS K 65 40.95 -14.92 -17.42
N GLU K 66 41.57 -15.41 -16.36
CA GLU K 66 41.24 -16.72 -15.78
C GLU K 66 39.82 -16.77 -15.21
N ASP K 67 39.39 -15.68 -14.57
CA ASP K 67 38.12 -15.53 -13.90
C ASP K 67 36.95 -15.32 -14.88
N VAL K 68 37.18 -14.68 -16.03
CA VAL K 68 36.14 -14.53 -17.07
C VAL K 68 36.24 -15.62 -18.10
N LYS K 69 35.11 -15.90 -18.73
CA LYS K 69 35.03 -16.78 -19.88
C LYS K 69 34.07 -16.16 -20.88
N ILE K 70 34.48 -16.24 -22.13
CA ILE K 70 33.62 -16.05 -23.29
C ILE K 70 33.45 -17.39 -23.97
N SER K 71 32.20 -17.83 -24.05
CA SER K 71 31.85 -19.05 -24.76
C SER K 71 30.76 -18.75 -25.77
N VAL K 72 30.65 -19.62 -26.76
CA VAL K 72 29.48 -19.71 -27.61
C VAL K 72 28.89 -21.09 -27.41
N GLU K 73 27.62 -21.18 -27.01
CA GLU K 73 26.86 -22.43 -26.95
C GLU K 73 25.53 -22.24 -27.66
N ASP K 74 25.08 -23.23 -28.43
CA ASP K 74 23.91 -23.09 -29.31
C ASP K 74 24.07 -21.95 -30.35
N ASN K 75 25.32 -21.60 -30.67
CA ASN K 75 25.73 -20.41 -31.43
C ASN K 75 25.37 -19.04 -30.79
N VAL K 76 24.97 -19.05 -29.52
CA VAL K 76 24.65 -17.89 -28.67
C VAL K 76 25.88 -17.49 -27.85
N LEU K 77 26.10 -16.18 -27.72
CA LEU K 77 27.16 -15.68 -26.85
C LEU K 77 26.85 -15.94 -25.37
N VAL K 78 27.91 -16.24 -24.62
CA VAL K 78 27.92 -16.35 -23.16
C VAL K 78 29.08 -15.57 -22.60
N ILE K 79 28.75 -14.75 -21.61
CA ILE K 79 29.69 -14.07 -20.73
C ILE K 79 29.48 -14.58 -19.33
N LYS K 80 30.54 -14.92 -18.62
CA LYS K 80 30.45 -15.37 -17.24
C LYS K 80 31.79 -15.20 -16.58
N GLY K 81 31.75 -15.13 -15.27
CA GLY K 81 32.93 -15.07 -14.46
C GLY K 81 32.56 -14.57 -13.08
N GLU K 82 33.59 -14.35 -12.28
CA GLU K 82 33.48 -13.78 -10.97
C GLU K 82 34.87 -13.33 -10.53
N GLN K 83 34.98 -12.13 -9.97
CA GLN K 83 36.24 -11.69 -9.38
C GLN K 83 36.66 -12.74 -8.35
N LYS K 84 37.97 -12.92 -8.21
CA LYS K 84 38.50 -13.76 -7.14
C LYS K 84 37.94 -13.33 -5.78
N LYS K 85 37.89 -14.31 -4.89
CA LYS K 85 37.69 -14.08 -3.46
C LYS K 85 38.77 -13.14 -2.91
N GLU K 86 38.55 -12.71 -1.67
CA GLU K 86 39.49 -11.96 -0.84
C GLU K 86 40.65 -12.84 -0.33
N ASP K 87 41.89 -12.39 -0.52
CA ASP K 87 43.09 -12.86 0.20
C ASP K 87 43.09 -12.39 1.69
N SER K 88 44.05 -12.78 2.54
CA SER K 88 44.00 -12.38 3.98
C SER K 88 44.08 -10.86 4.19
N ASP K 89 45.01 -10.22 3.49
CA ASP K 89 45.25 -8.79 3.50
C ASP K 89 44.91 -8.17 2.11
N ASP K 90 43.93 -8.74 1.40
CA ASP K 90 43.58 -8.19 0.15
C ASP K 90 43.23 -6.74 0.26
N SER K 91 43.79 -5.93 -0.62
CA SER K 91 43.19 -4.61 -0.77
C SER K 91 41.97 -4.96 -1.55
N TRP K 92 40.77 -4.79 -0.95
CA TRP K 92 39.54 -5.04 -1.69
C TRP K 92 39.75 -4.43 -3.01
N SER K 93 40.06 -3.11 -2.95
CA SER K 93 39.82 -2.30 -4.09
C SER K 93 38.49 -2.91 -4.66
N GLY K 94 37.42 -3.00 -3.82
CA GLY K 94 36.04 -3.03 -4.29
C GLY K 94 34.89 -3.23 -3.35
N ARG K 95 33.74 -3.05 -4.00
CA ARG K 95 32.50 -3.59 -3.48
C ARG K 95 32.43 -5.02 -3.97
N SER K 96 31.47 -5.75 -3.43
CA SER K 96 31.28 -7.15 -3.72
C SER K 96 30.99 -7.35 -5.20
N VAL K 97 31.92 -8.04 -5.85
CA VAL K 97 31.80 -8.64 -7.16
C VAL K 97 31.56 -10.14 -6.94
N SER K 98 30.68 -10.77 -7.73
CA SER K 98 30.53 -12.23 -7.68
C SER K 98 29.78 -12.77 -8.88
N SER K 99 29.87 -14.10 -9.05
CA SER K 99 28.97 -14.97 -9.80
C SER K 99 27.98 -14.23 -10.70
N TYR K 100 28.31 -14.20 -11.99
CA TYR K 100 27.31 -13.86 -12.99
C TYR K 100 27.55 -14.60 -14.30
N GLY K 101 26.45 -14.75 -15.02
CA GLY K 101 26.44 -15.29 -16.36
C GLY K 101 25.34 -14.58 -17.16
N THR K 102 25.71 -14.01 -18.29
CA THR K 102 24.80 -13.37 -19.24
C THR K 102 24.96 -14.00 -20.61
N ARG K 103 23.84 -14.05 -21.32
CA ARG K 103 23.77 -14.66 -22.64
C ARG K 103 23.03 -13.74 -23.57
N LEU K 104 23.53 -13.57 -24.79
CA LEU K 104 22.91 -12.75 -25.83
C LEU K 104 22.70 -13.60 -27.08
N GLN K 105 21.46 -13.65 -27.55
CA GLN K 105 21.16 -14.31 -28.81
C GLN K 105 21.64 -13.43 -29.95
N LEU K 106 22.60 -13.96 -30.70
CA LEU K 106 23.00 -13.34 -31.95
C LEU K 106 21.92 -13.55 -33.01
N PRO K 107 21.71 -12.57 -33.90
CA PRO K 107 20.82 -12.72 -35.03
C PRO K 107 21.22 -13.81 -36.04
N ASP K 108 22.51 -14.13 -36.15
CA ASP K 108 23.01 -15.24 -36.97
C ASP K 108 23.99 -16.11 -36.17
N ASN K 109 24.16 -17.37 -36.57
CA ASN K 109 25.22 -18.21 -36.03
C ASN K 109 26.58 -17.58 -36.30
N CYS K 110 27.41 -17.45 -35.27
CA CYS K 110 28.75 -16.90 -35.44
C CYS K 110 29.76 -17.97 -35.82
N GLU K 111 30.73 -17.60 -36.66
CA GLU K 111 31.97 -18.35 -36.76
C GLU K 111 32.81 -18.17 -35.48
N LYS K 112 32.94 -19.21 -34.65
CA LYS K 112 33.69 -19.16 -33.38
C LYS K 112 35.16 -18.73 -33.56
N ASP K 113 35.80 -19.06 -34.67
CA ASP K 113 37.18 -18.62 -34.95
C ASP K 113 37.27 -17.10 -35.17
N LYS K 114 36.24 -16.52 -35.80
CA LYS K 114 36.19 -15.09 -36.13
C LYS K 114 35.99 -14.19 -34.93
N ILE K 115 35.35 -14.67 -33.86
CA ILE K 115 35.13 -13.84 -32.68
C ILE K 115 36.46 -13.54 -31.96
N LYS K 116 36.75 -12.28 -31.63
CA LYS K 116 37.92 -11.91 -30.76
C LYS K 116 37.38 -11.42 -29.44
N ALA K 117 38.01 -11.78 -28.33
CA ALA K 117 37.73 -11.11 -27.07
C ALA K 117 39.03 -10.54 -26.54
N GLU K 118 38.98 -9.32 -26.05
CA GLU K 118 40.09 -8.72 -25.33
C GLU K 118 39.63 -8.19 -23.98
N LEU K 119 40.52 -8.26 -22.98
CA LEU K 119 40.31 -7.57 -21.71
C LEU K 119 41.43 -6.53 -21.54
N LYS K 120 41.05 -5.26 -21.40
CA LYS K 120 41.97 -4.18 -21.05
C LYS K 120 41.26 -3.11 -20.23
N ASN K 121 41.99 -2.48 -19.29
CA ASN K 121 41.46 -1.38 -18.48
C ASN K 121 40.21 -1.74 -17.64
N GLY K 122 40.05 -3.02 -17.29
CA GLY K 122 38.85 -3.53 -16.62
C GLY K 122 37.66 -3.75 -17.56
N VAL K 123 37.89 -3.74 -18.87
CA VAL K 123 36.83 -3.81 -19.86
C VAL K 123 37.04 -4.97 -20.78
N LEU K 124 36.10 -5.91 -20.76
CA LEU K 124 36.07 -6.85 -21.87
C LEU K 124 35.46 -6.15 -23.06
N PHE K 125 36.01 -6.45 -24.23
CA PHE K 125 35.36 -6.32 -25.51
C PHE K 125 35.22 -7.70 -26.16
N ILE K 126 34.12 -7.97 -26.84
CA ILE K 126 33.97 -9.18 -27.68
C ILE K 126 33.56 -8.79 -29.11
N THR K 127 34.30 -9.16 -30.15
CA THR K 127 33.96 -8.84 -31.54
C THR K 127 33.28 -10.02 -32.25
N ILE K 128 32.02 -9.96 -32.75
CA ILE K 128 31.45 -10.96 -33.68
C ILE K 128 31.32 -10.43 -35.11
N PRO K 129 32.22 -10.92 -35.97
CA PRO K 129 32.04 -10.74 -37.39
C PRO K 129 30.79 -11.43 -37.96
N LYS K 130 30.03 -10.65 -38.74
CA LYS K 130 28.84 -11.12 -39.48
C LYS K 130 29.08 -11.12 -40.98
N THR K 131 28.20 -11.84 -41.64
CA THR K 131 28.22 -11.99 -43.09
C THR K 131 27.75 -10.70 -43.77
N LYS K 132 28.23 -10.52 -44.99
CA LYS K 132 27.88 -9.35 -45.80
C LYS K 132 26.52 -9.62 -46.40
N VAL K 133 25.67 -8.61 -46.31
CA VAL K 133 24.33 -8.63 -46.87
C VAL K 133 24.09 -7.24 -47.43
N GLU K 134 23.28 -7.15 -48.49
CA GLU K 134 22.78 -5.86 -48.97
C GLU K 134 21.94 -5.15 -47.90
N ARG K 135 21.41 -5.94 -46.96
CA ARG K 135 20.24 -5.64 -46.15
C ARG K 135 19.04 -5.49 -47.08
N LYS K 136 17.89 -5.84 -46.54
CA LYS K 136 16.65 -5.70 -47.27
C LYS K 136 16.47 -4.22 -47.46
N VAL K 137 16.55 -3.80 -48.71
CA VAL K 137 16.34 -2.41 -49.03
C VAL K 137 14.93 -2.04 -48.61
N ILE K 138 14.84 -0.82 -48.10
CA ILE K 138 13.61 -0.26 -47.62
C ILE K 138 12.97 0.57 -48.74
N ASP K 139 11.80 0.14 -49.21
CA ASP K 139 11.03 0.90 -50.19
C ASP K 139 10.35 2.08 -49.52
N VAL K 140 10.19 3.18 -50.27
CA VAL K 140 9.55 4.40 -49.78
C VAL K 140 8.16 4.51 -50.39
N GLN K 141 7.21 5.04 -49.63
CA GLN K 141 5.88 5.40 -50.11
C GLN K 141 5.77 6.94 -50.23
N ILE K 142 4.88 7.44 -51.10
CA ILE K 142 4.55 8.89 -51.21
C ILE K 142 3.13 9.23 -50.69
N GLN K 143 2.90 10.43 -50.07
CA GLN K 143 1.58 10.98 -49.62
C GLN K 143 0.66 11.63 -50.68
N ARG L 1 30.05 5.71 -7.14
CA ARG L 1 29.73 4.91 -5.93
C ARG L 1 30.99 4.82 -5.12
N ALA L 2 30.87 4.85 -3.80
CA ALA L 2 32.05 4.90 -2.99
C ALA L 2 31.85 4.16 -1.64
N PRO L 3 32.54 3.04 -1.34
CA PRO L 3 32.53 2.37 -0.02
C PRO L 3 33.47 2.97 1.00
N TRP L 4 33.02 2.99 2.26
CA TRP L 4 33.82 3.30 3.44
C TRP L 4 34.28 2.02 4.09
N ASP L 5 35.60 1.86 4.22
CA ASP L 5 36.23 0.79 4.95
C ASP L 5 37.13 1.26 6.03
N ILE L 6 37.42 0.35 6.93
CA ILE L 6 38.39 0.50 8.04
C ILE L 6 39.45 -0.59 7.89
N LYS L 7 40.71 -0.20 7.97
CA LYS L 7 41.82 -1.08 8.34
C LYS L 7 42.38 -0.70 9.71
N GLU L 8 43.18 -1.57 10.31
CA GLU L 8 43.95 -1.19 11.48
C GLU L 8 44.86 0.01 11.25
N GLU L 9 45.62 0.01 10.15
CA GLU L 9 46.56 1.09 9.84
C GLU L 9 45.78 2.36 9.55
N GLU L 10 44.67 2.20 8.84
CA GLU L 10 44.06 3.34 8.23
C GLU L 10 42.63 3.16 7.77
N HIS L 11 41.96 4.28 7.80
CA HIS L 11 40.65 4.45 7.23
C HIS L 11 40.69 5.84 6.69
N GLU L 12 40.46 6.69 7.67
CA GLU L 12 39.37 7.62 7.51
C GLU L 12 38.33 7.15 6.46
N ILE L 13 38.58 7.61 5.26
CA ILE L 13 38.18 7.04 4.02
C ILE L 13 39.27 6.09 3.58
N LYS L 14 39.15 4.84 4.02
CA LYS L 14 39.67 3.75 3.22
C LYS L 14 38.68 3.55 2.09
N MET L 15 38.66 4.50 1.17
CA MET L 15 37.58 4.59 0.20
C MET L 15 37.99 3.95 -1.09
N ARG L 16 37.00 3.40 -1.76
CA ARG L 16 37.00 3.38 -3.21
C ARG L 16 36.13 4.39 -3.86
N PHE L 17 36.36 4.47 -5.16
CA PHE L 17 35.36 4.91 -6.11
C PHE L 17 35.30 3.95 -7.27
N ASP L 18 34.11 3.77 -7.83
CA ASP L 18 33.93 3.26 -9.18
C ASP L 18 33.98 4.45 -10.17
N MET L 19 35.18 4.67 -10.72
CA MET L 19 35.63 5.66 -11.73
C MET L 19 35.76 5.14 -13.20
N PRO L 20 35.08 4.09 -13.67
CA PRO L 20 35.41 3.47 -14.96
C PRO L 20 35.32 4.47 -16.13
N GLY L 21 36.31 4.40 -17.02
CA GLY L 21 36.48 5.34 -18.13
C GLY L 21 37.15 6.66 -17.74
N LEU L 22 37.66 6.80 -16.52
CA LEU L 22 38.48 7.95 -16.13
C LEU L 22 39.96 7.71 -16.24
N SER L 23 40.57 8.74 -16.81
CA SER L 23 41.99 9.01 -16.69
C SER L 23 42.32 9.69 -15.34
N LYS L 24 43.47 9.36 -14.72
CA LYS L 24 44.07 9.94 -13.50
C LYS L 24 44.23 11.46 -13.72
N GLU L 25 44.47 11.99 -14.95
CA GLU L 25 44.41 13.45 -15.24
C GLU L 25 43.07 14.06 -14.86
N ASP L 26 41.99 13.37 -15.23
CA ASP L 26 40.62 13.84 -15.05
C ASP L 26 40.21 13.81 -13.56
N VAL L 27 40.95 13.08 -12.72
CA VAL L 27 40.67 12.94 -11.29
C VAL L 27 41.53 13.90 -10.47
N LYS L 28 40.90 14.41 -9.42
CA LYS L 28 41.55 15.14 -8.35
C LYS L 28 41.18 14.53 -7.02
N ILE L 29 42.21 14.23 -6.23
CA ILE L 29 42.10 14.01 -4.80
C ILE L 29 42.63 15.21 -4.06
N SER L 30 41.95 15.57 -3.00
CA SER L 30 42.36 16.70 -2.19
C SER L 30 41.80 16.61 -0.81
N VAL L 31 42.38 17.35 0.12
CA VAL L 31 41.74 17.63 1.39
C VAL L 31 41.43 19.12 1.35
N GLU L 32 40.19 19.62 1.35
CA GLU L 32 39.90 21.07 1.51
C GLU L 32 39.02 21.29 2.74
N ASP L 33 39.24 22.35 3.53
CA ASP L 33 38.57 22.50 4.84
C ASP L 33 38.82 21.31 5.80
N ASN L 34 39.99 20.66 5.63
CA ASN L 34 40.35 19.35 6.22
C ASN L 34 39.44 18.15 5.90
N VAL L 35 38.54 18.28 4.93
CA VAL L 35 37.67 17.25 4.40
C VAL L 35 38.31 16.68 3.15
N LEU L 36 38.28 15.35 2.98
CA LEU L 36 38.67 14.75 1.70
C LEU L 36 37.70 15.20 0.63
N VAL L 37 38.22 15.40 -0.55
CA VAL L 37 37.51 15.67 -1.77
C VAL L 37 38.03 14.76 -2.88
N ILE L 38 37.14 14.05 -3.57
CA ILE L 38 37.45 13.40 -4.85
C ILE L 38 36.57 13.99 -5.91
N LYS L 39 37.14 14.57 -6.95
CA LYS L 39 36.35 15.12 -8.04
C LYS L 39 36.98 14.73 -9.35
N GLY L 40 36.25 15.02 -10.40
CA GLY L 40 36.72 14.92 -11.76
C GLY L 40 35.56 15.00 -12.71
N GLU L 41 35.85 14.72 -13.96
CA GLU L 41 34.88 14.68 -15.03
C GLU L 41 35.10 13.44 -15.86
N GLN L 42 34.01 12.82 -16.32
CA GLN L 42 34.14 11.83 -17.38
C GLN L 42 34.21 12.50 -18.76
N LYS L 43 35.10 11.97 -19.60
CA LYS L 43 35.25 12.38 -21.00
C LYS L 43 34.57 11.35 -21.92
N LYS L 44 34.90 11.41 -23.21
CA LYS L 44 34.53 10.43 -24.23
C LYS L 44 35.75 9.53 -24.51
N GLU L 45 35.50 8.42 -25.19
CA GLU L 45 36.50 7.45 -25.66
C GLU L 45 36.18 7.04 -27.10
N ASP L 46 36.84 5.97 -27.56
CA ASP L 46 36.62 5.32 -28.84
C ASP L 46 35.14 4.98 -29.05
N SER L 47 34.67 5.18 -30.27
CA SER L 47 33.31 4.77 -30.69
C SER L 47 33.20 3.24 -30.82
N ASP L 48 34.34 2.56 -30.99
CA ASP L 48 34.47 1.11 -30.84
C ASP L 48 34.06 0.68 -29.41
N ASP L 49 34.14 1.55 -28.41
CA ASP L 49 33.89 1.21 -27.01
C ASP L 49 32.49 1.48 -26.41
N SER L 50 32.03 0.57 -25.53
CA SER L 50 30.62 0.40 -25.10
C SER L 50 30.61 0.66 -23.65
N TRP L 51 29.51 1.21 -23.18
CA TRP L 51 29.25 1.27 -21.78
C TRP L 51 27.77 1.21 -21.45
N SER L 52 27.42 0.28 -20.55
CA SER L 52 26.05 0.20 -20.03
C SER L 52 26.18 0.60 -18.59
N GLY L 53 25.24 1.43 -18.16
CA GLY L 53 25.37 2.03 -16.85
C GLY L 53 24.98 3.49 -16.93
N ARG L 54 25.44 4.23 -15.93
CA ARG L 54 25.22 5.67 -15.90
C ARG L 54 26.00 6.38 -16.99
N SER L 55 25.53 7.59 -17.29
CA SER L 55 26.15 8.48 -18.26
C SER L 55 27.38 9.18 -17.66
N VAL L 56 27.90 10.10 -18.44
CA VAL L 56 29.04 10.97 -18.17
C VAL L 56 28.56 12.29 -17.57
N SER L 57 29.34 12.82 -16.63
CA SER L 57 29.27 14.21 -16.16
C SER L 57 30.50 14.50 -15.28
N SER L 58 30.57 15.70 -14.71
CA SER L 58 31.38 15.89 -13.51
C SER L 58 30.79 15.16 -12.31
N TYR L 59 31.64 14.98 -11.32
CA TYR L 59 31.37 14.20 -10.16
C TYR L 59 32.26 14.79 -9.03
N GLY L 60 31.84 14.79 -7.75
CA GLY L 60 32.69 15.42 -6.73
C GLY L 60 32.38 15.24 -5.22
N THR L 61 33.10 14.32 -4.52
CA THR L 61 32.81 13.63 -3.21
C THR L 61 33.56 14.22 -2.06
N ARG L 62 32.93 14.30 -0.90
CA ARG L 62 33.40 15.05 0.25
C ARG L 62 33.30 14.31 1.57
N LEU L 63 34.41 14.04 2.22
CA LEU L 63 34.42 13.11 3.33
C LEU L 63 35.02 13.73 4.56
N GLN L 64 34.33 13.56 5.69
CA GLN L 64 34.82 14.13 6.91
C GLN L 64 35.92 13.27 7.52
N LEU L 65 37.13 13.81 7.41
CA LEU L 65 38.29 13.24 8.08
C LEU L 65 38.20 13.40 9.60
N PRO L 66 38.74 12.46 10.39
CA PRO L 66 39.05 12.71 11.78
C PRO L 66 39.97 13.92 11.86
N ASP L 67 39.80 14.71 12.91
CA ASP L 67 40.61 15.93 13.06
C ASP L 67 42.12 15.60 13.19
N ASN L 68 42.38 14.45 13.83
CA ASN L 68 43.67 13.79 13.98
C ASN L 68 43.87 12.64 12.98
N CYS L 69 43.71 12.94 11.69
CA CYS L 69 44.15 12.07 10.62
C CYS L 69 45.45 12.60 10.04
N GLU L 70 46.25 11.70 9.47
CA GLU L 70 47.41 12.15 8.73
C GLU L 70 47.00 12.62 7.33
N LYS L 71 46.63 13.90 7.22
CA LYS L 71 46.34 14.54 5.92
C LYS L 71 47.54 14.45 4.99
N ASP L 72 48.75 14.57 5.53
CA ASP L 72 50.01 14.56 4.78
C ASP L 72 50.27 13.20 4.10
N LYS L 73 49.93 12.11 4.79
CA LYS L 73 50.22 10.73 4.34
C LYS L 73 49.09 10.13 3.52
N ILE L 74 48.00 10.86 3.26
CA ILE L 74 47.01 10.41 2.30
C ILE L 74 47.70 9.94 1.01
N LYS L 75 47.26 8.79 0.51
CA LYS L 75 47.64 8.29 -0.79
C LYS L 75 46.40 7.97 -1.60
N ALA L 76 46.51 8.08 -2.92
CA ALA L 76 45.48 7.64 -3.84
C ALA L 76 46.10 6.86 -4.99
N GLU L 77 45.48 5.73 -5.29
CA GLU L 77 45.84 4.89 -6.42
C GLU L 77 44.62 4.74 -7.32
N LEU L 78 44.83 4.71 -8.65
CA LEU L 78 43.79 4.35 -9.61
C LEU L 78 44.27 3.16 -10.44
N LYS L 79 43.49 2.08 -10.43
CA LYS L 79 43.68 0.93 -11.33
C LYS L 79 42.35 0.39 -11.81
N ASN L 80 42.26 -0.01 -13.09
CA ASN L 80 41.09 -0.68 -13.66
C ASN L 80 39.74 -0.04 -13.28
N GLY L 81 39.59 1.27 -13.44
CA GLY L 81 38.31 1.94 -13.23
C GLY L 81 37.97 2.20 -11.77
N VAL L 82 38.88 1.93 -10.84
CA VAL L 82 38.67 2.31 -9.45
C VAL L 82 39.74 3.22 -8.94
N LEU L 83 39.30 4.12 -8.08
CA LEU L 83 40.20 4.84 -7.22
C LEU L 83 40.19 4.20 -5.85
N PHE L 84 41.33 4.18 -5.19
CA PHE L 84 41.47 3.85 -3.79
C PHE L 84 42.19 4.99 -3.10
N ILE L 85 41.58 5.53 -2.07
CA ILE L 85 42.19 6.50 -1.18
C ILE L 85 42.43 5.80 0.15
N THR L 86 43.58 6.11 0.71
CA THR L 86 43.99 5.64 2.02
C THR L 86 44.30 6.84 2.92
N ILE L 87 43.62 7.03 4.06
CA ILE L 87 44.08 7.99 5.10
C ILE L 87 44.62 7.26 6.32
N PRO L 88 45.93 7.35 6.52
CA PRO L 88 46.57 6.85 7.73
C PRO L 88 45.98 7.42 9.01
N LYS L 89 45.67 6.53 9.95
CA LYS L 89 45.27 6.93 11.29
C LYS L 89 46.50 7.42 12.05
N THR L 90 46.25 8.29 13.02
CA THR L 90 47.32 8.75 13.93
C THR L 90 47.93 7.60 14.76
N LYS L 91 47.10 6.61 15.10
CA LYS L 91 47.49 5.36 15.75
C LYS L 91 46.81 4.23 14.99
N VAL L 92 47.59 3.25 14.57
CA VAL L 92 47.03 1.96 14.13
C VAL L 92 46.32 1.33 15.31
N GLU L 93 45.02 1.13 15.16
CA GLU L 93 44.21 0.37 16.09
C GLU L 93 43.23 -0.44 15.26
N ARG L 94 43.49 -1.74 15.12
CA ARG L 94 42.49 -2.63 14.53
C ARG L 94 41.27 -2.61 15.44
N LYS L 95 40.07 -2.60 14.87
CA LYS L 95 38.90 -3.13 15.59
C LYS L 95 39.23 -4.56 15.98
N VAL L 96 39.17 -4.92 17.26
CA VAL L 96 39.29 -6.33 17.59
C VAL L 96 37.98 -7.03 17.22
N ILE L 97 38.12 -8.21 16.64
CA ILE L 97 36.99 -9.09 16.39
C ILE L 97 37.32 -10.45 17.02
N ASP L 98 36.55 -10.86 18.01
CA ASP L 98 36.68 -12.19 18.60
C ASP L 98 35.69 -13.12 17.89
N VAL L 99 36.17 -13.71 16.79
CA VAL L 99 35.45 -14.78 16.09
C VAL L 99 36.18 -16.08 16.35
N GLN L 100 35.41 -17.15 16.55
CA GLN L 100 35.96 -18.49 16.68
C GLN L 100 36.61 -18.92 15.36
N ILE L 101 37.93 -18.80 15.31
CA ILE L 101 38.79 -19.31 14.24
C ILE L 101 40.03 -19.88 14.94
N GLN L 102 40.48 -21.03 14.44
CA GLN L 102 41.78 -21.59 14.80
C GLN L 102 42.90 -20.97 13.95
#